data_7DLV
#
_entry.id   7DLV
#
_cell.length_a   74.702
_cell.length_b   135.884
_cell.length_c   135.627
_cell.angle_alpha   90.000
_cell.angle_beta   105.790
_cell.angle_gamma   90.000
#
_symmetry.space_group_name_H-M   'P 1 21 1'
#
loop_
_entity.id
_entity.type
_entity.pdbx_description
1 polymer 'shrimp dUTPase'
2 polymer Orf20
3 non-polymer 'SULFATE ION'
4 non-polymer 'CALCIUM ION'
#
loop_
_entity_poly.entity_id
_entity_poly.type
_entity_poly.pdbx_seq_one_letter_code
_entity_poly.pdbx_strand_id
1 'polypeptide(L)'
;SNAPGELKSVLRFKKLTEHAFTPSKGSKFAAGFDLCSAYDLVIPAVGKALVKTDIQVELPEGCYGRIAPRSGLSWKHHID
VGAGVIDRDYRGNVGVVLFNHAKTDYEVKKGDRVAQLICEKIIYPEIQEVEELMETERGEGGFGSTGNQ
;
A,B,C,G,H,I
2 'polypeptide(L)'
;GAMEGAGQMAELPTHYGTIIKTLRKYMKLTQSKLSERTGFSQNTISNHENGNRNIGVNEIEIYGKGLGIPSYILHRISDE
FKEKGYSPTLNDFGKFDKMYSYVNKAYYNDGDIYYSSYDLYDETIKLLELLKESKINVNDIDYDYVLKLYKQILSTD
;
D,E,F,J,K,L
#
loop_
_chem_comp.id
_chem_comp.type
_chem_comp.name
_chem_comp.formula
CA non-polymer 'CALCIUM ION' 'Ca 2'
SO4 non-polymer 'SULFATE ION' 'O4 S -2'
#
# COMPACT_ATOMS: atom_id res chain seq x y z
N LYS A 8 -6.69 -2.14 19.85
CA LYS A 8 -7.65 -1.13 19.43
C LYS A 8 -6.98 0.05 18.72
N SER A 9 -7.82 0.99 18.32
CA SER A 9 -7.38 2.27 17.78
C SER A 9 -7.43 3.31 18.89
N VAL A 10 -6.43 4.16 18.96
CA VAL A 10 -6.30 5.11 20.06
C VAL A 10 -6.23 6.52 19.49
N LEU A 11 -7.04 7.42 20.05
CA LEU A 11 -6.99 8.84 19.77
C LEU A 11 -6.36 9.51 20.99
N ARG A 12 -5.15 10.01 20.83
CA ARG A 12 -4.39 10.61 21.92
C ARG A 12 -4.57 12.12 21.88
N PHE A 13 -4.66 12.72 23.07
CA PHE A 13 -4.80 14.16 23.20
C PHE A 13 -3.97 14.65 24.37
N LYS A 14 -3.67 15.95 24.35
CA LYS A 14 -2.92 16.59 25.41
C LYS A 14 -3.53 17.95 25.69
N LYS A 15 -3.76 18.27 26.96
CA LYS A 15 -4.29 19.56 27.36
C LYS A 15 -3.19 20.61 27.29
N LEU A 16 -3.44 21.68 26.52
CA LEU A 16 -2.47 22.77 26.43
C LEU A 16 -2.61 23.75 27.59
N THR A 17 -3.79 23.85 28.19
CA THR A 17 -4.02 24.73 29.33
C THR A 17 -4.87 24.01 30.36
N GLU A 18 -5.09 24.68 31.50
CA GLU A 18 -5.99 24.16 32.52
C GLU A 18 -7.44 24.15 32.06
N HIS A 19 -7.80 25.00 31.10
CA HIS A 19 -9.20 25.15 30.71
C HIS A 19 -9.66 24.09 29.72
N ALA A 20 -8.75 23.26 29.21
CA ALA A 20 -9.13 22.25 28.24
C ALA A 20 -9.94 21.15 28.92
N PHE A 21 -10.89 20.60 28.16
CA PHE A 21 -11.76 19.54 28.64
C PHE A 21 -11.42 18.23 27.93
N THR A 22 -11.63 17.13 28.65
CA THR A 22 -11.41 15.81 28.07
C THR A 22 -12.54 15.49 27.10
N PRO A 23 -12.25 15.24 25.83
CA PRO A 23 -13.31 14.86 24.89
C PRO A 23 -13.99 13.56 25.31
N SER A 24 -15.30 13.50 25.12
CA SER A 24 -16.09 12.40 25.65
C SER A 24 -17.21 12.02 24.69
N LYS A 25 -17.66 10.78 24.83
CA LYS A 25 -18.86 10.27 24.17
C LYS A 25 -19.85 9.83 25.23
N GLY A 26 -21.13 9.81 24.86
CA GLY A 26 -22.15 9.29 25.74
C GLY A 26 -22.28 7.77 25.70
N SER A 27 -22.08 7.18 24.53
CA SER A 27 -22.16 5.73 24.37
C SER A 27 -21.01 5.27 23.48
N LYS A 28 -20.81 3.95 23.44
CA LYS A 28 -19.72 3.39 22.65
C LYS A 28 -19.89 3.68 21.16
N PHE A 29 -21.13 3.78 20.68
CA PHE A 29 -21.42 3.92 19.28
C PHE A 29 -21.62 5.38 18.86
N ALA A 30 -21.12 6.33 19.64
CA ALA A 30 -21.15 7.72 19.22
C ALA A 30 -20.19 7.93 18.05
N ALA A 31 -20.60 8.77 17.10
CA ALA A 31 -19.80 8.97 15.90
C ALA A 31 -18.48 9.68 16.22
N GLY A 32 -18.51 10.68 17.10
CA GLY A 32 -17.34 11.46 17.41
C GLY A 32 -17.30 11.86 18.87
N PHE A 33 -16.10 12.31 19.28
CA PHE A 33 -15.89 12.80 20.63
C PHE A 33 -16.30 14.27 20.72
N ASP A 34 -17.09 14.61 21.73
CA ASP A 34 -17.55 15.98 21.90
C ASP A 34 -16.38 16.91 22.24
N LEU A 35 -16.32 18.05 21.56
CA LEU A 35 -15.30 19.05 21.80
C LEU A 35 -15.91 20.21 22.58
N CYS A 36 -15.29 20.54 23.70
CA CYS A 36 -15.80 21.57 24.60
C CYS A 36 -15.01 22.86 24.45
N SER A 37 -15.71 23.99 24.51
CA SER A 37 -15.05 25.29 24.46
C SER A 37 -14.26 25.52 25.74
N ALA A 38 -13.02 25.96 25.59
CA ALA A 38 -12.15 26.24 26.73
C ALA A 38 -12.33 27.66 27.26
N TYR A 39 -13.14 28.49 26.60
CA TYR A 39 -13.29 29.87 27.01
C TYR A 39 -14.72 30.33 26.77
N ASP A 40 -15.07 31.45 27.39
CA ASP A 40 -16.33 32.13 27.13
C ASP A 40 -16.12 33.08 25.96
N LEU A 41 -17.06 33.08 25.02
CA LEU A 41 -16.95 33.94 23.85
C LEU A 41 -18.35 34.17 23.29
N VAL A 42 -18.45 35.19 22.43
CA VAL A 42 -19.70 35.57 21.79
C VAL A 42 -19.51 35.47 20.29
N ILE A 43 -20.39 34.74 19.62
CA ILE A 43 -20.40 34.65 18.17
C ILE A 43 -21.37 35.73 17.65
N PRO A 44 -20.88 36.77 16.99
CA PRO A 44 -21.77 37.86 16.59
C PRO A 44 -22.78 37.39 15.54
N ALA A 45 -23.91 38.11 15.49
CA ALA A 45 -24.91 37.84 14.47
C ALA A 45 -24.30 37.97 13.08
N VAL A 46 -24.82 37.15 12.16
CA VAL A 46 -24.29 36.93 10.81
C VAL A 46 -22.77 37.02 10.80
N GLY A 47 -22.14 36.42 11.80
CA GLY A 47 -20.70 36.49 11.96
C GLY A 47 -20.05 35.13 12.17
N LYS A 48 -18.83 35.14 12.70
CA LYS A 48 -18.06 33.91 12.85
C LYS A 48 -17.20 34.00 14.10
N ALA A 49 -16.68 32.86 14.52
CA ALA A 49 -15.79 32.79 15.67
C ALA A 49 -15.00 31.49 15.60
N LEU A 50 -13.76 31.55 16.06
CA LEU A 50 -12.87 30.40 16.12
C LEU A 50 -12.76 29.97 17.58
N VAL A 51 -13.42 28.88 17.93
CA VAL A 51 -13.45 28.41 19.31
C VAL A 51 -12.26 27.50 19.53
N LYS A 52 -11.40 27.86 20.48
CA LYS A 52 -10.22 27.08 20.79
C LYS A 52 -10.54 26.08 21.89
N THR A 53 -10.18 24.82 21.66
CA THR A 53 -10.39 23.75 22.63
C THR A 53 -9.20 23.56 23.56
N ASP A 54 -8.05 24.16 23.25
CA ASP A 54 -6.84 24.04 24.06
C ASP A 54 -6.36 22.60 24.17
N ILE A 55 -6.58 21.81 23.13
CA ILE A 55 -6.09 20.44 23.06
C ILE A 55 -5.36 20.24 21.74
N GLN A 56 -4.43 19.30 21.73
CA GLN A 56 -3.80 18.80 20.52
C GLN A 56 -4.09 17.32 20.41
N VAL A 57 -4.21 16.82 19.19
CA VAL A 57 -4.64 15.44 18.96
C VAL A 57 -3.67 14.73 18.05
N GLU A 58 -3.55 13.42 18.25
CA GLU A 58 -2.85 12.51 17.35
C GLU A 58 -3.84 11.43 16.92
N LEU A 59 -4.19 11.43 15.64
CA LEU A 59 -5.24 10.54 15.17
C LEU A 59 -4.70 9.14 14.86
N PRO A 60 -5.53 8.12 15.02
CA PRO A 60 -5.13 6.77 14.60
C PRO A 60 -4.94 6.70 13.09
N GLU A 61 -4.29 5.63 12.66
CA GLU A 61 -3.89 5.49 11.27
C GLU A 61 -5.11 5.27 10.37
N GLY A 62 -4.97 5.72 9.11
CA GLY A 62 -5.99 5.49 8.11
C GLY A 62 -7.17 6.43 8.15
N CYS A 63 -7.00 7.64 8.68
CA CYS A 63 -8.13 8.56 8.81
C CYS A 63 -7.62 9.98 8.98
N TYR A 64 -8.55 10.91 8.98
CA TYR A 64 -8.30 12.30 9.33
C TYR A 64 -9.36 12.74 10.34
N GLY A 65 -9.18 13.94 10.88
CA GLY A 65 -10.11 14.46 11.85
C GLY A 65 -11.07 15.47 11.26
N ARG A 66 -12.36 15.13 11.25
CA ARG A 66 -13.40 16.04 10.77
C ARG A 66 -14.09 16.67 11.97
N ILE A 67 -14.03 17.99 12.07
CA ILE A 67 -14.77 18.72 13.09
C ILE A 67 -16.21 18.81 12.62
N ALA A 68 -17.08 17.98 13.19
CA ALA A 68 -18.46 17.90 12.75
C ALA A 68 -19.38 18.64 13.72
N PRO A 69 -20.51 19.15 13.23
CA PRO A 69 -21.40 19.93 14.09
C PRO A 69 -22.20 19.02 15.03
N ARG A 70 -22.73 19.65 16.08
CA ARG A 70 -23.66 19.00 16.98
C ARG A 70 -25.08 19.35 16.54
N SER A 71 -25.97 18.36 16.64
CA SER A 71 -27.30 18.51 16.02
C SER A 71 -28.12 19.59 16.72
N GLY A 72 -28.11 19.60 18.05
CA GLY A 72 -28.93 20.56 18.77
C GLY A 72 -28.50 22.00 18.53
N LEU A 73 -27.19 22.25 18.56
CA LEU A 73 -26.68 23.61 18.40
C LEU A 73 -26.91 24.13 16.98
N SER A 74 -26.84 23.25 15.99
CA SER A 74 -27.04 23.68 14.61
C SER A 74 -28.50 24.07 14.37
N TRP A 75 -29.43 23.22 14.80
CA TRP A 75 -30.84 23.47 14.53
C TRP A 75 -31.39 24.58 15.42
N LYS A 76 -31.10 24.53 16.72
CA LYS A 76 -31.71 25.48 17.64
C LYS A 76 -31.10 26.86 17.56
N HIS A 77 -29.87 27.00 17.09
CA HIS A 77 -29.19 28.29 17.10
C HIS A 77 -28.64 28.72 15.74
N HIS A 78 -28.97 28.00 14.67
CA HIS A 78 -28.67 28.44 13.31
C HIS A 78 -27.15 28.61 13.11
N ILE A 79 -26.38 27.66 13.65
CA ILE A 79 -24.93 27.74 13.64
C ILE A 79 -24.39 26.59 12.80
N ASP A 80 -23.44 26.91 11.91
CA ASP A 80 -22.79 25.91 11.07
C ASP A 80 -21.30 25.87 11.39
N VAL A 81 -20.70 24.70 11.18
CA VAL A 81 -19.28 24.50 11.44
C VAL A 81 -18.54 24.61 10.11
N GLY A 82 -17.64 25.59 10.02
CA GLY A 82 -16.79 25.76 8.86
C GLY A 82 -15.48 25.01 9.01
N ALA A 83 -14.69 25.05 7.93
CA ALA A 83 -13.42 24.33 7.85
C ALA A 83 -13.61 22.87 8.25
N GLY A 84 -13.04 22.48 9.39
CA GLY A 84 -13.30 21.19 9.97
C GLY A 84 -12.35 20.07 9.58
N VAL A 85 -11.38 20.34 8.72
CA VAL A 85 -10.43 19.32 8.29
C VAL A 85 -9.19 19.44 9.17
N ILE A 86 -8.93 18.41 9.98
CA ILE A 86 -7.76 18.35 10.85
C ILE A 86 -6.84 17.28 10.29
N ASP A 87 -5.71 17.71 9.72
CA ASP A 87 -4.74 16.79 9.17
C ASP A 87 -4.11 15.94 10.26
N ARG A 88 -3.62 14.77 9.85
CA ARG A 88 -3.07 13.81 10.78
C ARG A 88 -1.81 14.33 11.46
N ASP A 89 -1.08 15.25 10.82
CA ASP A 89 0.16 15.77 11.35
C ASP A 89 0.00 17.08 12.09
N TYR A 90 -1.23 17.54 12.32
CA TYR A 90 -1.46 18.80 13.03
C TYR A 90 -1.40 18.56 14.53
N ARG A 91 -0.50 19.29 15.21
CA ARG A 91 -0.35 19.17 16.65
C ARG A 91 -0.62 20.48 17.39
N GLY A 92 -1.21 21.47 16.71
CA GLY A 92 -1.53 22.72 17.34
C GLY A 92 -2.87 22.68 18.08
N ASN A 93 -3.28 23.84 18.55
CA ASN A 93 -4.54 23.97 19.26
C ASN A 93 -5.70 23.70 18.32
N VAL A 94 -6.56 22.75 18.68
CA VAL A 94 -7.70 22.40 17.84
C VAL A 94 -8.75 23.50 17.95
N GLY A 95 -9.01 24.17 16.84
CA GLY A 95 -9.97 25.27 16.79
C GLY A 95 -11.22 24.85 16.03
N VAL A 96 -12.37 25.32 16.52
CA VAL A 96 -13.66 25.04 15.91
C VAL A 96 -14.17 26.33 15.29
N VAL A 97 -14.30 26.36 13.97
CA VAL A 97 -14.79 27.53 13.26
C VAL A 97 -16.31 27.48 13.24
N LEU A 98 -16.95 28.48 13.82
CA LEU A 98 -18.40 28.52 13.97
C LEU A 98 -18.94 29.73 13.21
N PHE A 99 -19.97 29.49 12.40
CA PHE A 99 -20.66 30.54 11.67
C PHE A 99 -22.04 30.73 12.27
N ASN A 100 -22.29 31.91 12.83
CA ASN A 100 -23.60 32.23 13.41
C ASN A 100 -24.41 32.94 12.35
N HIS A 101 -25.32 32.21 11.70
CA HIS A 101 -26.14 32.77 10.64
C HIS A 101 -27.41 33.43 11.17
N ALA A 102 -27.67 33.35 12.47
CA ALA A 102 -28.86 33.93 13.06
C ALA A 102 -28.71 35.45 13.20
N LYS A 103 -29.86 36.12 13.31
CA LYS A 103 -29.88 37.56 13.49
C LYS A 103 -29.48 37.98 14.89
N THR A 104 -29.14 37.03 15.75
CA THR A 104 -28.76 37.31 17.13
C THR A 104 -27.35 36.80 17.41
N ASP A 105 -26.70 37.44 18.38
CA ASP A 105 -25.42 36.96 18.86
C ASP A 105 -25.63 35.71 19.70
N TYR A 106 -24.67 34.80 19.66
CA TYR A 106 -24.72 33.59 20.48
C TYR A 106 -23.58 33.60 21.48
N GLU A 107 -23.88 33.28 22.73
CA GLU A 107 -22.90 33.28 23.81
C GLU A 107 -22.50 31.84 24.14
N VAL A 108 -21.25 31.51 23.88
CA VAL A 108 -20.70 30.21 24.21
C VAL A 108 -20.03 30.28 25.58
N LYS A 109 -20.34 29.32 26.43
CA LYS A 109 -19.79 29.25 27.78
C LYS A 109 -18.69 28.19 27.84
N LYS A 110 -17.77 28.37 28.77
CA LYS A 110 -16.72 27.39 28.98
C LYS A 110 -17.35 26.03 29.34
N GLY A 111 -16.94 25.00 28.61
CA GLY A 111 -17.49 23.67 28.81
C GLY A 111 -18.62 23.29 27.88
N ASP A 112 -19.10 24.24 27.06
CA ASP A 112 -20.16 23.92 26.12
C ASP A 112 -19.62 23.07 24.99
N ARG A 113 -20.34 22.00 24.66
CA ARG A 113 -19.96 21.12 23.55
C ARG A 113 -20.31 21.83 22.25
N VAL A 114 -19.30 22.32 21.55
CA VAL A 114 -19.51 23.12 20.35
C VAL A 114 -19.43 22.30 19.06
N ALA A 115 -18.80 21.13 19.09
CA ALA A 115 -18.65 20.29 17.92
C ALA A 115 -18.26 18.89 18.37
N GLN A 116 -17.94 18.02 17.40
CA GLN A 116 -17.48 16.68 17.69
C GLN A 116 -16.41 16.29 16.69
N LEU A 117 -15.46 15.48 17.15
CA LEU A 117 -14.31 15.07 16.33
C LEU A 117 -14.55 13.64 15.85
N ILE A 118 -14.71 13.48 14.53
CA ILE A 118 -14.96 12.20 13.91
C ILE A 118 -13.70 11.75 13.19
N CYS A 119 -13.29 10.50 13.42
CA CYS A 119 -12.12 9.93 12.76
C CYS A 119 -12.58 9.32 11.45
N GLU A 120 -12.60 10.15 10.41
CA GLU A 120 -13.13 9.75 9.11
C GLU A 120 -12.08 8.94 8.36
N LYS A 121 -12.36 7.67 8.11
CA LYS A 121 -11.48 6.84 7.29
C LYS A 121 -11.41 7.40 5.87
N ILE A 122 -10.20 7.56 5.35
CA ILE A 122 -9.96 8.08 4.01
C ILE A 122 -8.85 7.30 3.35
N ILE A 123 -8.72 7.49 2.04
CA ILE A 123 -7.64 6.92 1.24
C ILE A 123 -6.60 7.99 1.00
N TYR A 124 -5.32 7.61 1.13
CA TYR A 124 -4.21 8.49 0.77
C TYR A 124 -3.61 8.00 -0.54
N PRO A 125 -4.19 8.39 -1.68
CA PRO A 125 -3.77 7.79 -2.96
C PRO A 125 -2.70 8.64 -3.64
N GLU A 126 -2.11 8.04 -4.67
CA GLU A 126 -1.22 8.77 -5.56
C GLU A 126 -2.04 9.44 -6.65
N ILE A 127 -1.58 10.60 -7.08
CA ILE A 127 -2.24 11.36 -8.14
C ILE A 127 -1.51 11.06 -9.44
N GLN A 128 -2.28 10.92 -10.51
CA GLN A 128 -1.74 10.55 -11.82
C GLN A 128 -2.55 11.29 -12.87
N GLU A 129 -1.88 12.10 -13.69
CA GLU A 129 -2.60 12.86 -14.70
C GLU A 129 -2.78 12.00 -15.92
N VAL A 130 -3.99 12.02 -16.42
CA VAL A 130 -4.41 11.28 -17.60
C VAL A 130 -4.73 12.25 -18.73
N GLU A 131 -4.46 11.82 -19.97
CA GLU A 131 -4.93 12.58 -21.13
C GLU A 131 -6.18 11.97 -21.73
N GLU A 132 -6.62 10.81 -21.21
CA GLU A 132 -7.92 10.28 -21.57
C GLU A 132 -8.99 11.31 -21.28
N LEU A 133 -9.91 11.51 -22.21
CA LEU A 133 -11.18 12.08 -21.81
C LEU A 133 -11.95 10.91 -21.22
N MET A 134 -12.18 10.92 -19.92
CA MET A 134 -12.90 9.84 -19.26
C MET A 134 -14.39 10.07 -19.36
N GLU A 135 -15.11 9.06 -19.82
CA GLU A 135 -16.55 9.11 -19.96
C GLU A 135 -17.19 8.07 -19.04
N THR A 136 -18.37 8.40 -18.53
CA THR A 136 -19.11 7.48 -17.70
C THR A 136 -19.56 6.26 -18.53
N GLU A 137 -19.99 5.21 -17.83
CA GLU A 137 -20.29 3.93 -18.45
C GLU A 137 -21.79 3.60 -18.43
N ARG A 138 -22.64 4.62 -18.37
CA ARG A 138 -24.08 4.37 -18.29
C ARG A 138 -24.75 4.63 -19.64
N LYS B 8 -22.91 -9.33 3.39
CA LYS B 8 -22.83 -7.98 2.81
C LYS B 8 -23.21 -6.96 3.89
N SER B 9 -23.14 -5.67 3.55
CA SER B 9 -23.57 -4.60 4.45
C SER B 9 -24.98 -4.17 4.08
N VAL B 10 -25.80 -3.98 5.10
CA VAL B 10 -27.23 -3.69 4.92
C VAL B 10 -27.55 -2.41 5.68
N LEU B 11 -28.26 -1.50 5.02
CA LEU B 11 -28.81 -0.30 5.66
C LEU B 11 -30.30 -0.53 5.82
N ARG B 12 -30.74 -0.70 7.06
CA ARG B 12 -32.13 -0.98 7.36
C ARG B 12 -32.85 0.31 7.73
N PHE B 13 -34.09 0.44 7.26
CA PHE B 13 -34.92 1.59 7.57
C PHE B 13 -36.35 1.14 7.77
N LYS B 14 -37.12 1.98 8.46
CA LYS B 14 -38.54 1.73 8.67
C LYS B 14 -39.30 3.04 8.54
N LYS B 15 -40.40 3.01 7.81
CA LYS B 15 -41.25 4.18 7.64
C LYS B 15 -42.07 4.41 8.91
N LEU B 16 -41.97 5.62 9.48
CA LEU B 16 -42.72 5.94 10.67
C LEU B 16 -44.15 6.33 10.37
N THR B 17 -44.40 6.85 9.16
CA THR B 17 -45.75 7.18 8.71
C THR B 17 -45.89 6.74 7.26
N GLU B 18 -47.10 6.89 6.72
CA GLU B 18 -47.30 6.63 5.30
C GLU B 18 -46.57 7.65 4.43
N HIS B 19 -46.21 8.81 4.98
CA HIS B 19 -45.61 9.87 4.19
C HIS B 19 -44.14 9.64 3.91
N ALA B 20 -43.54 8.62 4.53
CA ALA B 20 -42.12 8.36 4.34
C ALA B 20 -41.88 7.78 2.94
N PHE B 21 -40.72 8.11 2.38
CA PHE B 21 -40.32 7.62 1.08
C PHE B 21 -39.14 6.68 1.22
N THR B 22 -39.07 5.70 0.33
CA THR B 22 -37.95 4.78 0.31
C THR B 22 -36.72 5.48 -0.25
N PRO B 23 -35.62 5.59 0.51
CA PRO B 23 -34.40 6.19 -0.03
C PRO B 23 -33.89 5.39 -1.22
N SER B 24 -33.39 6.10 -2.22
CA SER B 24 -33.06 5.47 -3.49
C SER B 24 -31.79 6.09 -4.07
N LYS B 25 -31.12 5.31 -4.91
CA LYS B 25 -29.99 5.78 -5.71
C LYS B 25 -30.30 5.64 -7.19
N GLY B 26 -29.61 6.44 -8.00
CA GLY B 26 -29.71 6.31 -9.43
C GLY B 26 -28.84 5.22 -10.00
N SER B 27 -27.68 4.98 -9.38
CA SER B 27 -26.76 3.93 -9.81
C SER B 27 -26.28 3.18 -8.57
N LYS B 28 -25.63 2.03 -8.81
CA LYS B 28 -25.19 1.21 -7.69
C LYS B 28 -24.11 1.90 -6.87
N PHE B 29 -23.24 2.67 -7.53
CA PHE B 29 -22.11 3.31 -6.85
C PHE B 29 -22.35 4.79 -6.56
N ALA B 30 -23.62 5.19 -6.46
CA ALA B 30 -23.92 6.54 -5.99
C ALA B 30 -23.47 6.67 -4.54
N ALA B 31 -23.00 7.87 -4.18
CA ALA B 31 -22.39 8.05 -2.87
C ALA B 31 -23.37 7.82 -1.73
N GLY B 32 -24.60 8.31 -1.88
CA GLY B 32 -25.57 8.19 -0.82
C GLY B 32 -26.97 7.96 -1.34
N PHE B 33 -27.84 7.53 -0.43
CA PHE B 33 -29.25 7.32 -0.75
C PHE B 33 -29.99 8.65 -0.61
N ASP B 34 -30.75 9.02 -1.63
CA ASP B 34 -31.47 10.28 -1.61
C ASP B 34 -32.54 10.26 -0.53
N LEU B 35 -32.60 11.33 0.27
CA LEU B 35 -33.60 11.48 1.31
C LEU B 35 -34.67 12.45 0.84
N CYS B 36 -35.92 12.00 0.89
CA CYS B 36 -37.04 12.78 0.40
C CYS B 36 -37.81 13.40 1.56
N SER B 37 -38.27 14.63 1.36
CA SER B 37 -39.07 15.30 2.37
C SER B 37 -40.44 14.63 2.47
N ALA B 38 -40.86 14.34 3.70
CA ALA B 38 -42.15 13.71 3.95
C ALA B 38 -43.30 14.70 4.04
N TYR B 39 -43.02 16.00 3.98
CA TYR B 39 -44.06 17.01 4.11
C TYR B 39 -43.72 18.20 3.21
N ASP B 40 -44.72 19.03 2.96
CA ASP B 40 -44.52 20.32 2.31
C ASP B 40 -44.19 21.36 3.37
N LEU B 41 -43.17 22.17 3.11
CA LEU B 41 -42.78 23.20 4.05
C LEU B 41 -42.04 24.30 3.31
N VAL B 42 -41.89 25.43 3.99
CA VAL B 42 -41.19 26.59 3.46
C VAL B 42 -40.05 26.90 4.42
N ILE B 43 -38.82 26.96 3.89
CA ILE B 43 -37.65 27.35 4.65
C ILE B 43 -37.48 28.87 4.46
N PRO B 44 -37.63 29.67 5.51
CA PRO B 44 -37.64 31.13 5.33
C PRO B 44 -36.34 31.68 4.79
N ALA B 45 -36.44 32.86 4.17
CA ALA B 45 -35.26 33.57 3.71
C ALA B 45 -34.29 33.80 4.85
N VAL B 46 -32.99 33.74 4.53
CA VAL B 46 -31.89 33.74 5.49
C VAL B 46 -32.28 32.97 6.75
N GLY B 47 -32.95 31.84 6.57
CA GLY B 47 -33.47 31.08 7.69
C GLY B 47 -33.13 29.60 7.68
N LYS B 48 -33.90 28.82 8.41
CA LYS B 48 -33.58 27.40 8.61
C LYS B 48 -34.88 26.59 8.70
N ALA B 49 -34.72 25.28 8.57
CA ALA B 49 -35.83 24.35 8.71
C ALA B 49 -35.28 22.96 8.97
N LEU B 50 -36.03 22.18 9.74
CA LEU B 50 -35.71 20.80 10.04
C LEU B 50 -36.66 19.91 9.24
N VAL B 51 -36.14 19.30 8.17
CA VAL B 51 -36.95 18.50 7.26
C VAL B 51 -37.02 17.08 7.79
N LYS B 52 -38.24 16.59 8.02
CA LYS B 52 -38.46 15.25 8.54
C LYS B 52 -38.58 14.25 7.40
N THR B 53 -37.84 13.16 7.50
CA THR B 53 -37.95 12.09 6.51
C THR B 53 -38.94 11.02 6.93
N ASP B 54 -39.39 11.04 8.20
CA ASP B 54 -40.34 10.08 8.73
C ASP B 54 -39.84 8.65 8.61
N ILE B 55 -38.52 8.47 8.67
CA ILE B 55 -37.91 7.14 8.66
C ILE B 55 -36.91 7.07 9.81
N GLN B 56 -36.67 5.86 10.28
CA GLN B 56 -35.59 5.57 11.21
C GLN B 56 -34.65 4.57 10.55
N VAL B 57 -33.37 4.66 10.87
CA VAL B 57 -32.35 3.89 10.16
C VAL B 57 -31.53 3.09 11.17
N GLU B 58 -31.02 1.96 10.70
CA GLU B 58 -30.02 1.16 11.40
C GLU B 58 -28.82 1.05 10.47
N LEU B 59 -27.72 1.68 10.86
CA LEU B 59 -26.58 1.78 9.95
C LEU B 59 -25.73 0.51 10.01
N PRO B 60 -25.10 0.16 8.90
CA PRO B 60 -24.16 -0.97 8.92
C PRO B 60 -22.97 -0.67 9.81
N GLU B 61 -22.25 -1.72 10.19
CA GLU B 61 -21.17 -1.60 11.14
C GLU B 61 -19.97 -0.88 10.53
N GLY B 62 -19.21 -0.19 11.38
CA GLY B 62 -18.00 0.46 10.95
C GLY B 62 -18.20 1.78 10.25
N CYS B 63 -19.30 2.47 10.53
CA CYS B 63 -19.61 3.71 9.84
C CYS B 63 -20.64 4.48 10.64
N TYR B 64 -20.89 5.71 10.20
CA TYR B 64 -22.00 6.52 10.68
C TYR B 64 -22.75 7.07 9.48
N GLY B 65 -23.87 7.73 9.74
CA GLY B 65 -24.67 8.29 8.67
C GLY B 65 -24.47 9.79 8.54
N ARG B 66 -23.90 10.23 7.43
CA ARG B 66 -23.70 11.65 7.16
C ARG B 66 -24.78 12.14 6.19
N ILE B 67 -25.59 13.09 6.65
CA ILE B 67 -26.57 13.75 5.80
C ILE B 67 -25.82 14.79 4.99
N ALA B 68 -25.57 14.49 3.74
CA ALA B 68 -24.79 15.31 2.83
C ALA B 68 -25.70 16.07 1.86
N PRO B 69 -25.27 17.22 1.38
CA PRO B 69 -26.13 18.01 0.47
C PRO B 69 -26.15 17.43 -0.94
N ARG B 70 -27.17 17.83 -1.68
CA ARG B 70 -27.29 17.52 -3.10
C ARG B 70 -26.77 18.71 -3.90
N SER B 71 -26.07 18.42 -4.99
CA SER B 71 -25.35 19.48 -5.71
C SER B 71 -26.32 20.47 -6.35
N GLY B 72 -27.40 19.98 -6.97
CA GLY B 72 -28.32 20.88 -7.64
C GLY B 72 -29.05 21.81 -6.69
N LEU B 73 -29.55 21.25 -5.58
CA LEU B 73 -30.31 22.06 -4.64
C LEU B 73 -29.44 23.07 -3.92
N SER B 74 -28.19 22.70 -3.62
CA SER B 74 -27.30 23.60 -2.92
C SER B 74 -26.85 24.75 -3.81
N TRP B 75 -26.42 24.44 -5.04
CA TRP B 75 -25.89 25.47 -5.92
C TRP B 75 -26.98 26.36 -6.48
N LYS B 76 -28.05 25.77 -6.98
CA LYS B 76 -29.08 26.55 -7.66
C LYS B 76 -29.98 27.31 -6.69
N HIS B 77 -30.10 26.88 -5.44
CA HIS B 77 -31.04 27.47 -4.51
C HIS B 77 -30.41 27.94 -3.21
N HIS B 78 -29.07 27.95 -3.11
CA HIS B 78 -28.37 28.56 -1.97
C HIS B 78 -28.75 27.88 -0.66
N ILE B 79 -28.81 26.55 -0.68
CA ILE B 79 -29.25 25.76 0.46
C ILE B 79 -28.07 24.97 1.00
N ASP B 80 -27.86 25.03 2.32
CA ASP B 80 -26.80 24.29 2.96
C ASP B 80 -27.41 23.30 3.95
N VAL B 81 -26.71 22.19 4.15
CA VAL B 81 -27.13 21.14 5.06
C VAL B 81 -26.35 21.30 6.37
N GLY B 82 -27.07 21.57 7.46
CA GLY B 82 -26.47 21.64 8.76
C GLY B 82 -26.51 20.30 9.48
N ALA B 83 -25.90 20.27 10.66
CA ALA B 83 -25.78 19.05 11.46
C ALA B 83 -25.25 17.89 10.61
N GLY B 84 -26.10 16.91 10.34
CA GLY B 84 -25.77 15.85 9.41
C GLY B 84 -25.15 14.61 10.00
N VAL B 85 -24.92 14.57 11.31
CA VAL B 85 -24.31 13.41 11.96
C VAL B 85 -25.41 12.53 12.52
N ILE B 86 -25.52 11.31 11.98
CA ILE B 86 -26.49 10.32 12.44
C ILE B 86 -25.72 9.22 13.14
N ASP B 87 -25.83 9.15 14.46
CA ASP B 87 -25.15 8.10 15.22
C ASP B 87 -25.76 6.75 14.89
N ARG B 88 -24.95 5.69 15.06
CA ARG B 88 -25.38 4.36 14.70
C ARG B 88 -26.53 3.86 15.58
N ASP B 89 -26.63 4.34 16.81
CA ASP B 89 -27.64 3.88 17.75
C ASP B 89 -28.86 4.80 17.79
N TYR B 90 -28.95 5.77 16.89
CA TYR B 90 -30.10 6.66 16.86
C TYR B 90 -31.24 5.99 16.11
N ARG B 91 -32.40 5.86 16.77
CA ARG B 91 -33.57 5.24 16.16
C ARG B 91 -34.76 6.18 16.07
N GLY B 92 -34.55 7.48 16.25
CA GLY B 92 -35.61 8.44 16.11
C GLY B 92 -35.80 8.87 14.67
N ASN B 93 -36.68 9.84 14.49
CA ASN B 93 -36.98 10.36 13.16
C ASN B 93 -35.76 11.06 12.59
N VAL B 94 -35.33 10.64 11.40
CA VAL B 94 -34.17 11.24 10.75
C VAL B 94 -34.56 12.60 10.19
N GLY B 95 -33.95 13.64 10.71
CA GLY B 95 -34.24 15.02 10.31
C GLY B 95 -33.11 15.62 9.51
N VAL B 96 -33.45 16.41 8.50
CA VAL B 96 -32.48 17.07 7.64
C VAL B 96 -32.53 18.56 7.97
N VAL B 97 -31.44 19.07 8.51
CA VAL B 97 -31.34 20.49 8.86
C VAL B 97 -30.88 21.25 7.63
N LEU B 98 -31.71 22.18 7.16
CA LEU B 98 -31.45 22.94 5.95
C LEU B 98 -31.35 24.42 6.29
N PHE B 99 -30.31 25.07 5.78
CA PHE B 99 -30.11 26.51 5.95
C PHE B 99 -30.36 27.19 4.61
N ASN B 100 -31.37 28.04 4.56
CA ASN B 100 -31.70 28.79 3.35
C ASN B 100 -30.99 30.14 3.43
N HIS B 101 -29.88 30.26 2.71
CA HIS B 101 -29.10 31.49 2.74
C HIS B 101 -29.59 32.53 1.74
N ALA B 102 -30.57 32.19 0.91
CA ALA B 102 -31.08 33.14 -0.07
C ALA B 102 -32.02 34.15 0.60
N LYS B 103 -32.16 35.30 -0.04
CA LYS B 103 -33.05 36.35 0.47
C LYS B 103 -34.52 36.07 0.22
N THR B 104 -34.86 34.95 -0.41
CA THR B 104 -36.24 34.59 -0.67
C THR B 104 -36.52 33.22 -0.04
N ASP B 105 -37.80 32.98 0.24
CA ASP B 105 -38.21 31.69 0.79
C ASP B 105 -38.11 30.59 -0.26
N TYR B 106 -37.82 29.38 0.20
CA TYR B 106 -37.77 28.21 -0.66
C TYR B 106 -38.88 27.25 -0.28
N GLU B 107 -39.55 26.71 -1.29
CA GLU B 107 -40.70 25.85 -1.11
C GLU B 107 -40.28 24.40 -1.31
N VAL B 108 -40.26 23.63 -0.23
CA VAL B 108 -39.95 22.20 -0.30
C VAL B 108 -41.26 21.44 -0.38
N LYS B 109 -41.35 20.53 -1.35
CA LYS B 109 -42.55 19.74 -1.56
C LYS B 109 -42.32 18.31 -1.07
N LYS B 110 -43.41 17.65 -0.69
CA LYS B 110 -43.33 16.26 -0.27
C LYS B 110 -42.79 15.40 -1.40
N GLY B 111 -41.75 14.62 -1.10
CA GLY B 111 -41.13 13.76 -2.08
C GLY B 111 -39.93 14.35 -2.77
N ASP B 112 -39.66 15.65 -2.58
CA ASP B 112 -38.48 16.25 -3.19
C ASP B 112 -37.24 15.78 -2.45
N ARG B 113 -36.21 15.39 -3.20
CA ARG B 113 -34.96 14.92 -2.62
C ARG B 113 -34.16 16.12 -2.11
N VAL B 114 -34.10 16.27 -0.78
CA VAL B 114 -33.44 17.42 -0.17
C VAL B 114 -31.99 17.14 0.24
N ALA B 115 -31.60 15.88 0.39
CA ALA B 115 -30.24 15.54 0.80
C ALA B 115 -30.01 14.06 0.48
N GLN B 116 -28.85 13.55 0.89
CA GLN B 116 -28.53 12.14 0.71
C GLN B 116 -27.78 11.63 1.94
N LEU B 117 -27.98 10.36 2.25
CA LEU B 117 -27.39 9.73 3.42
C LEU B 117 -26.21 8.86 3.00
N ILE B 118 -25.01 9.24 3.42
CA ILE B 118 -23.78 8.54 3.09
C ILE B 118 -23.31 7.78 4.31
N CYS B 119 -22.98 6.50 4.11
CA CYS B 119 -22.47 5.65 5.19
C CYS B 119 -20.95 5.82 5.22
N GLU B 120 -20.49 6.83 5.95
CA GLU B 120 -19.07 7.18 5.98
C GLU B 120 -18.32 6.24 6.91
N LYS B 121 -17.38 5.48 6.36
CA LYS B 121 -16.52 4.65 7.18
C LYS B 121 -15.72 5.51 8.13
N ILE B 122 -15.74 5.15 9.42
CA ILE B 122 -15.02 5.88 10.45
C ILE B 122 -14.39 4.89 11.42
N ILE B 123 -13.50 5.39 12.25
CA ILE B 123 -12.87 4.62 13.31
C ILE B 123 -13.56 4.99 14.61
N TYR B 124 -13.86 3.97 15.43
CA TYR B 124 -14.38 4.19 16.77
C TYR B 124 -13.29 3.92 17.79
N PRO B 125 -12.42 4.87 18.08
CA PRO B 125 -11.26 4.59 18.92
C PRO B 125 -11.54 4.92 20.39
N GLU B 126 -10.64 4.45 21.24
CA GLU B 126 -10.64 4.85 22.64
C GLU B 126 -9.80 6.10 22.80
N ILE B 127 -10.19 6.93 23.76
CA ILE B 127 -9.48 8.17 24.02
C ILE B 127 -8.48 7.93 25.13
N GLN B 128 -7.30 8.52 24.99
CA GLN B 128 -6.21 8.31 25.94
C GLN B 128 -5.46 9.62 26.08
N GLU B 129 -5.38 10.13 27.30
CA GLU B 129 -4.69 11.38 27.58
C GLU B 129 -3.22 11.11 27.82
N VAL B 130 -2.36 11.87 27.16
CA VAL B 130 -0.92 11.80 27.37
C VAL B 130 -0.46 13.10 28.00
N GLU B 131 0.64 13.01 28.75
CA GLU B 131 1.29 14.19 29.30
C GLU B 131 2.37 14.71 28.36
N GLU B 132 2.93 13.83 27.55
CA GLU B 132 3.89 14.21 26.51
C GLU B 132 3.31 15.30 25.62
N LEU B 133 4.12 16.33 25.38
CA LEU B 133 3.79 17.33 24.37
C LEU B 133 4.06 16.75 22.99
N MET B 134 3.03 16.66 22.16
CA MET B 134 3.18 16.11 20.82
C MET B 134 3.70 17.18 19.86
N GLU B 135 4.48 16.73 18.88
CA GLU B 135 5.09 17.63 17.92
C GLU B 135 5.35 16.89 16.62
N THR B 136 5.13 17.58 15.50
CA THR B 136 5.20 16.97 14.18
C THR B 136 6.64 16.96 13.67
N GLU B 137 6.97 15.89 12.92
CA GLU B 137 8.34 15.66 12.48
C GLU B 137 8.79 16.70 11.47
N ARG B 138 7.92 17.07 10.52
CA ARG B 138 8.33 17.94 9.43
C ARG B 138 8.84 19.28 9.96
N GLY B 139 9.76 19.87 9.22
CA GLY B 139 10.54 20.99 9.71
C GLY B 139 11.85 20.53 10.32
N GLU B 140 12.59 21.51 10.84
CA GLU B 140 13.93 21.32 11.41
C GLU B 140 14.72 20.22 10.72
N GLY B 141 15.00 20.41 9.43
CA GLY B 141 15.70 19.40 8.64
C GLY B 141 15.56 19.64 7.16
N GLY B 142 14.32 19.74 6.69
CA GLY B 142 14.06 20.10 5.31
C GLY B 142 14.02 18.90 4.38
N PHE B 143 14.20 19.20 3.09
CA PHE B 143 14.15 18.18 2.06
C PHE B 143 15.32 17.21 2.22
N GLY B 144 15.04 15.92 2.05
CA GLY B 144 16.05 14.89 2.18
C GLY B 144 15.52 13.62 2.82
N LYS C 8 -0.81 0.58 -5.93
CA LYS C 8 -1.57 1.24 -4.87
C LYS C 8 -2.91 1.77 -5.38
N SER C 9 -3.47 2.71 -4.63
CA SER C 9 -4.69 3.39 -5.03
C SER C 9 -4.31 4.68 -5.75
N VAL C 10 -5.02 4.95 -6.85
CA VAL C 10 -4.67 6.04 -7.75
C VAL C 10 -5.86 6.97 -7.90
N LEU C 11 -5.60 8.28 -7.83
CA LEU C 11 -6.57 9.31 -8.16
C LEU C 11 -6.18 9.87 -9.52
N ARG C 12 -6.97 9.58 -10.54
CA ARG C 12 -6.68 10.00 -11.90
C ARG C 12 -7.45 11.27 -12.25
N PHE C 13 -6.82 12.17 -12.98
CA PHE C 13 -7.45 13.41 -13.40
C PHE C 13 -6.99 13.77 -14.80
N LYS C 14 -7.76 14.63 -15.45
CA LYS C 14 -7.42 15.14 -16.78
C LYS C 14 -7.76 16.63 -16.84
N LYS C 15 -6.84 17.41 -17.39
CA LYS C 15 -7.08 18.84 -17.59
C LYS C 15 -8.04 19.05 -18.76
N LEU C 16 -9.14 19.74 -18.51
CA LEU C 16 -10.10 20.02 -19.58
C LEU C 16 -9.71 21.25 -20.40
N THR C 17 -8.95 22.18 -19.82
CA THR C 17 -8.49 23.37 -20.52
C THR C 17 -7.04 23.66 -20.15
N GLU C 18 -6.49 24.72 -20.76
CA GLU C 18 -5.17 25.20 -20.40
C GLU C 18 -5.12 25.72 -18.96
N HIS C 19 -6.25 26.19 -18.44
CA HIS C 19 -6.31 26.87 -17.16
C HIS C 19 -6.38 25.91 -15.97
N ALA C 20 -6.53 24.61 -16.21
CA ALA C 20 -6.62 23.67 -15.12
C ALA C 20 -5.27 23.54 -14.41
N PHE C 21 -5.33 23.30 -13.11
CA PHE C 21 -4.13 23.12 -12.29
C PHE C 21 -4.06 21.69 -11.79
N THR C 22 -2.84 21.21 -11.63
CA THR C 22 -2.65 19.86 -11.09
C THR C 22 -2.95 19.86 -9.60
N PRO C 23 -3.92 19.07 -9.12
CA PRO C 23 -4.17 19.01 -7.69
C PRO C 23 -2.94 18.51 -6.95
N SER C 24 -2.68 19.09 -5.79
CA SER C 24 -1.42 18.84 -5.09
C SER C 24 -1.63 18.84 -3.59
N LYS C 25 -0.75 18.12 -2.90
CA LYS C 25 -0.63 18.14 -1.45
C LYS C 25 0.75 18.64 -1.07
N GLY C 26 0.87 19.15 0.15
CA GLY C 26 2.18 19.54 0.65
C GLY C 26 2.98 18.37 1.16
N SER C 27 2.33 17.38 1.75
CA SER C 27 2.97 16.17 2.23
C SER C 27 2.12 14.98 1.85
N LYS C 28 2.71 13.78 1.98
CA LYS C 28 2.01 12.57 1.57
C LYS C 28 0.77 12.31 2.40
N PHE C 29 0.79 12.71 3.68
CA PHE C 29 -0.31 12.43 4.59
C PHE C 29 -1.28 13.60 4.75
N ALA C 30 -1.31 14.52 3.79
CA ALA C 30 -2.34 15.55 3.78
C ALA C 30 -3.69 14.91 3.50
N ALA C 31 -4.73 15.48 4.12
CA ALA C 31 -6.06 14.86 4.03
C ALA C 31 -6.60 14.90 2.61
N GLY C 32 -6.41 16.01 1.89
CA GLY C 32 -6.98 16.13 0.56
C GLY C 32 -6.05 16.87 -0.38
N PHE C 33 -6.36 16.73 -1.68
CA PHE C 33 -5.63 17.41 -2.73
C PHE C 33 -6.21 18.80 -2.95
N ASP C 34 -5.34 19.80 -2.98
CA ASP C 34 -5.80 21.18 -3.15
C ASP C 34 -6.35 21.39 -4.55
N LEU C 35 -7.52 22.01 -4.63
CA LEU C 35 -8.17 22.33 -5.90
C LEU C 35 -8.02 23.82 -6.19
N CYS C 36 -7.46 24.14 -7.34
CA CYS C 36 -7.19 25.53 -7.71
C CYS C 36 -8.23 26.01 -8.71
N SER C 37 -8.64 27.27 -8.56
CA SER C 37 -9.58 27.87 -9.50
C SER C 37 -8.91 28.08 -10.85
N ALA C 38 -9.60 27.68 -11.92
CA ALA C 38 -9.08 27.83 -13.26
C ALA C 38 -9.41 29.20 -13.87
N TYR C 39 -10.18 30.02 -13.18
CA TYR C 39 -10.57 31.31 -13.74
C TYR C 39 -10.66 32.34 -12.62
N ASP C 40 -10.70 33.61 -13.03
CA ASP C 40 -10.95 34.72 -12.13
C ASP C 40 -12.46 34.90 -11.99
N LEU C 41 -12.93 35.07 -10.76
CA LEU C 41 -14.36 35.25 -10.52
C LEU C 41 -14.55 35.98 -9.21
N VAL C 42 -15.77 36.46 -9.00
CA VAL C 42 -16.17 37.20 -7.81
C VAL C 42 -17.31 36.45 -7.15
N ILE C 43 -17.15 36.14 -5.86
CA ILE C 43 -18.23 35.57 -5.07
C ILE C 43 -18.97 36.73 -4.40
N PRO C 44 -20.21 37.01 -4.78
CA PRO C 44 -20.88 38.21 -4.25
C PRO C 44 -21.12 38.10 -2.75
N ALA C 45 -21.23 39.26 -2.12
CA ALA C 45 -21.56 39.31 -0.71
C ALA C 45 -22.88 38.60 -0.45
N VAL C 46 -22.97 37.95 0.71
CA VAL C 46 -24.05 37.03 1.10
C VAL C 46 -24.55 36.26 -0.12
N GLY C 47 -23.63 35.80 -0.95
CA GLY C 47 -23.97 35.14 -2.20
C GLY C 47 -23.26 33.82 -2.40
N LYS C 48 -23.18 33.38 -3.66
CA LYS C 48 -22.64 32.08 -3.99
C LYS C 48 -21.92 32.16 -5.33
N ALA C 49 -21.12 31.13 -5.61
CA ALA C 49 -20.42 31.01 -6.87
C ALA C 49 -20.01 29.56 -7.08
N LEU C 50 -20.04 29.13 -8.33
CA LEU C 50 -19.62 27.78 -8.73
C LEU C 50 -18.27 27.93 -9.42
N VAL C 51 -17.20 27.57 -8.72
CA VAL C 51 -15.85 27.74 -9.23
C VAL C 51 -15.46 26.49 -10.01
N LYS C 52 -15.08 26.67 -11.27
CA LYS C 52 -14.71 25.56 -12.14
C LYS C 52 -13.23 25.26 -12.01
N THR C 53 -12.89 23.99 -11.82
CA THR C 53 -11.51 23.55 -11.78
C THR C 53 -11.00 23.08 -13.13
N ASP C 54 -11.90 22.88 -14.10
CA ASP C 54 -11.55 22.43 -15.44
C ASP C 54 -10.81 21.10 -15.43
N ILE C 55 -11.12 20.24 -14.46
CA ILE C 55 -10.58 18.90 -14.40
C ILE C 55 -11.72 17.91 -14.19
N GLN C 56 -11.50 16.68 -14.65
CA GLN C 56 -12.36 15.55 -14.35
C GLN C 56 -11.53 14.51 -13.61
N VAL C 57 -12.17 13.79 -12.69
CA VAL C 57 -11.44 12.89 -11.80
C VAL C 57 -12.04 11.49 -11.82
N GLU C 58 -11.17 10.50 -11.59
CA GLU C 58 -11.58 9.11 -11.35
C GLU C 58 -11.00 8.69 -9.99
N LEU C 59 -11.87 8.44 -9.04
CA LEU C 59 -11.48 8.19 -7.66
C LEU C 59 -11.08 6.72 -7.45
N PRO C 60 -10.20 6.45 -6.48
CA PRO C 60 -9.88 5.06 -6.14
C PRO C 60 -11.09 4.35 -5.54
N GLU C 61 -11.05 3.01 -5.56
CA GLU C 61 -12.22 2.23 -5.20
C GLU C 61 -12.53 2.31 -3.71
N GLY C 62 -13.81 2.15 -3.39
CA GLY C 62 -14.24 2.14 -2.01
C GLY C 62 -14.38 3.49 -1.36
N CYS C 63 -14.65 4.53 -2.14
CA CYS C 63 -14.70 5.88 -1.59
C CYS C 63 -15.47 6.78 -2.55
N TYR C 64 -15.71 8.01 -2.11
CA TYR C 64 -16.23 9.08 -2.94
C TYR C 64 -15.35 10.31 -2.74
N GLY C 65 -15.59 11.34 -3.54
CA GLY C 65 -14.83 12.56 -3.43
C GLY C 65 -15.59 13.64 -2.71
N ARG C 66 -15.12 14.04 -1.54
CA ARG C 66 -15.74 15.12 -0.79
C ARG C 66 -14.95 16.40 -0.99
N ILE C 67 -15.59 17.41 -1.56
CA ILE C 67 -15.01 18.73 -1.70
C ILE C 67 -15.18 19.43 -0.35
N ALA C 68 -14.10 19.50 0.43
CA ALA C 68 -14.05 20.03 1.78
C ALA C 68 -13.39 21.41 1.79
N PRO C 69 -13.73 22.26 2.75
CA PRO C 69 -13.13 23.60 2.78
C PRO C 69 -11.72 23.57 3.33
N ARG C 70 -10.98 24.63 3.01
CA ARG C 70 -9.66 24.85 3.58
C ARG C 70 -9.77 25.82 4.74
N SER C 71 -8.96 25.59 5.77
CA SER C 71 -9.15 26.30 7.04
C SER C 71 -8.88 27.79 6.91
N GLY C 72 -7.83 28.17 6.20
CA GLY C 72 -7.48 29.58 6.11
C GLY C 72 -8.54 30.41 5.43
N LEU C 73 -9.05 29.91 4.29
CA LEU C 73 -10.05 30.67 3.55
C LEU C 73 -11.38 30.73 4.28
N SER C 74 -11.75 29.66 5.00
CA SER C 74 -13.03 29.64 5.69
C SER C 74 -13.04 30.61 6.87
N TRP C 75 -11.99 30.58 7.70
CA TRP C 75 -11.98 31.40 8.90
C TRP C 75 -11.76 32.86 8.56
N LYS C 76 -10.79 33.14 7.68
CA LYS C 76 -10.41 34.53 7.40
C LYS C 76 -11.41 35.23 6.47
N HIS C 77 -12.18 34.49 5.68
CA HIS C 77 -13.06 35.12 4.69
C HIS C 77 -14.52 34.69 4.79
N HIS C 78 -14.91 33.97 5.84
CA HIS C 78 -16.33 33.69 6.11
C HIS C 78 -16.95 32.91 4.96
N ILE C 79 -16.19 31.94 4.42
CA ILE C 79 -16.60 31.19 3.24
C ILE C 79 -16.79 29.73 3.63
N ASP C 80 -17.92 29.15 3.20
CA ASP C 80 -18.24 27.75 3.42
C ASP C 80 -18.36 27.05 2.08
N VAL C 81 -18.09 25.76 2.07
CA VAL C 81 -18.18 24.94 0.87
C VAL C 81 -19.53 24.22 0.86
N GLY C 82 -20.36 24.52 -0.14
CA GLY C 82 -21.61 23.83 -0.30
C GLY C 82 -21.49 22.61 -1.19
N ALA C 83 -22.59 21.87 -1.29
CA ALA C 83 -22.62 20.61 -2.03
C ALA C 83 -21.46 19.72 -1.59
N GLY C 84 -20.49 19.51 -2.48
CA GLY C 84 -19.27 18.84 -2.11
C GLY C 84 -19.25 17.35 -2.32
N VAL C 85 -20.35 16.75 -2.76
CA VAL C 85 -20.42 15.32 -2.98
C VAL C 85 -20.15 15.05 -4.46
N ILE C 86 -19.03 14.37 -4.73
CA ILE C 86 -18.66 13.96 -6.07
C ILE C 86 -18.81 12.45 -6.13
N ASP C 87 -19.80 11.99 -6.88
CA ASP C 87 -20.05 10.57 -7.04
C ASP C 87 -18.90 9.90 -7.78
N ARG C 88 -18.78 8.58 -7.57
CA ARG C 88 -17.67 7.83 -8.16
C ARG C 88 -17.67 7.87 -9.67
N ASP C 89 -18.85 7.98 -10.28
CA ASP C 89 -19.00 7.92 -11.73
C ASP C 89 -19.08 9.28 -12.39
N TYR C 90 -18.83 10.37 -11.67
CA TYR C 90 -18.91 11.70 -12.26
C TYR C 90 -17.64 11.99 -13.04
N ARG C 91 -17.79 12.28 -14.34
CA ARG C 91 -16.66 12.58 -15.21
C ARG C 91 -16.75 13.97 -15.81
N GLY C 92 -17.63 14.83 -15.31
CA GLY C 92 -17.74 16.19 -15.78
C GLY C 92 -16.74 17.11 -15.10
N ASN C 93 -16.88 18.40 -15.40
CA ASN C 93 -16.02 19.41 -14.80
C ASN C 93 -16.27 19.48 -13.31
N VAL C 94 -15.21 19.31 -12.52
CA VAL C 94 -15.33 19.35 -11.07
C VAL C 94 -15.52 20.80 -10.62
N GLY C 95 -16.67 21.08 -10.02
CA GLY C 95 -17.02 22.42 -9.57
C GLY C 95 -17.01 22.51 -8.06
N VAL C 96 -16.54 23.64 -7.55
CA VAL C 96 -16.48 23.92 -6.12
C VAL C 96 -17.52 24.96 -5.80
N VAL C 97 -18.52 24.58 -5.02
CA VAL C 97 -19.60 25.49 -4.62
C VAL C 97 -19.15 26.25 -3.38
N LEU C 98 -19.05 27.57 -3.49
CA LEU C 98 -18.57 28.43 -2.42
C LEU C 98 -19.66 29.41 -2.02
N PHE C 99 -19.90 29.52 -0.71
CA PHE C 99 -20.86 30.46 -0.16
C PHE C 99 -20.10 31.55 0.58
N ASN C 100 -20.20 32.78 0.08
CA ASN C 100 -19.56 33.93 0.72
C ASN C 100 -20.57 34.57 1.66
N HIS C 101 -20.43 34.31 2.96
CA HIS C 101 -21.34 34.84 3.95
C HIS C 101 -20.96 36.24 4.43
N ALA C 102 -19.84 36.77 3.97
CA ALA C 102 -19.40 38.08 4.40
C ALA C 102 -20.22 39.18 3.71
N LYS C 103 -20.25 40.35 4.34
CA LYS C 103 -20.99 41.48 3.81
C LYS C 103 -20.27 42.17 2.65
N THR C 104 -19.09 41.68 2.28
CA THR C 104 -18.33 42.25 1.18
C THR C 104 -18.07 41.17 0.13
N ASP C 105 -17.86 41.61 -1.11
CA ASP C 105 -17.53 40.68 -2.18
C ASP C 105 -16.13 40.13 -2.00
N TYR C 106 -15.95 38.88 -2.41
CA TYR C 106 -14.66 38.22 -2.38
C TYR C 106 -14.21 37.89 -3.79
N GLU C 107 -12.94 38.17 -4.08
CA GLU C 107 -12.39 37.99 -5.41
C GLU C 107 -11.53 36.73 -5.42
N VAL C 108 -11.99 35.70 -6.10
CA VAL C 108 -11.20 34.48 -6.29
C VAL C 108 -10.46 34.63 -7.61
N LYS C 109 -9.15 34.45 -7.57
CA LYS C 109 -8.31 34.60 -8.75
C LYS C 109 -7.81 33.26 -9.25
N LYS C 110 -7.45 33.24 -10.53
CA LYS C 110 -6.94 32.05 -11.18
C LYS C 110 -5.73 31.51 -10.41
N GLY C 111 -5.79 30.23 -10.06
CA GLY C 111 -4.74 29.58 -9.30
C GLY C 111 -4.97 29.52 -7.81
N ASP C 112 -6.00 30.18 -7.29
CA ASP C 112 -6.27 30.15 -5.86
C ASP C 112 -6.84 28.80 -5.45
N ARG C 113 -6.29 28.23 -4.37
CA ARG C 113 -6.79 26.97 -3.82
C ARG C 113 -8.05 27.26 -3.04
N VAL C 114 -9.21 26.87 -3.58
CA VAL C 114 -10.49 27.20 -2.96
C VAL C 114 -11.01 26.08 -2.06
N ALA C 115 -10.53 24.85 -2.21
CA ALA C 115 -11.01 23.73 -1.42
C ALA C 115 -9.99 22.59 -1.54
N GLN C 116 -10.36 21.43 -1.01
CA GLN C 116 -9.53 20.24 -1.09
C GLN C 116 -10.41 19.03 -1.35
N LEU C 117 -9.85 18.06 -2.08
CA LEU C 117 -10.59 16.86 -2.47
C LEU C 117 -10.15 15.70 -1.57
N ILE C 118 -11.08 15.21 -0.76
CA ILE C 118 -10.82 14.12 0.17
C ILE C 118 -11.51 12.86 -0.37
N CYS C 119 -10.76 11.76 -0.43
CA CYS C 119 -11.30 10.47 -0.86
C CYS C 119 -11.84 9.76 0.37
N GLU C 120 -13.10 10.05 0.70
CA GLU C 120 -13.71 9.54 1.93
C GLU C 120 -14.13 8.09 1.74
N LYS C 121 -13.51 7.18 2.51
CA LYS C 121 -13.94 5.79 2.51
C LYS C 121 -15.38 5.69 2.98
N ILE C 122 -16.21 4.99 2.20
CA ILE C 122 -17.62 4.81 2.51
C ILE C 122 -18.03 3.37 2.23
N ILE C 123 -19.21 3.01 2.73
CA ILE C 123 -19.82 1.72 2.49
C ILE C 123 -20.91 1.89 1.43
N TYR C 124 -20.96 0.94 0.50
CA TYR C 124 -22.04 0.87 -0.47
C TYR C 124 -22.95 -0.28 -0.06
N PRO C 125 -23.91 -0.04 0.83
CA PRO C 125 -24.67 -1.13 1.44
C PRO C 125 -25.97 -1.41 0.70
N GLU C 126 -26.60 -2.52 1.09
CA GLU C 126 -27.94 -2.82 0.62
C GLU C 126 -28.97 -2.11 1.50
N ILE C 127 -30.07 -1.71 0.88
CA ILE C 127 -31.17 -1.07 1.59
C ILE C 127 -32.23 -2.11 1.87
N GLN C 128 -32.80 -2.08 3.06
CA GLN C 128 -33.76 -3.10 3.48
C GLN C 128 -34.80 -2.47 4.39
N GLU C 129 -36.07 -2.58 4.01
CA GLU C 129 -37.16 -2.02 4.80
C GLU C 129 -37.66 -3.06 5.81
N VAL C 130 -37.84 -2.62 7.04
CA VAL C 130 -38.41 -3.43 8.11
C VAL C 130 -39.77 -2.85 8.46
N GLU C 131 -40.65 -3.70 8.99
CA GLU C 131 -41.96 -3.26 9.47
C GLU C 131 -41.96 -2.91 10.95
N GLU C 132 -41.15 -3.62 11.73
CA GLU C 132 -40.95 -3.34 13.15
C GLU C 132 -40.49 -1.90 13.38
N LEU C 133 -40.99 -1.31 14.47
CA LEU C 133 -40.38 -0.10 14.99
C LEU C 133 -39.06 -0.48 15.63
N MET C 134 -37.95 0.07 15.14
CA MET C 134 -36.65 -0.26 15.68
C MET C 134 -36.38 0.51 16.95
N GLU C 135 -35.68 -0.14 17.88
CA GLU C 135 -35.43 0.37 19.21
C GLU C 135 -33.93 0.53 19.40
N THR C 136 -33.52 1.65 19.99
CA THR C 136 -32.13 1.76 20.44
C THR C 136 -31.96 0.82 21.62
N GLU C 137 -31.23 -0.26 21.41
CA GLU C 137 -31.10 -1.33 22.40
C GLU C 137 -29.75 -1.20 23.10
N ARG C 138 -29.74 -0.58 24.27
CA ARG C 138 -28.54 -0.59 25.11
C ARG C 138 -28.83 -0.28 26.58
N GLY C 139 -29.12 0.97 26.90
CA GLY C 139 -29.13 1.39 28.29
C GLY C 139 -30.41 2.00 28.81
N GLU C 140 -31.38 1.17 29.17
CA GLU C 140 -32.62 1.63 29.79
C GLU C 140 -32.84 1.10 31.19
N GLY C 141 -32.01 0.15 31.65
CA GLY C 141 -32.07 -0.34 33.00
C GLY C 141 -31.10 0.32 33.97
N GLY C 142 -30.49 1.44 33.59
CA GLY C 142 -29.56 2.14 34.45
C GLY C 142 -28.15 1.59 34.37
N PHE C 143 -27.24 2.31 35.02
CA PHE C 143 -25.83 1.93 35.06
C PHE C 143 -25.67 0.57 35.73
N LEU D 12 -7.62 23.36 42.70
CA LEU D 12 -8.61 22.68 43.53
C LEU D 12 -8.57 21.17 43.31
N PRO D 13 -8.75 20.41 44.39
CA PRO D 13 -8.69 18.95 44.28
C PRO D 13 -9.83 18.41 43.45
N THR D 14 -9.58 17.26 42.83
CA THR D 14 -10.59 16.61 42.00
C THR D 14 -11.50 15.68 42.78
N HIS D 15 -11.06 15.17 43.93
CA HIS D 15 -11.87 14.34 44.82
C HIS D 15 -12.27 13.02 44.15
N TYR D 16 -11.48 12.57 43.17
CA TYR D 16 -11.82 11.34 42.46
C TYR D 16 -11.76 10.11 43.35
N GLY D 17 -10.94 10.14 44.40
CA GLY D 17 -10.86 8.99 45.29
C GLY D 17 -12.15 8.73 46.05
N THR D 18 -12.77 9.77 46.59
CA THR D 18 -14.04 9.62 47.27
C THR D 18 -15.16 9.30 46.29
N ILE D 19 -15.11 9.89 45.08
CA ILE D 19 -16.14 9.65 44.09
C ILE D 19 -16.19 8.18 43.70
N ILE D 20 -15.03 7.60 43.43
CA ILE D 20 -15.00 6.21 42.99
C ILE D 20 -15.44 5.27 44.11
N LYS D 21 -14.95 5.52 45.33
CA LYS D 21 -15.34 4.68 46.46
C LYS D 21 -16.83 4.76 46.72
N THR D 22 -17.42 5.95 46.55
CA THR D 22 -18.86 6.09 46.72
C THR D 22 -19.62 5.37 45.62
N LEU D 23 -19.16 5.50 44.37
CA LEU D 23 -19.86 4.88 43.26
C LEU D 23 -19.64 3.36 43.22
N ARG D 24 -18.47 2.89 43.67
CA ARG D 24 -18.24 1.45 43.75
C ARG D 24 -19.19 0.81 44.74
N LYS D 25 -19.38 1.44 45.90
CA LYS D 25 -20.32 0.92 46.89
C LYS D 25 -21.76 1.03 46.39
N TYR D 26 -22.06 2.06 45.59
CA TYR D 26 -23.41 2.19 45.04
C TYR D 26 -23.73 1.04 44.10
N MET D 27 -22.73 0.54 43.38
CA MET D 27 -22.91 -0.57 42.46
C MET D 27 -22.69 -1.91 43.14
N LYS D 28 -22.61 -1.93 44.48
CA LYS D 28 -22.53 -3.16 45.26
C LYS D 28 -21.37 -4.03 44.79
N LEU D 29 -20.21 -3.41 44.57
CA LEU D 29 -19.02 -4.10 44.12
C LEU D 29 -17.93 -4.02 45.18
N THR D 30 -17.27 -5.15 45.42
CA THR D 30 -16.11 -5.15 46.29
C THR D 30 -14.90 -4.60 45.54
N GLN D 31 -13.87 -4.23 46.31
CA GLN D 31 -12.60 -3.82 45.71
C GLN D 31 -12.05 -4.92 44.79
N SER D 32 -12.30 -6.18 45.12
CA SER D 32 -11.79 -7.28 44.31
C SER D 32 -12.55 -7.40 42.99
N LYS D 33 -13.89 -7.31 43.04
CA LYS D 33 -14.67 -7.44 41.82
C LYS D 33 -14.35 -6.30 40.84
N LEU D 34 -14.23 -5.08 41.35
CA LEU D 34 -13.77 -3.97 40.52
C LEU D 34 -12.37 -4.22 40.01
N SER D 35 -11.54 -4.90 40.80
CA SER D 35 -10.16 -5.17 40.40
C SER D 35 -10.10 -6.07 39.17
N GLU D 36 -11.03 -7.02 39.04
CA GLU D 36 -11.02 -7.88 37.86
C GLU D 36 -11.54 -7.18 36.62
N ARG D 37 -12.34 -6.13 36.78
CA ARG D 37 -12.83 -5.38 35.62
C ARG D 37 -11.82 -4.32 35.17
N THR D 38 -11.39 -3.47 36.09
CA THR D 38 -10.46 -2.39 35.73
C THR D 38 -9.11 -2.93 35.29
N GLY D 39 -8.64 -3.99 35.94
CA GLY D 39 -7.25 -4.40 35.82
C GLY D 39 -6.33 -3.80 36.85
N PHE D 40 -6.82 -2.86 37.67
CA PHE D 40 -6.02 -2.34 38.76
C PHE D 40 -5.95 -3.37 39.88
N SER D 41 -4.82 -3.38 40.58
CA SER D 41 -4.69 -4.26 41.74
C SER D 41 -5.57 -3.76 42.88
N GLN D 42 -5.91 -4.67 43.79
CA GLN D 42 -6.72 -4.30 44.94
C GLN D 42 -6.01 -3.28 45.82
N ASN D 43 -4.67 -3.29 45.79
CA ASN D 43 -3.90 -2.29 46.52
C ASN D 43 -3.91 -0.96 45.79
N THR D 44 -3.80 -1.00 44.46
CA THR D 44 -3.87 0.22 43.66
C THR D 44 -5.23 0.89 43.82
N ILE D 45 -6.30 0.09 43.80
CA ILE D 45 -7.64 0.64 43.98
C ILE D 45 -7.79 1.26 45.37
N SER D 46 -7.23 0.61 46.38
CA SER D 46 -7.32 1.15 47.74
C SER D 46 -6.57 2.47 47.87
N ASN D 47 -5.40 2.57 47.26
CA ASN D 47 -4.65 3.82 47.32
C ASN D 47 -5.33 4.92 46.52
N HIS D 48 -6.06 4.55 45.46
CA HIS D 48 -6.84 5.54 44.73
C HIS D 48 -7.97 6.08 45.60
N GLU D 49 -8.69 5.18 46.27
CA GLU D 49 -9.82 5.59 47.09
C GLU D 49 -9.37 6.36 48.33
N ASN D 50 -8.18 6.08 48.84
CA ASN D 50 -7.74 6.71 50.07
C ASN D 50 -7.16 8.10 49.81
N GLY D 51 -6.45 8.27 48.71
CA GLY D 51 -5.91 9.57 48.32
C GLY D 51 -4.40 9.60 48.21
N ASN D 52 -3.71 8.48 48.44
CA ASN D 52 -2.25 8.46 48.38
C ASN D 52 -1.76 8.57 46.94
N ARG D 53 -2.35 7.81 46.03
CA ARG D 53 -1.98 7.84 44.63
C ARG D 53 -3.01 8.64 43.85
N ASN D 54 -2.54 9.57 43.03
CA ASN D 54 -3.44 10.41 42.27
C ASN D 54 -4.06 9.65 41.11
N ILE D 55 -5.27 10.06 40.75
CA ILE D 55 -6.04 9.42 39.68
C ILE D 55 -5.98 10.31 38.45
N GLY D 56 -5.38 9.80 37.37
CA GLY D 56 -5.29 10.52 36.13
C GLY D 56 -6.55 10.44 35.29
N VAL D 57 -6.56 11.20 34.19
CA VAL D 57 -7.75 11.26 33.34
C VAL D 57 -7.96 9.91 32.64
N ASN D 58 -6.88 9.17 32.40
CA ASN D 58 -6.99 7.85 31.79
C ASN D 58 -7.39 6.78 32.78
N GLU D 59 -7.22 7.03 34.08
CA GLU D 59 -7.67 6.07 35.08
C GLU D 59 -9.17 6.21 35.33
N ILE D 60 -9.70 7.42 35.23
CA ILE D 60 -11.15 7.62 35.35
C ILE D 60 -11.86 6.91 34.21
N GLU D 61 -11.25 6.92 33.02
CA GLU D 61 -11.81 6.19 31.89
C GLU D 61 -11.88 4.70 32.19
N ILE D 62 -10.84 4.16 32.83
CA ILE D 62 -10.85 2.75 33.19
C ILE D 62 -11.86 2.48 34.30
N TYR D 63 -11.93 3.37 35.28
CA TYR D 63 -12.89 3.21 36.36
C TYR D 63 -14.32 3.37 35.86
N GLY D 64 -14.54 4.28 34.91
CA GLY D 64 -15.88 4.47 34.39
C GLY D 64 -16.42 3.22 33.69
N LYS D 65 -15.58 2.56 32.90
CA LYS D 65 -16.01 1.33 32.25
C LYS D 65 -16.19 0.20 33.25
N GLY D 66 -15.33 0.15 34.27
CA GLY D 66 -15.46 -0.88 35.28
C GLY D 66 -16.70 -0.72 36.14
N LEU D 67 -17.15 0.50 36.36
CA LEU D 67 -18.34 0.77 37.15
C LEU D 67 -19.63 0.71 36.34
N GLY D 68 -19.55 0.83 35.02
CA GLY D 68 -20.74 0.91 34.20
C GLY D 68 -21.31 2.30 34.06
N ILE D 69 -20.49 3.33 34.26
CA ILE D 69 -20.93 4.72 34.16
C ILE D 69 -20.06 5.43 33.13
N PRO D 70 -20.64 6.24 32.24
CA PRO D 70 -19.81 7.02 31.32
C PRO D 70 -18.83 7.90 32.09
N SER D 71 -17.58 7.90 31.62
CA SER D 71 -16.51 8.56 32.38
C SER D 71 -16.75 10.05 32.54
N TYR D 72 -17.47 10.68 31.60
CA TYR D 72 -17.67 12.13 31.67
C TYR D 72 -18.58 12.52 32.83
N ILE D 73 -19.42 11.60 33.30
CA ILE D 73 -20.23 11.90 34.49
C ILE D 73 -19.34 11.97 35.72
N LEU D 74 -18.26 11.17 35.76
CA LEU D 74 -17.33 11.25 36.88
C LEU D 74 -16.59 12.57 36.90
N HIS D 75 -16.31 13.14 35.72
CA HIS D 75 -15.71 14.47 35.65
C HIS D 75 -16.70 15.53 36.09
N ARG D 76 -17.97 15.39 35.71
CA ARG D 76 -18.97 16.38 36.09
C ARG D 76 -19.22 16.37 37.59
N ILE D 77 -19.17 15.19 38.22
CA ILE D 77 -19.30 15.12 39.67
C ILE D 77 -18.10 15.77 40.35
N SER D 78 -16.90 15.53 39.82
CA SER D 78 -15.71 16.18 40.37
C SER D 78 -15.78 17.69 40.22
N ASP D 79 -16.36 18.17 39.12
CA ASP D 79 -16.52 19.62 38.94
C ASP D 79 -17.53 20.21 39.92
N GLU D 80 -18.55 19.44 40.30
CA GLU D 80 -19.51 19.92 41.30
C GLU D 80 -18.84 20.11 42.65
N PHE D 81 -17.89 19.25 42.99
CA PHE D 81 -17.14 19.41 44.23
C PHE D 81 -16.32 20.70 44.21
N LYS D 82 -15.65 20.98 43.10
CA LYS D 82 -14.83 22.19 43.02
C LYS D 82 -15.65 23.47 43.09
N GLU D 83 -16.88 23.45 42.56
CA GLU D 83 -17.67 24.67 42.52
C GLU D 83 -18.53 24.86 43.76
N LYS D 84 -18.98 23.78 44.41
CA LYS D 84 -19.89 23.89 45.54
C LYS D 84 -19.34 23.33 46.84
N GLY D 85 -18.24 22.58 46.80
CA GLY D 85 -17.78 21.87 47.97
C GLY D 85 -18.46 20.54 48.21
N TYR D 86 -19.56 20.27 47.51
CA TYR D 86 -20.24 18.98 47.60
C TYR D 86 -20.83 18.66 46.25
N SER D 87 -21.30 17.42 46.11
CA SER D 87 -21.91 16.95 44.86
C SER D 87 -23.34 16.53 45.14
N PRO D 88 -24.34 17.33 44.73
CA PRO D 88 -25.73 16.88 44.90
C PRO D 88 -26.05 15.65 44.06
N THR D 89 -25.38 15.49 42.91
CA THR D 89 -25.58 14.31 42.09
C THR D 89 -25.06 13.05 42.81
N LEU D 90 -23.89 13.15 43.44
CA LEU D 90 -23.36 11.99 44.15
C LEU D 90 -24.18 11.68 45.39
N ASN D 91 -24.69 12.71 46.06
CA ASN D 91 -25.52 12.48 47.24
C ASN D 91 -26.82 11.78 46.88
N ASP D 92 -27.38 12.09 45.71
CA ASP D 92 -28.61 11.45 45.25
C ASP D 92 -28.38 10.74 43.92
N PHE D 93 -27.44 9.80 43.89
CA PHE D 93 -27.06 9.18 42.62
C PHE D 93 -28.13 8.20 42.13
N GLY D 94 -28.84 7.55 43.05
CA GLY D 94 -29.91 6.66 42.64
C GLY D 94 -30.96 7.36 41.82
N LYS D 95 -31.33 8.58 42.23
CA LYS D 95 -32.29 9.36 41.45
C LYS D 95 -31.68 9.83 40.14
N PHE D 96 -30.38 10.12 40.13
CA PHE D 96 -29.72 10.51 38.89
C PHE D 96 -29.62 9.33 37.93
N ASP D 97 -29.26 8.16 38.45
CA ASP D 97 -29.17 6.96 37.61
C ASP D 97 -30.50 6.65 36.93
N LYS D 98 -31.59 6.67 37.70
CA LYS D 98 -32.90 6.35 37.14
C LYS D 98 -33.34 7.43 36.15
N MET D 99 -33.03 8.69 36.46
CA MET D 99 -33.42 9.79 35.59
C MET D 99 -32.55 9.88 34.34
N TYR D 100 -31.27 9.54 34.45
CA TYR D 100 -30.40 9.54 33.27
C TYR D 100 -30.80 8.46 32.26
N SER D 101 -31.39 7.36 32.75
CA SER D 101 -31.88 6.33 31.84
C SER D 101 -33.01 6.86 30.96
N TYR D 102 -33.83 7.77 31.48
CA TYR D 102 -34.94 8.30 30.70
C TYR D 102 -34.45 9.24 29.60
N VAL D 103 -33.48 10.11 29.92
CA VAL D 103 -32.97 11.04 28.92
C VAL D 103 -32.21 10.32 27.82
N ASN D 104 -31.50 9.24 28.15
CA ASN D 104 -30.78 8.50 27.12
C ASN D 104 -31.73 7.80 26.17
N LYS D 105 -32.79 7.19 26.70
CA LYS D 105 -33.79 6.57 25.83
C LYS D 105 -34.47 7.63 24.96
N ALA D 106 -34.76 8.80 25.54
CA ALA D 106 -35.41 9.86 24.78
C ALA D 106 -34.47 10.47 23.76
N TYR D 107 -33.18 10.59 24.10
CA TYR D 107 -32.23 11.23 23.19
C TYR D 107 -32.02 10.40 21.93
N TYR D 108 -31.91 9.08 22.07
CA TYR D 108 -31.58 8.22 20.93
C TYR D 108 -32.81 7.66 20.23
N ASN D 109 -34.01 7.98 20.70
CA ASN D 109 -35.24 7.48 20.10
C ASN D 109 -36.22 8.57 19.70
N ASP D 110 -36.05 9.80 20.17
CA ASP D 110 -36.97 10.89 19.86
C ASP D 110 -36.21 11.98 19.12
N GLY D 111 -36.73 12.38 17.96
CA GLY D 111 -36.08 13.40 17.17
C GLY D 111 -36.14 14.78 17.80
N ASP D 112 -37.19 15.05 18.58
CA ASP D 112 -37.31 16.33 19.26
C ASP D 112 -36.22 16.53 20.31
N ILE D 113 -35.66 15.45 20.84
CA ILE D 113 -34.56 15.56 21.79
C ILE D 113 -33.20 15.51 21.09
N TYR D 114 -33.08 14.64 20.09
CA TYR D 114 -31.81 14.47 19.39
C TYR D 114 -31.38 15.75 18.69
N TYR D 115 -32.33 16.49 18.13
CA TYR D 115 -32.05 17.72 17.41
C TYR D 115 -32.24 18.97 18.27
N SER D 116 -32.42 18.80 19.58
CA SER D 116 -32.56 19.94 20.46
C SER D 116 -31.78 19.82 21.76
N SER D 117 -31.13 18.68 22.02
CA SER D 117 -30.39 18.49 23.25
C SER D 117 -29.10 19.27 23.25
N TYR D 118 -28.63 19.60 24.45
CA TYR D 118 -27.35 20.29 24.64
C TYR D 118 -26.38 19.46 25.45
N ASP D 119 -26.83 18.90 26.57
CA ASP D 119 -25.98 18.11 27.44
C ASP D 119 -26.86 17.17 28.24
N LEU D 120 -26.67 15.86 28.07
CA LEU D 120 -27.53 14.90 28.74
C LEU D 120 -27.37 14.99 30.25
N TYR D 121 -26.18 15.35 30.72
CA TYR D 121 -25.96 15.53 32.15
C TYR D 121 -26.69 16.76 32.67
N ASP D 122 -26.49 17.90 32.00
CA ASP D 122 -27.11 19.14 32.44
C ASP D 122 -28.63 19.04 32.41
N GLU D 123 -29.18 18.43 31.36
CA GLU D 123 -30.63 18.31 31.25
C GLU D 123 -31.19 17.31 32.24
N THR D 124 -30.40 16.31 32.64
CA THR D 124 -30.83 15.41 33.70
C THR D 124 -30.94 16.14 35.03
N ILE D 125 -30.02 17.07 35.30
CA ILE D 125 -30.07 17.81 36.56
C ILE D 125 -31.29 18.72 36.59
N LYS D 126 -31.51 19.50 35.53
CA LYS D 126 -32.66 20.39 35.49
C LYS D 126 -33.96 19.61 35.56
N LEU D 127 -34.00 18.44 34.89
CA LEU D 127 -35.19 17.61 34.97
C LEU D 127 -35.43 17.11 36.39
N LEU D 128 -34.35 16.77 37.10
CA LEU D 128 -34.49 16.43 38.51
C LEU D 128 -34.91 17.63 39.33
N GLU D 129 -34.38 18.81 39.00
CA GLU D 129 -34.72 20.02 39.74
C GLU D 129 -36.17 20.43 39.51
N LEU D 130 -36.73 20.12 38.34
CA LEU D 130 -38.12 20.47 38.09
C LEU D 130 -39.09 19.51 38.75
N LEU D 131 -38.65 18.27 38.99
CA LEU D 131 -39.46 17.35 39.79
C LEU D 131 -39.40 17.75 41.25
N LYS D 132 -38.22 18.19 41.71
CA LYS D 132 -38.10 18.71 43.06
C LYS D 132 -38.81 20.05 43.20
N GLU D 133 -38.79 20.86 42.13
CA GLU D 133 -39.55 22.10 42.12
C GLU D 133 -41.03 21.82 42.36
N SER D 134 -41.55 20.76 41.76
CA SER D 134 -42.91 20.35 42.04
C SER D 134 -42.96 19.36 43.19
N LYS D 135 -41.80 19.10 43.82
CA LYS D 135 -41.65 18.08 44.85
C LYS D 135 -42.37 16.84 44.36
N ILE D 136 -41.88 16.25 43.29
CA ILE D 136 -42.39 14.99 42.76
C ILE D 136 -41.23 14.01 42.80
N ASN D 137 -41.52 12.81 43.28
CA ASN D 137 -40.48 11.83 43.47
C ASN D 137 -40.22 11.07 42.19
N VAL D 138 -38.94 10.83 41.91
CA VAL D 138 -38.53 9.99 40.79
C VAL D 138 -39.04 8.61 41.17
N ASN D 139 -39.04 7.66 40.23
CA ASN D 139 -39.45 6.27 40.46
C ASN D 139 -40.97 6.18 40.57
N ASP D 140 -41.62 7.32 40.81
CA ASP D 140 -43.07 7.44 40.73
C ASP D 140 -43.50 7.96 39.37
N ILE D 141 -42.52 8.36 38.55
CA ILE D 141 -42.71 9.02 37.27
C ILE D 141 -42.64 7.97 36.17
N ASP D 142 -43.30 8.25 35.05
CA ASP D 142 -43.24 7.40 33.87
C ASP D 142 -42.24 7.98 32.86
N TYR D 143 -41.90 7.16 31.87
CA TYR D 143 -40.97 7.63 30.83
C TYR D 143 -41.65 8.66 29.95
N ASP D 144 -42.89 8.40 29.53
CA ASP D 144 -43.62 9.34 28.69
C ASP D 144 -43.91 10.64 29.42
N TYR D 145 -44.09 10.56 30.74
CA TYR D 145 -44.31 11.77 31.54
C TYR D 145 -43.06 12.63 31.55
N VAL D 146 -41.90 12.01 31.71
CA VAL D 146 -40.66 12.78 31.70
C VAL D 146 -40.33 13.28 30.29
N LEU D 147 -40.65 12.49 29.26
CA LEU D 147 -40.37 12.93 27.89
C LEU D 147 -41.15 14.19 27.53
N LYS D 148 -42.40 14.29 27.99
CA LYS D 148 -43.15 15.51 27.70
C LYS D 148 -42.48 16.71 28.33
N LEU D 149 -42.04 16.57 29.58
CA LEU D 149 -41.34 17.66 30.24
C LEU D 149 -39.98 17.92 29.62
N TYR D 150 -39.32 16.86 29.11
CA TYR D 150 -38.04 17.03 28.43
C TYR D 150 -38.18 17.93 27.21
N LYS D 151 -39.26 17.76 26.45
CA LYS D 151 -39.45 18.55 25.24
C LYS D 151 -39.84 19.99 25.55
N GLN D 152 -40.39 20.27 26.74
CA GLN D 152 -40.73 21.64 27.09
C GLN D 152 -39.48 22.44 27.45
N ILE D 153 -38.53 21.82 28.15
CA ILE D 153 -37.30 22.53 28.49
C ILE D 153 -36.51 22.85 27.23
N LEU D 154 -36.63 22.02 26.20
CA LEU D 154 -35.95 22.22 24.93
C LEU D 154 -36.87 22.91 23.92
N SER D 155 -37.72 23.81 24.39
CA SER D 155 -38.71 24.50 23.56
C SER D 155 -39.52 23.53 22.71
N HIS E 15 -51.20 -4.79 -8.94
CA HIS E 15 -50.53 -3.51 -9.19
C HIS E 15 -49.12 -3.73 -9.72
N TYR E 16 -48.20 -4.01 -8.82
CA TYR E 16 -46.80 -4.21 -9.18
C TYR E 16 -46.61 -5.45 -10.05
N GLY E 17 -47.52 -6.42 -9.97
CA GLY E 17 -47.42 -7.59 -10.82
C GLY E 17 -47.52 -7.27 -12.30
N THR E 18 -48.42 -6.35 -12.65
CA THR E 18 -48.52 -5.92 -14.05
C THR E 18 -47.25 -5.20 -14.49
N ILE E 19 -46.64 -4.45 -13.58
CA ILE E 19 -45.41 -3.73 -13.90
C ILE E 19 -44.31 -4.72 -14.29
N ILE E 20 -44.18 -5.80 -13.52
CA ILE E 20 -43.08 -6.74 -13.73
C ILE E 20 -43.23 -7.46 -15.07
N LYS E 21 -44.45 -7.90 -15.41
CA LYS E 21 -44.66 -8.65 -16.65
C LYS E 21 -44.32 -7.84 -17.88
N THR E 22 -44.67 -6.55 -17.88
CA THR E 22 -44.37 -5.74 -19.05
C THR E 22 -42.87 -5.50 -19.18
N LEU E 23 -42.20 -5.21 -18.06
CA LEU E 23 -40.77 -4.92 -18.12
C LEU E 23 -39.94 -6.17 -18.37
N ARG E 24 -40.38 -7.33 -17.86
CA ARG E 24 -39.67 -8.56 -18.16
C ARG E 24 -39.72 -8.90 -19.64
N LYS E 25 -40.89 -8.74 -20.26
CA LYS E 25 -41.02 -9.00 -21.69
C LYS E 25 -40.26 -7.98 -22.52
N TYR E 26 -40.19 -6.73 -22.07
CA TYR E 26 -39.47 -5.69 -22.82
C TYR E 26 -37.97 -5.98 -22.88
N MET E 27 -37.40 -6.50 -21.79
CA MET E 27 -35.98 -6.81 -21.73
C MET E 27 -35.67 -8.26 -22.13
N LYS E 28 -36.61 -8.94 -22.79
CA LYS E 28 -36.43 -10.28 -23.40
C LYS E 28 -35.99 -11.35 -22.38
N LEU E 29 -36.67 -11.42 -21.24
CA LEU E 29 -36.36 -12.44 -20.24
C LEU E 29 -37.49 -13.45 -20.10
N THR E 30 -37.09 -14.71 -19.97
CA THR E 30 -37.94 -15.85 -19.72
C THR E 30 -38.36 -15.90 -18.24
N GLN E 31 -39.39 -16.71 -17.99
CA GLN E 31 -39.80 -17.03 -16.63
C GLN E 31 -38.64 -17.66 -15.84
N SER E 32 -37.82 -18.47 -16.51
CA SER E 32 -36.71 -19.15 -15.86
C SER E 32 -35.53 -18.22 -15.61
N LYS E 33 -35.18 -17.40 -16.61
CA LYS E 33 -34.02 -16.52 -16.49
C LYS E 33 -34.19 -15.55 -15.32
N LEU E 34 -35.41 -15.08 -15.10
CA LEU E 34 -35.72 -14.25 -13.94
C LEU E 34 -35.49 -14.98 -12.62
N SER E 35 -35.74 -16.30 -12.58
CA SER E 35 -35.79 -17.01 -11.30
C SER E 35 -34.45 -17.03 -10.56
N GLU E 36 -33.38 -17.43 -11.23
CA GLU E 36 -32.04 -17.40 -10.62
C GLU E 36 -31.38 -16.04 -10.54
N ARG E 37 -31.89 -15.01 -11.21
CA ARG E 37 -31.35 -13.70 -10.91
C ARG E 37 -31.94 -13.20 -9.60
N THR E 38 -33.26 -13.28 -9.47
CA THR E 38 -33.95 -12.90 -8.25
C THR E 38 -33.60 -13.86 -7.11
N GLY E 39 -33.51 -15.16 -7.42
CA GLY E 39 -33.54 -16.18 -6.41
C GLY E 39 -34.95 -16.66 -6.10
N PHE E 40 -35.97 -16.01 -6.67
CA PHE E 40 -37.35 -16.42 -6.48
C PHE E 40 -37.66 -17.68 -7.27
N SER E 41 -38.54 -18.50 -6.71
CA SER E 41 -39.05 -19.63 -7.45
C SER E 41 -40.03 -19.15 -8.52
N GLN E 42 -40.20 -19.96 -9.56
CA GLN E 42 -41.11 -19.59 -10.64
C GLN E 42 -42.56 -19.50 -10.16
N ASN E 43 -42.91 -20.25 -9.10
CA ASN E 43 -44.26 -20.18 -8.58
C ASN E 43 -44.50 -18.87 -7.84
N THR E 44 -43.49 -18.42 -7.08
CA THR E 44 -43.60 -17.12 -6.42
C THR E 44 -43.72 -16.00 -7.45
N ILE E 45 -42.92 -16.08 -8.52
CA ILE E 45 -42.98 -15.08 -9.57
C ILE E 45 -44.32 -15.12 -10.30
N SER E 46 -44.82 -16.33 -10.57
CA SER E 46 -46.08 -16.45 -11.32
C SER E 46 -47.25 -15.88 -10.53
N ASN E 47 -47.30 -16.15 -9.22
CA ASN E 47 -48.37 -15.59 -8.41
C ASN E 47 -48.20 -14.08 -8.26
N HIS E 48 -46.97 -13.59 -8.33
CA HIS E 48 -46.73 -12.15 -8.26
C HIS E 48 -47.27 -11.45 -9.51
N GLU E 49 -46.98 -11.99 -10.69
CA GLU E 49 -47.30 -11.28 -11.92
C GLU E 49 -48.80 -11.22 -12.22
N ASN E 50 -49.58 -12.24 -11.84
CA ASN E 50 -51.01 -12.14 -12.12
C ASN E 50 -51.76 -11.45 -10.99
N GLY E 51 -51.29 -11.58 -9.75
CA GLY E 51 -51.92 -10.88 -8.64
C GLY E 51 -52.34 -11.73 -7.46
N ASN E 52 -52.04 -13.03 -7.43
CA ASN E 52 -52.45 -13.85 -6.30
C ASN E 52 -51.64 -13.48 -5.05
N ARG E 53 -50.33 -13.38 -5.19
CA ARG E 53 -49.44 -13.00 -4.11
C ARG E 53 -48.95 -11.58 -4.33
N ASN E 54 -49.09 -10.75 -3.30
CA ASN E 54 -48.62 -9.37 -3.35
C ASN E 54 -47.11 -9.32 -3.18
N ILE E 55 -46.50 -8.28 -3.75
CA ILE E 55 -45.06 -8.11 -3.72
C ILE E 55 -44.73 -7.09 -2.64
N GLY E 56 -43.95 -7.50 -1.64
CA GLY E 56 -43.53 -6.54 -0.64
C GLY E 56 -42.39 -5.70 -1.19
N VAL E 57 -42.16 -4.54 -0.55
CA VAL E 57 -41.26 -3.56 -1.16
C VAL E 57 -39.81 -4.00 -1.17
N ASN E 58 -39.40 -4.93 -0.32
CA ASN E 58 -38.03 -5.40 -0.39
C ASN E 58 -37.80 -6.31 -1.59
N GLU E 59 -38.87 -6.83 -2.20
CA GLU E 59 -38.75 -7.66 -3.38
C GLU E 59 -38.57 -6.85 -4.67
N ILE E 60 -39.14 -5.65 -4.74
CA ILE E 60 -39.00 -4.83 -5.95
C ILE E 60 -37.54 -4.46 -6.19
N GLU E 61 -36.78 -4.20 -5.12
CA GLU E 61 -35.36 -3.99 -5.29
C GLU E 61 -34.69 -5.23 -5.85
N ILE E 62 -35.14 -6.41 -5.40
CA ILE E 62 -34.60 -7.65 -5.94
C ILE E 62 -35.01 -7.82 -7.39
N TYR E 63 -36.27 -7.48 -7.71
CA TYR E 63 -36.72 -7.52 -9.09
C TYR E 63 -36.00 -6.47 -9.93
N GLY E 64 -35.76 -5.29 -9.35
CA GLY E 64 -35.08 -4.24 -10.10
C GLY E 64 -33.69 -4.63 -10.53
N LYS E 65 -32.92 -5.25 -9.63
CA LYS E 65 -31.59 -5.72 -10.00
C LYS E 65 -31.69 -6.89 -10.98
N GLY E 66 -32.69 -7.75 -10.81
CA GLY E 66 -32.86 -8.87 -11.72
C GLY E 66 -33.27 -8.43 -13.11
N LEU E 67 -34.04 -7.34 -13.21
CA LEU E 67 -34.46 -6.80 -14.50
C LEU E 67 -33.45 -5.85 -15.10
N GLY E 68 -32.56 -5.28 -14.28
CA GLY E 68 -31.64 -4.26 -14.76
C GLY E 68 -32.19 -2.85 -14.75
N ILE E 69 -33.20 -2.56 -13.94
CA ILE E 69 -33.76 -1.21 -13.87
C ILE E 69 -33.71 -0.77 -12.41
N PRO E 70 -33.35 0.48 -12.14
CA PRO E 70 -33.38 0.97 -10.75
C PRO E 70 -34.77 0.84 -10.15
N SER E 71 -34.81 0.37 -8.91
CA SER E 71 -36.10 0.05 -8.27
C SER E 71 -36.96 1.29 -8.12
N TYR E 72 -36.36 2.47 -7.99
CA TYR E 72 -37.15 3.68 -7.78
C TYR E 72 -37.96 4.05 -9.01
N ILE E 73 -37.55 3.62 -10.20
CA ILE E 73 -38.37 3.86 -11.38
C ILE E 73 -39.62 2.99 -11.34
N LEU E 74 -39.53 1.79 -10.76
CA LEU E 74 -40.72 0.94 -10.63
C LEU E 74 -41.73 1.55 -9.68
N HIS E 75 -41.25 2.27 -8.65
CA HIS E 75 -42.14 3.01 -7.78
C HIS E 75 -42.75 4.20 -8.52
N ARG E 76 -41.95 4.85 -9.37
CA ARG E 76 -42.46 5.98 -10.15
C ARG E 76 -43.50 5.53 -11.16
N ILE E 77 -43.34 4.32 -11.71
CA ILE E 77 -44.35 3.76 -12.60
C ILE E 77 -45.63 3.50 -11.82
N SER E 78 -45.51 3.01 -10.59
CA SER E 78 -46.67 2.80 -9.74
C SER E 78 -47.38 4.11 -9.44
N ASP E 79 -46.62 5.22 -9.36
CA ASP E 79 -47.25 6.52 -9.14
C ASP E 79 -48.08 6.94 -10.34
N GLU E 80 -47.67 6.55 -11.55
CA GLU E 80 -48.48 6.84 -12.73
C GLU E 80 -49.79 6.05 -12.70
N PHE E 81 -49.74 4.81 -12.22
CA PHE E 81 -50.96 4.03 -12.07
C PHE E 81 -51.90 4.67 -11.07
N LYS E 82 -51.37 5.10 -9.92
CA LYS E 82 -52.21 5.75 -8.92
C LYS E 82 -52.74 7.09 -9.41
N GLU E 83 -51.98 7.75 -10.28
CA GLU E 83 -52.33 9.09 -10.76
C GLU E 83 -53.25 9.05 -11.97
N LYS E 84 -53.09 8.07 -12.86
CA LYS E 84 -53.84 8.03 -14.10
C LYS E 84 -54.66 6.76 -14.32
N GLY E 85 -54.50 5.74 -13.49
CA GLY E 85 -55.07 4.43 -13.74
C GLY E 85 -54.22 3.56 -14.64
N TYR E 86 -53.25 4.13 -15.34
CA TYR E 86 -52.31 3.37 -16.16
C TYR E 86 -50.98 4.12 -16.14
N SER E 87 -49.96 3.51 -16.73
CA SER E 87 -48.64 4.13 -16.76
C SER E 87 -48.25 4.40 -18.21
N PRO E 88 -48.28 5.65 -18.66
CA PRO E 88 -47.82 5.96 -20.02
C PRO E 88 -46.35 5.66 -20.23
N THR E 89 -45.53 5.82 -19.19
CA THR E 89 -44.12 5.48 -19.30
C THR E 89 -43.95 3.98 -19.53
N LEU E 90 -44.71 3.15 -18.82
CA LEU E 90 -44.61 1.72 -19.02
C LEU E 90 -45.15 1.33 -20.40
N ASN E 91 -46.19 2.03 -20.87
CA ASN E 91 -46.70 1.77 -22.21
C ASN E 91 -45.68 2.17 -23.27
N ASP E 92 -44.90 3.21 -23.02
CA ASP E 92 -43.86 3.64 -23.95
C ASP E 92 -42.49 3.55 -23.27
N PHE E 93 -42.13 2.35 -22.81
CA PHE E 93 -40.90 2.20 -22.05
C PHE E 93 -39.67 2.25 -22.95
N GLY E 94 -39.80 1.81 -24.20
CA GLY E 94 -38.67 1.83 -25.11
C GLY E 94 -38.08 3.22 -25.30
N LYS E 95 -38.93 4.24 -25.46
CA LYS E 95 -38.41 5.59 -25.58
C LYS E 95 -37.87 6.10 -24.24
N PHE E 96 -38.48 5.69 -23.13
CA PHE E 96 -37.98 6.11 -21.82
C PHE E 96 -36.63 5.48 -21.51
N ASP E 97 -36.48 4.18 -21.77
CA ASP E 97 -35.22 3.50 -21.50
C ASP E 97 -34.06 4.12 -22.29
N LYS E 98 -34.26 4.33 -23.60
CA LYS E 98 -33.18 4.87 -24.42
C LYS E 98 -32.88 6.32 -24.04
N MET E 99 -33.92 7.10 -23.72
CA MET E 99 -33.69 8.48 -23.34
C MET E 99 -33.14 8.59 -21.93
N TYR E 100 -33.51 7.66 -21.04
CA TYR E 100 -32.92 7.66 -19.71
C TYR E 100 -31.43 7.37 -19.80
N SER E 101 -31.00 6.63 -20.83
CA SER E 101 -29.58 6.45 -21.07
C SER E 101 -28.94 7.79 -21.41
N TYR E 102 -29.66 8.65 -22.13
CA TYR E 102 -29.13 9.95 -22.49
C TYR E 102 -29.12 10.89 -21.28
N VAL E 103 -30.18 10.87 -20.47
CA VAL E 103 -30.24 11.72 -19.29
C VAL E 103 -29.21 11.28 -18.27
N ASN E 104 -28.97 9.96 -18.16
CA ASN E 104 -27.96 9.46 -17.24
C ASN E 104 -26.56 9.83 -17.71
N LYS E 105 -26.30 9.72 -19.00
CA LYS E 105 -24.99 10.11 -19.53
C LYS E 105 -24.73 11.60 -19.33
N ALA E 106 -25.76 12.44 -19.52
CA ALA E 106 -25.56 13.88 -19.38
C ALA E 106 -25.34 14.27 -17.92
N TYR E 107 -26.00 13.58 -17.00
CA TYR E 107 -25.87 13.92 -15.58
C TYR E 107 -24.45 13.65 -15.08
N TYR E 108 -23.86 12.54 -15.51
CA TYR E 108 -22.55 12.12 -15.03
C TYR E 108 -21.40 12.60 -15.90
N ASN E 109 -21.67 13.32 -17.00
CA ASN E 109 -20.61 13.79 -17.88
C ASN E 109 -20.60 15.29 -18.11
N ASP E 110 -21.67 16.00 -17.82
CA ASP E 110 -21.75 17.44 -18.04
C ASP E 110 -22.03 18.12 -16.71
N GLY E 111 -21.23 19.13 -16.38
CA GLY E 111 -21.41 19.84 -15.11
C GLY E 111 -22.68 20.66 -15.06
N ASP E 112 -23.18 21.12 -16.20
CA ASP E 112 -24.41 21.89 -16.22
C ASP E 112 -25.61 21.07 -15.78
N ILE E 113 -25.56 19.74 -15.92
CA ILE E 113 -26.63 18.88 -15.44
C ILE E 113 -26.36 18.39 -14.02
N TYR E 114 -25.10 18.06 -13.73
CA TYR E 114 -24.75 17.52 -12.41
C TYR E 114 -25.03 18.53 -11.31
N TYR E 115 -24.80 19.81 -11.56
CA TYR E 115 -25.01 20.85 -10.56
C TYR E 115 -26.36 21.55 -10.73
N SER E 116 -27.25 21.01 -11.56
CA SER E 116 -28.58 21.57 -11.72
C SER E 116 -29.68 20.53 -11.73
N SER E 117 -29.37 19.24 -11.72
CA SER E 117 -30.41 18.23 -11.79
C SER E 117 -31.15 18.12 -10.47
N TYR E 118 -32.41 17.70 -10.56
CA TYR E 118 -33.26 17.47 -9.40
C TYR E 118 -33.76 16.04 -9.31
N ASP E 119 -34.21 15.47 -10.42
CA ASP E 119 -34.72 14.10 -10.43
C ASP E 119 -34.57 13.57 -11.85
N LEU E 120 -33.78 12.51 -12.01
CA LEU E 120 -33.50 12.00 -13.35
C LEU E 120 -34.76 11.45 -14.02
N TYR E 121 -35.69 10.91 -13.23
CA TYR E 121 -36.94 10.41 -13.81
C TYR E 121 -37.81 11.56 -14.31
N ASP E 122 -38.05 12.56 -13.45
CA ASP E 122 -38.90 13.67 -13.85
C ASP E 122 -38.31 14.42 -15.03
N GLU E 123 -36.99 14.59 -15.07
CA GLU E 123 -36.38 15.28 -16.19
C GLU E 123 -36.41 14.45 -17.46
N THR E 124 -36.39 13.11 -17.33
CA THR E 124 -36.58 12.25 -18.48
C THR E 124 -38.02 12.31 -19.00
N ILE E 125 -38.99 12.36 -18.09
CA ILE E 125 -40.40 12.35 -18.51
C ILE E 125 -40.75 13.62 -19.25
N LYS E 126 -40.43 14.79 -18.68
CA LYS E 126 -40.77 16.04 -19.34
C LYS E 126 -40.06 16.16 -20.67
N LEU E 127 -38.78 15.76 -20.72
CA LEU E 127 -37.99 15.86 -21.94
C LEU E 127 -38.58 15.01 -23.06
N LEU E 128 -39.13 13.84 -22.71
CA LEU E 128 -39.83 13.04 -23.71
C LEU E 128 -41.05 13.78 -24.23
N GLU E 129 -41.73 14.52 -23.35
CA GLU E 129 -42.90 15.27 -23.76
C GLU E 129 -42.54 16.41 -24.72
N LEU E 130 -41.32 16.96 -24.62
CA LEU E 130 -40.95 18.02 -25.55
C LEU E 130 -40.61 17.47 -26.93
N LEU E 131 -40.16 16.22 -27.00
CA LEU E 131 -40.00 15.55 -28.29
C LEU E 131 -41.33 15.11 -28.86
N LYS E 132 -42.23 14.62 -28.00
CA LYS E 132 -43.56 14.22 -28.45
C LYS E 132 -44.40 15.44 -28.82
N GLU E 133 -44.23 16.54 -28.11
CA GLU E 133 -44.96 17.76 -28.43
C GLU E 133 -44.65 18.24 -29.84
N SER E 134 -43.37 18.22 -30.23
CA SER E 134 -42.94 18.64 -31.56
C SER E 134 -42.79 17.49 -32.54
N LYS E 135 -43.23 16.28 -32.19
CA LYS E 135 -43.06 15.08 -33.00
C LYS E 135 -41.62 14.87 -33.48
N ILE E 136 -40.73 14.48 -32.58
CA ILE E 136 -39.41 14.02 -32.95
C ILE E 136 -39.26 12.61 -32.39
N ASN E 137 -38.73 11.71 -33.21
CA ASN E 137 -38.62 10.30 -32.83
C ASN E 137 -37.33 10.05 -32.05
N VAL E 138 -37.40 9.11 -31.11
CA VAL E 138 -36.31 8.85 -30.18
C VAL E 138 -35.06 8.38 -30.93
N ASN E 139 -35.10 7.21 -31.59
CA ASN E 139 -33.98 6.76 -32.43
C ASN E 139 -33.58 7.80 -33.48
N ASP E 140 -34.43 8.79 -33.74
CA ASP E 140 -34.11 9.84 -34.71
C ASP E 140 -33.38 11.01 -34.09
N ILE E 141 -33.32 11.07 -32.76
CA ILE E 141 -32.66 12.17 -32.07
C ILE E 141 -31.27 11.71 -31.68
N ASP E 142 -30.33 12.66 -31.62
CA ASP E 142 -28.98 12.37 -31.16
C ASP E 142 -28.79 12.82 -29.72
N TYR E 143 -27.68 12.37 -29.13
CA TYR E 143 -27.39 12.74 -27.74
C TYR E 143 -27.03 14.21 -27.63
N ASP E 144 -26.25 14.72 -28.58
CA ASP E 144 -25.79 16.10 -28.49
C ASP E 144 -26.97 17.09 -28.55
N TYR E 145 -27.98 16.80 -29.36
CA TYR E 145 -29.16 17.66 -29.38
C TYR E 145 -29.98 17.50 -28.11
N VAL E 146 -30.09 16.28 -27.60
CA VAL E 146 -30.85 16.06 -26.38
C VAL E 146 -30.18 16.76 -25.20
N LEU E 147 -28.85 16.78 -25.20
CA LEU E 147 -28.13 17.49 -24.15
C LEU E 147 -28.43 18.99 -24.18
N LYS E 148 -28.57 19.55 -25.38
CA LYS E 148 -28.89 20.97 -25.49
C LYS E 148 -30.25 21.30 -24.90
N LEU E 149 -31.27 20.46 -25.18
CA LEU E 149 -32.59 20.71 -24.64
C LEU E 149 -32.62 20.50 -23.14
N TYR E 150 -31.78 19.60 -22.63
CA TYR E 150 -31.69 19.37 -21.19
C TYR E 150 -31.24 20.61 -20.44
N LYS E 151 -30.34 21.41 -21.04
CA LYS E 151 -29.82 22.57 -20.32
C LYS E 151 -30.82 23.71 -20.19
N GLN E 152 -31.83 23.80 -21.06
CA GLN E 152 -32.83 24.85 -20.90
C GLN E 152 -33.84 24.50 -19.82
N ILE E 153 -34.24 23.23 -19.73
CA ILE E 153 -35.22 22.84 -18.72
C ILE E 153 -34.63 23.05 -17.32
N LEU E 154 -33.31 22.97 -17.21
CA LEU E 154 -32.62 23.21 -15.94
C LEU E 154 -32.16 24.65 -15.82
N SER E 155 -32.99 25.56 -16.33
CA SER E 155 -32.76 27.01 -16.42
C SER E 155 -31.38 27.52 -16.00
N PRO F 13 8.55 20.79 -20.85
CA PRO F 13 7.48 21.77 -20.88
C PRO F 13 7.85 23.03 -20.12
N THR F 14 8.64 23.88 -20.77
CA THR F 14 9.07 25.17 -20.24
C THR F 14 9.96 24.98 -19.02
N HIS F 15 11.23 24.61 -19.27
CA HIS F 15 12.37 24.69 -18.35
C HIS F 15 12.41 23.59 -17.30
N TYR F 16 11.60 22.54 -17.38
CA TYR F 16 11.62 21.51 -16.36
C TYR F 16 12.94 20.76 -16.34
N GLY F 17 13.66 20.71 -17.46
CA GLY F 17 14.96 20.08 -17.48
C GLY F 17 15.97 20.79 -16.60
N THR F 18 15.96 22.13 -16.62
CA THR F 18 16.85 22.89 -15.76
C THR F 18 16.48 22.71 -14.28
N ILE F 19 15.19 22.58 -13.99
CA ILE F 19 14.74 22.39 -12.61
C ILE F 19 15.32 21.11 -12.04
N ILE F 20 15.22 20.01 -12.80
CA ILE F 20 15.66 18.71 -12.30
C ILE F 20 17.18 18.69 -12.14
N LYS F 21 17.90 19.18 -13.14
CA LYS F 21 19.35 19.16 -13.09
C LYS F 21 19.87 20.02 -11.94
N THR F 22 19.25 21.18 -11.72
CA THR F 22 19.68 22.04 -10.62
C THR F 22 19.35 21.45 -9.27
N LEU F 23 18.15 20.89 -9.11
CA LEU F 23 17.76 20.34 -7.82
C LEU F 23 18.46 19.02 -7.53
N ARG F 24 18.79 18.24 -8.57
CA ARG F 24 19.56 17.03 -8.34
C ARG F 24 20.95 17.36 -7.79
N LYS F 25 21.59 18.39 -8.36
CA LYS F 25 22.88 18.81 -7.86
C LYS F 25 22.76 19.46 -6.48
N TYR F 26 21.66 20.15 -6.21
CA TYR F 26 21.48 20.76 -4.89
C TYR F 26 21.37 19.70 -3.81
N MET F 27 20.72 18.58 -4.12
CA MET F 27 20.57 17.49 -3.16
C MET F 27 21.72 16.50 -3.21
N LYS F 28 22.82 16.85 -3.89
CA LYS F 28 24.05 16.05 -3.91
C LYS F 28 23.79 14.62 -4.37
N LEU F 29 23.04 14.50 -5.46
CA LEU F 29 22.71 13.21 -6.04
C LEU F 29 23.37 13.05 -7.40
N THR F 30 23.91 11.87 -7.65
CA THR F 30 24.43 11.56 -8.97
C THR F 30 23.27 11.28 -9.91
N GLN F 31 23.54 11.35 -11.22
CA GLN F 31 22.55 10.92 -12.19
C GLN F 31 22.14 9.48 -11.94
N SER F 32 23.08 8.66 -11.46
CA SER F 32 22.77 7.25 -11.20
C SER F 32 21.90 7.09 -9.97
N LYS F 33 22.21 7.80 -8.89
CA LYS F 33 21.41 7.68 -7.67
C LYS F 33 19.97 8.14 -7.91
N LEU F 34 19.80 9.24 -8.64
CA LEU F 34 18.45 9.63 -9.06
C LEU F 34 17.86 8.57 -9.97
N SER F 35 18.69 7.95 -10.81
CA SER F 35 18.23 6.90 -11.70
C SER F 35 17.76 5.69 -10.91
N GLU F 36 18.44 5.40 -9.80
CA GLU F 36 18.09 4.27 -8.95
C GLU F 36 16.86 4.52 -8.10
N ARG F 37 16.52 5.79 -7.84
CA ARG F 37 15.30 6.12 -7.14
C ARG F 37 14.10 6.24 -8.08
N THR F 38 14.24 7.04 -9.14
CA THR F 38 13.14 7.26 -10.07
C THR F 38 12.76 5.98 -10.81
N GLY F 39 13.75 5.17 -11.17
CA GLY F 39 13.56 4.12 -12.13
C GLY F 39 13.85 4.52 -13.55
N PHE F 40 14.13 5.80 -13.79
CA PHE F 40 14.55 6.25 -15.10
C PHE F 40 15.99 5.83 -15.37
N SER F 41 16.28 5.55 -16.64
CA SER F 41 17.66 5.26 -17.02
C SER F 41 18.50 6.54 -16.96
N GLN F 42 19.82 6.35 -16.85
CA GLN F 42 20.71 7.50 -16.82
C GLN F 42 20.66 8.27 -18.13
N ASN F 43 20.34 7.59 -19.23
CA ASN F 43 20.23 8.26 -20.51
C ASN F 43 18.94 9.06 -20.61
N THR F 44 17.84 8.51 -20.08
CA THR F 44 16.58 9.26 -20.07
C THR F 44 16.71 10.51 -19.21
N ILE F 45 17.36 10.39 -18.05
CA ILE F 45 17.56 11.53 -17.18
C ILE F 45 18.46 12.56 -17.84
N SER F 46 19.51 12.10 -18.53
CA SER F 46 20.44 13.03 -19.16
C SER F 46 19.75 13.82 -20.27
N ASN F 47 18.91 13.15 -21.06
CA ASN F 47 18.15 13.85 -22.10
C ASN F 47 17.10 14.76 -21.50
N HIS F 48 16.57 14.40 -20.33
CA HIS F 48 15.61 15.26 -19.65
C HIS F 48 16.28 16.56 -19.18
N GLU F 49 17.45 16.45 -18.55
CA GLU F 49 18.11 17.62 -18.00
C GLU F 49 18.61 18.56 -19.09
N ASN F 50 18.98 18.03 -20.25
CA ASN F 50 19.57 18.87 -21.29
C ASN F 50 18.50 19.55 -22.13
N GLY F 51 17.37 18.88 -22.36
CA GLY F 51 16.26 19.45 -23.11
C GLY F 51 15.85 18.66 -24.32
N ASN F 52 16.48 17.51 -24.59
CA ASN F 52 16.11 16.70 -25.75
C ASN F 52 14.76 16.04 -25.53
N ARG F 53 14.53 15.50 -24.34
CA ARG F 53 13.31 14.79 -23.98
C ARG F 53 12.41 15.68 -23.12
N ASN F 54 11.15 15.81 -23.52
CA ASN F 54 10.21 16.58 -22.74
C ASN F 54 9.74 15.78 -21.52
N ILE F 55 9.45 16.50 -20.43
CA ILE F 55 9.08 15.88 -19.16
C ILE F 55 7.57 16.02 -18.96
N GLY F 56 6.87 14.89 -18.90
CA GLY F 56 5.44 14.94 -18.66
C GLY F 56 5.12 15.19 -17.19
N VAL F 57 3.82 15.43 -16.93
CA VAL F 57 3.42 15.80 -15.58
C VAL F 57 3.57 14.62 -14.64
N ASN F 58 3.50 13.40 -15.16
CA ASN F 58 3.69 12.22 -14.33
C ASN F 58 5.15 11.95 -14.01
N GLU F 59 6.08 12.54 -14.77
CA GLU F 59 7.50 12.37 -14.45
C GLU F 59 7.92 13.30 -13.32
N ILE F 60 7.31 14.48 -13.21
CA ILE F 60 7.63 15.40 -12.12
C ILE F 60 7.28 14.77 -10.79
N GLU F 61 6.18 14.02 -10.74
CA GLU F 61 5.85 13.29 -9.52
C GLU F 61 6.93 12.27 -9.20
N ILE F 62 7.44 11.58 -10.22
CA ILE F 62 8.51 10.60 -10.00
C ILE F 62 9.81 11.30 -9.63
N TYR F 63 10.12 12.41 -10.30
CA TYR F 63 11.32 13.17 -9.96
C TYR F 63 11.20 13.79 -8.58
N GLY F 64 10.00 14.25 -8.20
CA GLY F 64 9.81 14.84 -6.89
C GLY F 64 10.09 13.86 -5.77
N LYS F 65 9.63 12.61 -5.91
CA LYS F 65 9.90 11.60 -4.90
C LYS F 65 11.38 11.23 -4.89
N GLY F 66 12.01 11.19 -6.06
CA GLY F 66 13.43 10.85 -6.12
C GLY F 66 14.32 11.92 -5.52
N LEU F 67 13.91 13.19 -5.61
CA LEU F 67 14.70 14.29 -5.05
C LEU F 67 14.39 14.56 -3.59
N GLY F 68 13.22 14.13 -3.10
CA GLY F 68 12.82 14.48 -1.76
C GLY F 68 12.15 15.82 -1.65
N ILE F 69 11.59 16.32 -2.75
CA ILE F 69 10.93 17.63 -2.78
C ILE F 69 9.51 17.43 -3.27
N PRO F 70 8.51 18.06 -2.65
CA PRO F 70 7.14 17.95 -3.16
C PRO F 70 7.06 18.41 -4.61
N SER F 71 6.35 17.63 -5.43
CA SER F 71 6.31 17.90 -6.86
C SER F 71 5.68 19.25 -7.16
N TYR F 72 4.78 19.73 -6.31
CA TYR F 72 4.12 20.99 -6.57
C TYR F 72 5.07 22.17 -6.45
N ILE F 73 6.16 22.04 -5.69
CA ILE F 73 7.15 23.10 -5.65
C ILE F 73 7.89 23.18 -6.97
N LEU F 74 8.08 22.05 -7.65
CA LEU F 74 8.70 22.07 -8.97
C LEU F 74 7.81 22.73 -10.00
N HIS F 75 6.48 22.61 -9.83
CA HIS F 75 5.56 23.32 -10.72
C HIS F 75 5.62 24.82 -10.47
N ARG F 76 5.72 25.23 -9.21
CA ARG F 76 5.78 26.66 -8.89
C ARG F 76 7.05 27.29 -9.41
N ILE F 77 8.16 26.55 -9.38
CA ILE F 77 9.40 27.05 -9.97
C ILE F 77 9.25 27.20 -11.48
N SER F 78 8.57 26.25 -12.12
CA SER F 78 8.32 26.37 -13.56
C SER F 78 7.46 27.59 -13.87
N ASP F 79 6.54 27.95 -12.97
CA ASP F 79 5.73 29.14 -13.22
C ASP F 79 6.57 30.41 -13.18
N GLU F 80 7.61 30.44 -12.35
CA GLU F 80 8.52 31.57 -12.35
C GLU F 80 9.30 31.63 -13.66
N PHE F 81 9.63 30.46 -14.22
CA PHE F 81 10.27 30.41 -15.53
C PHE F 81 9.35 30.97 -16.60
N LYS F 82 8.08 30.59 -16.57
CA LYS F 82 7.12 31.08 -17.55
C LYS F 82 6.89 32.58 -17.38
N GLU F 83 6.99 33.09 -16.15
CA GLU F 83 6.68 34.48 -15.87
C GLU F 83 7.86 35.41 -16.08
N LYS F 84 9.08 34.96 -15.79
CA LYS F 84 10.25 35.82 -15.83
C LYS F 84 11.35 35.36 -16.77
N GLY F 85 11.28 34.13 -17.29
CA GLY F 85 12.40 33.56 -18.01
C GLY F 85 13.45 32.93 -17.12
N TYR F 86 13.39 33.18 -15.81
CA TYR F 86 14.28 32.57 -14.83
C TYR F 86 13.49 32.36 -13.55
N SER F 87 14.08 31.62 -12.62
CA SER F 87 13.43 31.35 -11.34
C SER F 87 14.26 31.88 -10.19
N PRO F 88 13.86 32.99 -9.56
CA PRO F 88 14.59 33.45 -8.37
C PRO F 88 14.52 32.47 -7.20
N THR F 89 13.43 31.72 -7.07
CA THR F 89 13.34 30.72 -6.01
C THR F 89 14.35 29.60 -6.22
N LEU F 90 14.50 29.15 -7.48
CA LEU F 90 15.50 28.12 -7.78
C LEU F 90 16.91 28.67 -7.63
N ASN F 91 17.12 29.94 -7.94
CA ASN F 91 18.44 30.55 -7.78
C ASN F 91 18.88 30.56 -6.31
N ASP F 92 17.92 30.72 -5.39
CA ASP F 92 18.24 30.72 -3.97
C ASP F 92 17.48 29.58 -3.27
N PHE F 93 17.69 28.35 -3.73
CA PHE F 93 16.91 27.24 -3.20
C PHE F 93 17.37 26.84 -1.80
N GLY F 94 18.65 27.03 -1.49
CA GLY F 94 19.12 26.72 -0.15
C GLY F 94 18.40 27.50 0.92
N LYS F 95 18.16 28.80 0.68
CA LYS F 95 17.40 29.60 1.62
C LYS F 95 15.93 29.22 1.61
N PHE F 96 15.39 28.85 0.45
CA PHE F 96 14.00 28.41 0.38
C PHE F 96 13.82 27.08 1.12
N ASP F 97 14.76 26.16 0.94
CA ASP F 97 14.70 24.89 1.64
C ASP F 97 14.67 25.10 3.14
N LYS F 98 15.57 25.95 3.66
CA LYS F 98 15.62 26.17 5.10
C LYS F 98 14.39 26.91 5.60
N MET F 99 13.88 27.86 4.81
CA MET F 99 12.70 28.61 5.23
C MET F 99 11.42 27.79 5.07
N TYR F 100 11.35 26.92 4.07
CA TYR F 100 10.18 26.06 3.91
C TYR F 100 10.05 25.07 5.06
N SER F 101 11.17 24.64 5.64
CA SER F 101 11.12 23.80 6.83
C SER F 101 10.53 24.54 8.01
N TYR F 102 10.77 25.86 8.11
CA TYR F 102 10.23 26.62 9.23
C TYR F 102 8.73 26.81 9.08
N VAL F 103 8.26 27.12 7.87
CA VAL F 103 6.82 27.31 7.68
C VAL F 103 6.07 26.01 7.87
N ASN F 104 6.69 24.87 7.51
CA ASN F 104 6.03 23.58 7.70
C ASN F 104 5.89 23.25 9.18
N LYS F 105 6.93 23.51 9.96
CA LYS F 105 6.83 23.28 11.40
C LYS F 105 5.79 24.18 12.03
N ALA F 106 5.73 25.45 11.59
CA ALA F 106 4.77 26.39 12.15
C ALA F 106 3.35 26.08 11.71
N TYR F 107 3.18 25.61 10.46
CA TYR F 107 1.85 25.34 9.96
C TYR F 107 1.20 24.17 10.69
N TYR F 108 1.97 23.14 11.00
CA TYR F 108 1.44 21.93 11.62
C TYR F 108 1.52 21.95 13.14
N ASN F 109 2.06 23.02 13.74
CA ASN F 109 2.19 23.08 15.20
C ASN F 109 1.55 24.30 15.85
N ASP F 110 1.23 25.34 15.11
CA ASP F 110 0.64 26.55 15.66
C ASP F 110 -0.71 26.81 15.00
N GLY F 111 -1.74 27.00 15.81
CA GLY F 111 -3.07 27.23 15.28
C GLY F 111 -3.20 28.57 14.57
N ASP F 112 -2.41 29.56 14.98
CA ASP F 112 -2.47 30.86 14.33
C ASP F 112 -2.02 30.79 12.87
N ILE F 113 -1.19 29.82 12.51
CA ILE F 113 -0.78 29.63 11.13
C ILE F 113 -1.70 28.64 10.41
N TYR F 114 -2.10 27.58 11.11
CA TYR F 114 -2.92 26.53 10.49
C TYR F 114 -4.28 27.08 10.05
N TYR F 115 -4.86 27.98 10.82
CA TYR F 115 -6.18 28.53 10.53
C TYR F 115 -6.12 29.86 9.78
N SER F 116 -4.95 30.25 9.30
CA SER F 116 -4.83 31.49 8.52
C SER F 116 -3.97 31.36 7.28
N SER F 117 -3.31 30.23 7.06
CA SER F 117 -2.43 30.07 5.90
C SER F 117 -3.24 29.85 4.63
N TYR F 118 -2.65 30.24 3.50
CA TYR F 118 -3.23 30.05 2.19
C TYR F 118 -2.36 29.15 1.31
N ASP F 119 -1.05 29.38 1.30
CA ASP F 119 -0.13 28.59 0.48
C ASP F 119 1.24 28.67 1.12
N LEU F 120 1.77 27.50 1.51
CA LEU F 120 3.06 27.48 2.19
C LEU F 120 4.19 27.95 1.29
N TYR F 121 4.06 27.76 -0.02
CA TYR F 121 5.09 28.23 -0.94
C TYR F 121 5.11 29.75 -0.99
N ASP F 122 3.94 30.37 -1.22
CA ASP F 122 3.87 31.82 -1.29
C ASP F 122 4.29 32.46 0.03
N GLU F 123 3.88 31.86 1.14
CA GLU F 123 4.23 32.42 2.44
C GLU F 123 5.70 32.22 2.77
N THR F 124 6.32 31.16 2.24
CA THR F 124 7.76 31.01 2.36
C THR F 124 8.49 32.10 1.60
N ILE F 125 7.97 32.48 0.43
CA ILE F 125 8.58 33.53 -0.37
C ILE F 125 8.48 34.86 0.35
N LYS F 126 7.29 35.17 0.88
CA LYS F 126 7.09 36.45 1.57
C LYS F 126 8.02 36.60 2.76
N LEU F 127 8.22 35.51 3.52
CA LEU F 127 9.15 35.55 4.65
C LEU F 127 10.59 35.76 4.16
N LEU F 128 10.94 35.16 3.02
CA LEU F 128 12.27 35.37 2.47
C LEU F 128 12.48 36.80 2.05
N GLU F 129 11.46 37.43 1.47
CA GLU F 129 11.59 38.83 1.06
C GLU F 129 11.66 39.76 2.27
N LEU F 130 11.05 39.38 3.38
CA LEU F 130 11.09 40.22 4.57
C LEU F 130 12.40 40.09 5.33
N LEU F 131 13.06 38.92 5.22
CA LEU F 131 14.40 38.79 5.80
C LEU F 131 15.42 39.56 4.97
N LYS F 132 15.25 39.55 3.64
CA LYS F 132 16.14 40.30 2.78
C LYS F 132 15.94 41.80 2.93
N GLU F 133 14.68 42.22 3.10
CA GLU F 133 14.39 43.63 3.35
C GLU F 133 15.04 44.13 4.64
N SER F 134 15.01 43.30 5.69
CA SER F 134 15.54 43.67 7.00
C SER F 134 17.01 43.27 7.17
N LYS F 135 17.66 42.81 6.12
CA LYS F 135 19.04 42.29 6.19
C LYS F 135 19.19 41.31 7.35
N ILE F 136 18.45 40.21 7.23
CA ILE F 136 18.53 39.10 8.18
C ILE F 136 18.87 37.84 7.41
N ASN F 137 19.82 37.08 7.94
CA ASN F 137 20.26 35.86 7.29
C ASN F 137 19.36 34.72 7.71
N VAL F 138 19.00 33.87 6.74
CA VAL F 138 18.12 32.75 7.02
C VAL F 138 18.80 31.77 7.96
N ASN F 139 19.92 31.19 7.53
CA ASN F 139 20.72 30.33 8.39
C ASN F 139 20.97 30.89 9.79
N ASP F 140 20.81 32.22 9.98
CA ASP F 140 21.02 32.84 11.29
C ASP F 140 19.76 33.07 12.11
N ILE F 141 18.58 32.93 11.55
CA ILE F 141 17.38 33.35 12.27
C ILE F 141 16.86 32.16 13.06
N ASP F 142 16.17 32.44 14.15
CA ASP F 142 15.63 31.36 14.95
C ASP F 142 14.20 31.07 14.55
N TYR F 143 13.73 29.89 14.95
CA TYR F 143 12.38 29.47 14.59
C TYR F 143 11.34 30.28 15.35
N ASP F 144 11.58 30.52 16.64
CA ASP F 144 10.60 31.24 17.46
C ASP F 144 10.42 32.66 16.95
N TYR F 145 11.51 33.29 16.49
CA TYR F 145 11.39 34.61 15.89
C TYR F 145 10.71 34.53 14.53
N VAL F 146 11.01 33.47 13.77
CA VAL F 146 10.39 33.30 12.46
C VAL F 146 8.89 33.09 12.60
N LEU F 147 8.48 32.39 13.67
CA LEU F 147 7.07 32.14 13.90
C LEU F 147 6.30 33.46 14.08
N LYS F 148 6.90 34.43 14.77
CA LYS F 148 6.24 35.72 14.93
C LYS F 148 6.11 36.44 13.60
N LEU F 149 7.14 36.38 12.76
CA LEU F 149 7.05 37.04 11.46
C LEU F 149 6.03 36.36 10.56
N TYR F 150 5.87 35.05 10.70
CA TYR F 150 4.84 34.34 9.95
C TYR F 150 3.45 34.81 10.38
N LYS F 151 3.26 35.03 11.69
CA LYS F 151 1.98 35.48 12.20
C LYS F 151 1.71 36.94 11.83
N GLN F 152 2.76 37.70 11.53
CA GLN F 152 2.58 39.08 11.09
C GLN F 152 2.09 39.13 9.65
N ILE F 153 2.64 38.26 8.79
CA ILE F 153 2.22 38.22 7.39
C ILE F 153 0.79 37.71 7.27
N LEU F 154 0.36 36.84 8.18
CA LEU F 154 -0.98 36.26 8.17
C LEU F 154 -1.95 37.03 9.07
N SER F 155 -1.81 38.36 9.12
CA SER F 155 -2.58 39.28 9.96
C SER F 155 -3.53 38.64 10.98
N LYS G 8 5.62 1.60 7.79
CA LYS G 8 6.62 0.56 7.62
C LYS G 8 6.03 -0.56 6.75
N SER G 9 6.83 -1.56 6.43
CA SER G 9 6.40 -2.75 5.72
C SER G 9 6.17 -3.88 6.72
N VAL G 10 5.09 -4.63 6.52
CA VAL G 10 4.67 -5.66 7.46
C VAL G 10 4.59 -6.99 6.72
N LEU G 11 5.19 -8.01 7.31
CA LEU G 11 5.07 -9.40 6.86
C LEU G 11 4.16 -10.12 7.83
N ARG G 12 2.96 -10.46 7.38
CA ARG G 12 1.97 -11.10 8.24
C ARG G 12 1.98 -12.61 8.02
N PHE G 13 1.83 -13.36 9.11
CA PHE G 13 1.81 -14.81 9.05
C PHE G 13 0.82 -15.36 10.06
N LYS G 14 0.42 -16.61 9.85
CA LYS G 14 -0.47 -17.30 10.79
C LYS G 14 -0.03 -18.75 10.92
N LYS G 15 0.04 -19.23 12.15
CA LYS G 15 0.35 -20.64 12.38
C LYS G 15 -0.86 -21.48 12.04
N LEU G 16 -0.69 -22.41 11.10
CA LEU G 16 -1.78 -23.31 10.72
C LEU G 16 -1.92 -24.49 11.66
N THR G 17 -0.85 -24.85 12.36
CA THR G 17 -0.89 -25.96 13.30
C THR G 17 -0.16 -25.53 14.57
N GLU G 18 -0.28 -26.36 15.62
CA GLU G 18 0.43 -26.14 16.87
C GLU G 18 1.94 -26.27 16.71
N HIS G 19 2.41 -27.02 15.73
CA HIS G 19 3.84 -27.29 15.58
C HIS G 19 4.58 -26.17 14.85
N ALA G 20 3.87 -25.18 14.33
CA ALA G 20 4.50 -24.11 13.58
C ALA G 20 5.31 -23.21 14.50
N PHE G 21 6.40 -22.67 13.97
CA PHE G 21 7.29 -21.78 14.69
C PHE G 21 7.18 -20.37 14.13
N THR G 22 7.38 -19.38 15.01
CA THR G 22 7.38 -18.00 14.57
C THR G 22 8.66 -17.72 13.80
N PRO G 23 8.59 -17.32 12.53
CA PRO G 23 9.81 -17.00 11.79
C PRO G 23 10.53 -15.85 12.47
N SER G 24 11.86 -15.95 12.52
CA SER G 24 12.66 -15.02 13.31
C SER G 24 13.97 -14.71 12.60
N LYS G 25 14.52 -13.55 12.92
CA LYS G 25 15.86 -13.16 12.50
C LYS G 25 16.71 -12.93 13.74
N GLY G 26 18.03 -13.06 13.57
CA GLY G 26 18.93 -12.77 14.67
C GLY G 26 19.23 -11.30 14.85
N SER G 27 19.31 -10.54 13.76
CA SER G 27 19.58 -9.12 13.82
C SER G 27 18.68 -8.37 12.84
N LYS G 28 18.66 -7.05 12.97
CA LYS G 28 17.82 -6.22 12.12
C LYS G 28 18.23 -6.32 10.66
N PHE G 29 19.52 -6.52 10.39
CA PHE G 29 20.05 -6.55 9.03
C PHE G 29 20.16 -7.97 8.48
N ALA G 30 19.46 -8.92 9.07
CA ALA G 30 19.41 -10.26 8.50
C ALA G 30 18.62 -10.24 7.18
N ALA G 31 19.08 -11.03 6.21
CA ALA G 31 18.48 -10.99 4.89
C ALA G 31 17.06 -11.52 4.89
N GLY G 32 16.81 -12.61 5.62
CA GLY G 32 15.50 -13.25 5.62
C GLY G 32 15.14 -13.80 6.98
N PHE G 33 13.85 -14.11 7.12
CA PHE G 33 13.35 -14.71 8.35
C PHE G 33 13.56 -16.21 8.31
N ASP G 34 14.15 -16.75 9.38
CA ASP G 34 14.44 -18.18 9.43
C ASP G 34 13.15 -18.98 9.51
N LEU G 35 13.07 -20.02 8.68
CA LEU G 35 11.91 -20.92 8.64
C LEU G 35 12.27 -22.23 9.33
N CYS G 36 11.46 -22.61 10.30
CA CYS G 36 11.70 -23.81 11.10
C CYS G 36 10.80 -24.94 10.65
N SER G 37 11.34 -26.16 10.62
CA SER G 37 10.55 -27.33 10.29
C SER G 37 9.57 -27.64 11.42
N ALA G 38 8.31 -27.88 11.06
CA ALA G 38 7.28 -28.20 12.03
C ALA G 38 7.21 -29.69 12.34
N TYR G 39 7.99 -30.52 11.67
CA TYR G 39 7.92 -31.95 11.87
C TYR G 39 9.31 -32.57 11.74
N ASP G 40 9.43 -33.80 12.24
CA ASP G 40 10.62 -34.60 12.03
C ASP G 40 10.46 -35.38 10.73
N LEU G 41 11.51 -35.38 9.91
CA LEU G 41 11.48 -36.08 8.64
C LEU G 41 12.91 -36.41 8.23
N VAL G 42 13.03 -37.30 7.25
CA VAL G 42 14.31 -37.74 6.73
C VAL G 42 14.34 -37.42 5.24
N ILE G 43 15.39 -36.71 4.81
CA ILE G 43 15.62 -36.43 3.39
C ILE G 43 16.54 -37.51 2.85
N PRO G 44 16.06 -38.38 1.95
CA PRO G 44 16.88 -39.50 1.50
C PRO G 44 18.11 -39.03 0.73
N ALA G 45 19.14 -39.86 0.76
CA ALA G 45 20.36 -39.58 0.00
C ALA G 45 20.05 -39.41 -1.49
N VAL G 46 20.77 -38.48 -2.12
CA VAL G 46 20.51 -38.02 -3.49
C VAL G 46 19.01 -38.00 -3.76
N GLY G 47 18.25 -37.48 -2.79
CA GLY G 47 16.81 -37.47 -2.88
C GLY G 47 16.23 -36.10 -2.58
N LYS G 48 14.95 -36.06 -2.21
CA LYS G 48 14.26 -34.80 -2.02
C LYS G 48 13.23 -34.95 -0.91
N ALA G 49 12.76 -33.79 -0.42
CA ALA G 49 11.71 -33.75 0.59
C ALA G 49 11.09 -32.36 0.56
N LEU G 50 9.79 -32.32 0.85
CA LEU G 50 9.03 -31.08 0.92
C LEU G 50 8.76 -30.79 2.39
N VAL G 51 9.50 -29.83 2.96
CA VAL G 51 9.41 -29.52 4.38
C VAL G 51 8.30 -28.50 4.59
N LYS G 52 7.33 -28.87 5.42
CA LYS G 52 6.19 -28.01 5.70
C LYS G 52 6.48 -27.14 6.93
N THR G 53 6.23 -25.84 6.80
CA THR G 53 6.39 -24.91 7.90
C THR G 53 5.11 -24.72 8.70
N ASP G 54 3.97 -25.18 8.17
CA ASP G 54 2.67 -25.06 8.83
C ASP G 54 2.30 -23.62 9.09
N ILE G 55 2.75 -22.71 8.24
CA ILE G 55 2.39 -21.30 8.32
C ILE G 55 1.94 -20.83 6.95
N GLN G 56 1.08 -19.81 6.94
CA GLN G 56 0.72 -19.09 5.74
C GLN G 56 1.15 -17.63 5.92
N VAL G 57 1.56 -17.01 4.82
CA VAL G 57 2.17 -15.69 4.89
C VAL G 57 1.45 -14.73 3.96
N GLU G 58 1.48 -13.45 4.34
CA GLU G 58 1.03 -12.35 3.49
C GLU G 58 2.21 -11.40 3.33
N LEU G 59 2.73 -11.32 2.10
CA LEU G 59 3.96 -10.57 1.88
C LEU G 59 3.66 -9.08 1.71
N PRO G 60 4.59 -8.21 2.12
CA PRO G 60 4.41 -6.78 1.88
C PRO G 60 4.41 -6.46 0.39
N GLU G 61 3.94 -5.26 0.07
CA GLU G 61 3.76 -4.87 -1.32
C GLU G 61 5.10 -4.67 -2.02
N GLY G 62 5.10 -4.92 -3.33
CA GLY G 62 6.28 -4.67 -4.13
C GLY G 62 7.35 -5.73 -4.07
N CYS G 63 6.97 -6.97 -3.75
CA CYS G 63 7.97 -8.03 -3.60
C CYS G 63 7.30 -9.39 -3.70
N TYR G 64 8.11 -10.43 -3.71
CA TYR G 64 7.67 -11.81 -3.56
C TYR G 64 8.53 -12.47 -2.49
N GLY G 65 8.15 -13.68 -2.11
CA GLY G 65 8.90 -14.39 -1.09
C GLY G 65 9.80 -15.45 -1.67
N ARG G 66 11.10 -15.27 -1.53
CA ARG G 66 12.07 -16.26 -2.00
C ARG G 66 12.55 -17.07 -0.80
N ILE G 67 12.29 -18.37 -0.84
CA ILE G 67 12.80 -19.30 0.18
C ILE G 67 14.24 -19.62 -0.22
N ALA G 68 15.19 -19.01 0.49
CA ALA G 68 16.62 -19.10 0.24
C ALA G 68 17.29 -20.06 1.22
N PRO G 69 18.39 -20.68 0.83
CA PRO G 69 19.05 -21.65 1.72
C PRO G 69 19.83 -20.96 2.83
N ARG G 70 20.10 -21.75 3.87
CA ARG G 70 20.99 -21.34 4.95
C ARG G 70 22.38 -21.88 4.69
N SER G 71 23.39 -21.08 5.05
CA SER G 71 24.76 -21.39 4.64
C SER G 71 25.27 -22.65 5.33
N GLY G 72 25.02 -22.79 6.64
CA GLY G 72 25.56 -23.93 7.36
C GLY G 72 25.00 -25.26 6.89
N LEU G 73 23.69 -25.33 6.68
CA LEU G 73 23.08 -26.58 6.26
C LEU G 73 23.47 -26.94 4.84
N SER G 74 23.61 -25.94 3.96
CA SER G 74 23.97 -26.20 2.58
C SER G 74 25.42 -26.67 2.46
N TRP G 75 26.34 -25.96 3.11
CA TRP G 75 27.76 -26.28 2.97
C TRP G 75 28.11 -27.55 3.71
N LYS G 76 27.68 -27.67 4.97
CA LYS G 76 28.09 -28.80 5.78
C LYS G 76 27.35 -30.09 5.44
N HIS G 77 26.16 -30.00 4.84
CA HIS G 77 25.34 -31.19 4.62
C HIS G 77 24.91 -31.37 3.17
N HIS G 78 25.44 -30.58 2.24
CA HIS G 78 25.26 -30.82 0.81
C HIS G 78 23.78 -30.77 0.41
N ILE G 79 23.04 -29.81 0.96
CA ILE G 79 21.60 -29.69 0.75
C ILE G 79 21.31 -28.40 0.02
N ASP G 80 20.47 -28.48 -1.01
CA ASP G 80 20.06 -27.32 -1.80
C ASP G 80 18.56 -27.12 -1.66
N VAL G 81 18.13 -25.87 -1.82
CA VAL G 81 16.73 -25.48 -1.73
C VAL G 81 16.16 -25.36 -3.14
N GLY G 82 15.16 -26.19 -3.45
CA GLY G 82 14.48 -26.11 -4.73
C GLY G 82 13.26 -25.20 -4.68
N ALA G 83 12.66 -25.00 -5.85
CA ALA G 83 11.52 -24.09 -6.00
C ALA G 83 11.82 -22.73 -5.38
N GLY G 84 11.14 -22.41 -4.28
CA GLY G 84 11.46 -21.23 -3.51
C GLY G 84 10.70 -19.98 -3.87
N VAL G 85 9.85 -20.01 -4.89
CA VAL G 85 9.09 -18.84 -5.30
C VAL G 85 7.72 -18.90 -4.64
N ILE G 86 7.45 -17.93 -3.77
CA ILE G 86 6.16 -17.81 -3.10
C ILE G 86 5.49 -16.56 -3.65
N ASP G 87 4.44 -16.75 -4.43
CA ASP G 87 3.70 -15.63 -4.99
C ASP G 87 3.01 -14.85 -3.89
N ARG G 88 2.73 -13.56 -4.18
CA ARG G 88 2.17 -12.68 -3.17
C ARG G 88 0.78 -13.13 -2.72
N ASP G 89 0.02 -13.80 -3.59
CA ASP G 89 -1.35 -14.19 -3.28
C ASP G 89 -1.46 -15.63 -2.79
N TYR G 90 -0.34 -16.30 -2.53
CA TYR G 90 -0.38 -17.67 -2.04
C TYR G 90 -0.62 -17.68 -0.54
N ARG G 91 -1.68 -18.36 -0.11
CA ARG G 91 -2.04 -18.44 1.30
C ARG G 91 -2.03 -19.88 1.83
N GLY G 92 -1.45 -20.82 1.10
CA GLY G 92 -1.37 -22.18 1.56
C GLY G 92 -0.18 -22.41 2.47
N ASN G 93 0.03 -23.67 2.83
CA ASN G 93 1.15 -24.05 3.69
C ASN G 93 2.45 -23.79 2.96
N VAL G 94 3.33 -23.00 3.57
CA VAL G 94 4.62 -22.69 2.96
C VAL G 94 5.52 -23.91 3.09
N GLY G 95 5.90 -24.47 1.95
CA GLY G 95 6.73 -25.67 1.89
C GLY G 95 8.13 -25.35 1.41
N VAL G 96 9.11 -26.00 2.00
CA VAL G 96 10.51 -25.83 1.63
C VAL G 96 10.95 -27.11 0.94
N VAL G 97 11.28 -27.00 -0.34
CA VAL G 97 11.73 -28.13 -1.12
C VAL G 97 13.24 -28.28 -0.92
N LEU G 98 13.66 -29.40 -0.35
CA LEU G 98 15.04 -29.64 -0.01
C LEU G 98 15.57 -30.83 -0.80
N PHE G 99 16.73 -30.65 -1.42
CA PHE G 99 17.41 -31.71 -2.16
C PHE G 99 18.65 -32.13 -1.37
N ASN G 100 18.67 -33.37 -0.90
CA ASN G 100 19.80 -33.91 -0.16
C ASN G 100 20.72 -34.59 -1.17
N HIS G 101 21.81 -33.91 -1.54
CA HIS G 101 22.75 -34.43 -2.52
C HIS G 101 23.81 -35.33 -1.91
N ALA G 102 23.83 -35.47 -0.59
CA ALA G 102 24.83 -36.31 0.06
C ALA G 102 24.49 -37.78 -0.13
N LYS G 103 25.51 -38.62 0.00
CA LYS G 103 25.33 -40.06 -0.15
C LYS G 103 24.69 -40.70 1.08
N THR G 104 24.37 -39.91 2.10
CA THR G 104 23.73 -40.39 3.31
C THR G 104 22.42 -39.66 3.52
N ASP G 105 21.52 -40.30 4.26
CA ASP G 105 20.26 -39.64 4.63
C ASP G 105 20.52 -38.55 5.65
N TYR G 106 19.70 -37.50 5.60
CA TYR G 106 19.78 -36.41 6.56
C TYR G 106 18.51 -36.37 7.40
N GLU G 107 18.67 -36.22 8.71
CA GLU G 107 17.58 -36.27 9.66
C GLU G 107 17.25 -34.84 10.11
N VAL G 108 16.08 -34.35 9.70
CA VAL G 108 15.59 -33.04 10.10
C VAL G 108 14.68 -33.20 11.31
N LYS G 109 14.91 -32.39 12.34
CA LYS G 109 14.12 -32.41 13.56
C LYS G 109 13.20 -31.20 13.64
N LYS G 110 12.12 -31.36 14.39
CA LYS G 110 11.19 -30.26 14.62
C LYS G 110 11.91 -29.06 15.24
N GLY G 111 11.73 -27.89 14.64
CA GLY G 111 12.37 -26.68 15.10
C GLY G 111 13.67 -26.33 14.39
N ASP G 112 14.16 -27.21 13.53
CA ASP G 112 15.39 -26.92 12.82
C ASP G 112 15.14 -25.86 11.76
N ARG G 113 16.02 -24.86 11.70
CA ARG G 113 15.92 -23.80 10.72
C ARG G 113 16.38 -24.36 9.37
N VAL G 114 15.43 -24.61 8.47
CA VAL G 114 15.74 -25.28 7.22
C VAL G 114 16.01 -24.31 6.07
N ALA G 115 15.54 -23.07 6.17
CA ALA G 115 15.73 -22.08 5.11
C ALA G 115 15.41 -20.71 5.70
N GLN G 116 15.39 -19.69 4.83
CA GLN G 116 15.02 -18.34 5.23
C GLN G 116 14.18 -17.72 4.13
N LEU G 117 13.23 -16.87 4.54
CA LEU G 117 12.30 -16.24 3.61
C LEU G 117 12.74 -14.79 3.39
N ILE G 118 13.15 -14.47 2.17
CA ILE G 118 13.63 -13.15 1.81
C ILE G 118 12.55 -12.47 0.98
N CYS G 119 12.23 -11.22 1.34
CA CYS G 119 11.23 -10.43 0.62
C CYS G 119 11.93 -9.71 -0.51
N GLU G 120 12.05 -10.38 -1.66
CA GLU G 120 12.80 -9.85 -2.79
C GLU G 120 11.96 -8.82 -3.54
N LYS G 121 12.41 -7.57 -3.53
CA LYS G 121 11.78 -6.54 -4.33
C LYS G 121 11.88 -6.89 -5.81
N ILE G 122 10.74 -6.85 -6.51
CA ILE G 122 10.67 -7.17 -7.93
C ILE G 122 9.74 -6.18 -8.62
N ILE G 123 9.82 -6.19 -9.95
CA ILE G 123 8.95 -5.38 -10.80
C ILE G 123 7.86 -6.26 -11.36
N TYR G 124 6.62 -5.75 -11.37
CA TYR G 124 5.49 -6.41 -12.01
C TYR G 124 5.16 -5.67 -13.31
N PRO G 125 5.85 -5.98 -14.41
CA PRO G 125 5.69 -5.19 -15.62
C PRO G 125 4.67 -5.78 -16.59
N GLU G 126 4.33 -4.98 -17.60
CA GLU G 126 3.54 -5.46 -18.72
C GLU G 126 4.45 -6.08 -19.78
N ILE G 127 3.94 -7.11 -20.44
CA ILE G 127 4.68 -7.80 -21.50
C ILE G 127 4.21 -7.27 -22.85
N GLN G 128 5.16 -7.06 -23.76
CA GLN G 128 4.85 -6.50 -25.08
C GLN G 128 5.80 -7.12 -26.11
N GLU G 129 5.24 -7.74 -27.14
CA GLU G 129 6.04 -8.34 -28.20
C GLU G 129 6.32 -7.32 -29.29
N VAL G 130 7.58 -7.24 -29.73
CA VAL G 130 7.98 -6.36 -30.83
C VAL G 130 8.37 -7.23 -32.03
N GLU G 131 8.25 -6.65 -33.24
CA GLU G 131 8.63 -7.40 -34.43
C GLU G 131 10.06 -7.13 -34.89
N GLU G 132 10.59 -5.93 -34.71
CA GLU G 132 12.00 -5.71 -35.00
C GLU G 132 12.88 -6.52 -34.04
N LEU G 133 13.95 -7.11 -34.58
CA LEU G 133 14.95 -7.76 -33.75
C LEU G 133 15.75 -6.69 -32.99
N MET G 134 15.72 -6.77 -31.66
CA MET G 134 16.45 -5.81 -30.84
C MET G 134 17.92 -6.21 -30.78
N GLU G 135 18.80 -5.20 -30.78
CA GLU G 135 20.23 -5.44 -30.97
C GLU G 135 21.02 -4.80 -29.85
N THR G 136 22.28 -5.23 -29.75
CA THR G 136 23.24 -4.55 -28.90
C THR G 136 23.35 -3.09 -29.29
N GLU G 137 23.03 -2.23 -28.35
CA GLU G 137 23.35 -0.83 -28.46
C GLU G 137 24.82 -0.54 -28.18
N ARG G 138 25.57 -1.53 -27.69
CA ARG G 138 26.94 -1.35 -27.27
C ARG G 138 27.86 -2.35 -27.98
N GLY G 139 29.10 -1.93 -28.23
CA GLY G 139 30.10 -2.86 -28.71
C GLY G 139 30.70 -2.57 -30.08
N GLU G 140 29.88 -2.15 -31.03
CA GLU G 140 30.37 -1.96 -32.40
C GLU G 140 31.47 -0.91 -32.47
N GLY G 141 31.47 0.05 -31.53
CA GLY G 141 32.46 1.10 -31.54
C GLY G 141 33.75 0.74 -30.83
N GLY G 142 33.71 -0.30 -30.02
CA GLY G 142 34.90 -0.69 -29.27
C GLY G 142 35.19 0.28 -28.14
N PHE G 143 36.45 0.24 -27.68
CA PHE G 143 36.88 1.09 -26.58
C PHE G 143 36.90 2.56 -27.00
N LYS H 8 25.23 8.36 -3.74
CA LYS H 8 25.32 7.31 -4.74
C LYS H 8 25.35 5.96 -4.01
N SER H 9 25.29 4.84 -4.74
CA SER H 9 25.39 3.52 -4.15
C SER H 9 26.81 2.98 -4.35
N VAL H 10 27.38 2.44 -3.27
CA VAL H 10 28.76 1.96 -3.26
C VAL H 10 28.78 0.55 -2.71
N LEU H 11 29.51 -0.34 -3.39
CA LEU H 11 29.82 -1.67 -2.89
C LEU H 11 31.28 -1.67 -2.47
N ARG H 12 31.54 -1.70 -1.17
CA ARG H 12 32.89 -1.62 -0.65
C ARG H 12 33.43 -3.01 -0.33
N PHE H 13 34.71 -3.21 -0.62
CA PHE H 13 35.36 -4.50 -0.37
C PHE H 13 36.79 -4.27 0.09
N LYS H 14 37.35 -5.30 0.74
CA LYS H 14 38.73 -5.30 1.18
C LYS H 14 39.33 -6.68 0.98
N LYS H 15 40.55 -6.72 0.44
CA LYS H 15 41.25 -7.98 0.27
C LYS H 15 41.78 -8.45 1.62
N LEU H 16 41.42 -9.67 2.02
CA LEU H 16 41.90 -10.20 3.28
C LEU H 16 43.30 -10.79 3.14
N THR H 17 43.68 -11.23 1.94
CA THR H 17 45.01 -11.73 1.68
C THR H 17 45.50 -11.17 0.35
N GLU H 18 46.75 -11.49 0.02
CA GLU H 18 47.35 -11.09 -1.25
C GLU H 18 46.69 -11.78 -2.44
N HIS H 19 46.09 -12.95 -2.24
CA HIS H 19 45.55 -13.73 -3.34
C HIS H 19 44.17 -13.27 -3.78
N ALA H 20 43.56 -12.33 -3.05
CA ALA H 20 42.22 -11.88 -3.37
C ALA H 20 42.20 -11.06 -4.66
N PHE H 21 41.11 -11.17 -5.41
CA PHE H 21 40.93 -10.49 -6.67
C PHE H 21 39.88 -9.39 -6.55
N THR H 22 40.06 -8.33 -7.33
CA THR H 22 39.10 -7.25 -7.39
C THR H 22 37.86 -7.69 -8.17
N PRO H 23 36.67 -7.70 -7.56
CA PRO H 23 35.46 -8.06 -8.33
C PRO H 23 35.22 -7.08 -9.45
N SER H 24 34.76 -7.59 -10.59
CA SER H 24 34.66 -6.80 -11.80
C SER H 24 33.43 -7.20 -12.61
N LYS H 25 32.97 -6.26 -13.43
CA LYS H 25 31.93 -6.52 -14.42
C LYS H 25 32.48 -6.28 -15.82
N GLY H 26 31.84 -6.92 -16.80
CA GLY H 26 32.21 -6.70 -18.18
C GLY H 26 31.61 -5.44 -18.77
N SER H 27 30.41 -5.07 -18.33
CA SER H 27 29.74 -3.87 -18.79
C SER H 27 29.17 -3.14 -17.58
N LYS H 28 28.76 -1.88 -17.81
CA LYS H 28 28.29 -1.05 -16.72
C LYS H 28 27.01 -1.59 -16.09
N PHE H 29 26.13 -2.17 -16.91
CA PHE H 29 24.84 -2.66 -16.44
C PHE H 29 24.80 -4.17 -16.24
N ALA H 30 25.96 -4.80 -16.02
CA ALA H 30 25.98 -6.21 -15.69
C ALA H 30 25.32 -6.43 -14.32
N ALA H 31 24.63 -7.56 -14.19
CA ALA H 31 23.83 -7.80 -12.99
C ALA H 31 24.67 -7.87 -11.74
N GLY H 32 25.83 -8.53 -11.79
CA GLY H 32 26.65 -8.70 -10.61
C GLY H 32 28.13 -8.63 -10.91
N PHE H 33 28.90 -8.45 -9.84
CA PHE H 33 30.35 -8.42 -9.91
C PHE H 33 30.90 -9.84 -9.85
N ASP H 34 31.78 -10.18 -10.78
CA ASP H 34 32.35 -11.52 -10.82
C ASP H 34 33.25 -11.76 -9.62
N LEU H 35 33.08 -12.91 -8.97
CA LEU H 35 33.89 -13.31 -7.83
C LEU H 35 34.90 -14.36 -8.29
N CYS H 36 36.18 -14.09 -8.01
CA CYS H 36 37.27 -14.96 -8.44
C CYS H 36 37.78 -15.79 -7.28
N SER H 37 38.12 -17.04 -7.57
CA SER H 37 38.68 -17.93 -6.55
C SER H 37 40.08 -17.46 -6.17
N ALA H 38 40.34 -17.40 -4.87
CA ALA H 38 41.64 -16.99 -4.35
C ALA H 38 42.62 -18.16 -4.25
N TYR H 39 42.18 -19.38 -4.54
CA TYR H 39 43.05 -20.54 -4.40
C TYR H 39 42.72 -21.56 -5.49
N ASP H 40 43.66 -22.47 -5.70
CA ASP H 40 43.41 -23.65 -6.52
C ASP H 40 42.85 -24.76 -5.64
N LEU H 41 41.80 -25.41 -6.12
CA LEU H 41 41.20 -26.51 -5.39
C LEU H 41 40.42 -27.36 -6.38
N VAL H 42 40.01 -28.54 -5.93
CA VAL H 42 39.29 -29.50 -6.76
C VAL H 42 37.92 -29.72 -6.15
N ILE H 43 36.88 -29.56 -6.98
CA ILE H 43 35.50 -29.86 -6.57
C ILE H 43 35.24 -31.32 -6.92
N PRO H 44 35.09 -32.20 -5.94
CA PRO H 44 34.95 -33.63 -6.25
C PRO H 44 33.66 -33.92 -7.00
N ALA H 45 33.68 -35.01 -7.76
CA ALA H 45 32.49 -35.48 -8.44
C ALA H 45 31.38 -35.75 -7.43
N VAL H 46 30.14 -35.48 -7.86
CA VAL H 46 28.93 -35.48 -7.02
C VAL H 46 29.27 -35.00 -5.61
N GLY H 47 30.07 -33.93 -5.52
CA GLY H 47 30.54 -33.42 -4.26
C GLY H 47 30.34 -31.92 -4.11
N LYS H 48 31.10 -31.31 -3.20
CA LYS H 48 30.92 -29.90 -2.88
C LYS H 48 32.27 -29.28 -2.56
N ALA H 49 32.29 -27.95 -2.53
CA ALA H 49 33.49 -27.21 -2.18
C ALA H 49 33.09 -25.79 -1.76
N LEU H 50 33.81 -25.24 -0.80
CA LEU H 50 33.60 -23.87 -0.33
C LEU H 50 34.77 -23.04 -0.85
N VAL H 51 34.50 -22.24 -1.88
CA VAL H 51 35.54 -21.46 -2.54
C VAL H 51 35.68 -20.13 -1.81
N LYS H 52 36.89 -19.85 -1.33
CA LYS H 52 37.16 -18.62 -0.60
C LYS H 52 37.65 -17.55 -1.58
N THR H 53 37.04 -16.37 -1.50
CA THR H 53 37.46 -15.23 -2.31
C THR H 53 38.49 -14.36 -1.61
N ASP H 54 38.68 -14.55 -0.29
CA ASP H 54 39.63 -13.78 0.51
C ASP H 54 39.29 -12.29 0.50
N ILE H 55 38.01 -11.96 0.37
CA ILE H 55 37.55 -10.57 0.46
C ILE H 55 36.40 -10.50 1.44
N GLN H 56 36.22 -9.31 2.00
CA GLN H 56 35.06 -8.96 2.80
C GLN H 56 34.34 -7.81 2.13
N VAL H 57 33.02 -7.77 2.26
CA VAL H 57 32.21 -6.80 1.54
C VAL H 57 31.31 -6.05 2.51
N GLU H 58 31.02 -4.79 2.17
CA GLU H 58 30.01 -3.99 2.84
C GLU H 58 29.02 -3.55 1.77
N LEU H 59 27.80 -4.04 1.85
CA LEU H 59 26.82 -3.85 0.80
C LEU H 59 26.12 -2.50 0.94
N PRO H 60 25.68 -1.90 -0.17
CA PRO H 60 24.91 -0.66 -0.09
C PRO H 60 23.59 -0.88 0.63
N GLU H 61 22.95 0.22 0.99
CA GLU H 61 21.75 0.16 1.82
C GLU H 61 20.57 -0.40 1.02
N GLY H 62 19.66 -1.06 1.75
CA GLY H 62 18.43 -1.53 1.15
C GLY H 62 18.53 -2.80 0.34
N CYS H 63 19.52 -3.65 0.62
CA CYS H 63 19.73 -4.84 -0.18
C CYS H 63 20.58 -5.84 0.61
N TYR H 64 20.73 -7.03 0.04
CA TYR H 64 21.66 -8.03 0.52
C TYR H 64 22.49 -8.54 -0.64
N GLY H 65 23.49 -9.36 -0.32
CA GLY H 65 24.36 -9.90 -1.34
C GLY H 65 24.02 -11.34 -1.71
N ARG H 66 23.59 -11.55 -2.95
CA ARG H 66 23.30 -12.88 -3.45
C ARG H 66 24.46 -13.34 -4.31
N ILE H 67 25.13 -14.42 -3.91
CA ILE H 67 26.17 -15.03 -4.72
C ILE H 67 25.47 -15.90 -5.76
N ALA H 68 25.39 -15.39 -7.00
CA ALA H 68 24.69 -16.04 -8.10
C ALA H 68 25.67 -16.72 -9.05
N PRO H 69 25.25 -17.78 -9.73
CA PRO H 69 26.18 -18.50 -10.61
C PRO H 69 26.42 -17.77 -11.92
N ARG H 70 27.50 -18.17 -12.58
CA ARG H 70 27.79 -17.74 -13.94
C ARG H 70 27.29 -18.81 -14.88
N SER H 71 26.73 -18.39 -16.02
CA SER H 71 26.00 -19.31 -16.87
C SER H 71 26.92 -20.34 -17.52
N GLY H 72 28.08 -19.92 -18.00
CA GLY H 72 28.96 -20.86 -18.69
C GLY H 72 29.46 -21.97 -17.80
N LEU H 73 29.90 -21.64 -16.58
CA LEU H 73 30.44 -22.66 -15.69
C LEU H 73 29.35 -23.62 -15.23
N SER H 74 28.13 -23.11 -15.04
CA SER H 74 27.04 -23.97 -14.58
C SER H 74 26.60 -24.92 -15.70
N TRP H 75 26.41 -24.38 -16.90
CA TRP H 75 25.90 -25.21 -18.00
C TRP H 75 26.97 -26.15 -18.52
N LYS H 76 28.18 -25.65 -18.76
CA LYS H 76 29.21 -26.46 -19.38
C LYS H 76 29.83 -27.47 -18.43
N HIS H 77 29.76 -27.23 -17.11
CA HIS H 77 30.45 -28.09 -16.16
C HIS H 77 29.55 -28.64 -15.07
N HIS H 78 28.23 -28.47 -15.20
CA HIS H 78 27.26 -29.13 -14.31
C HIS H 78 27.48 -28.72 -12.85
N ILE H 79 27.74 -27.43 -12.63
CA ILE H 79 28.07 -26.90 -11.31
C ILE H 79 26.97 -25.95 -10.87
N ASP H 80 26.52 -26.11 -9.63
CA ASP H 80 25.50 -25.26 -9.04
C ASP H 80 26.08 -24.51 -7.84
N VAL H 81 25.52 -23.34 -7.57
CA VAL H 81 25.94 -22.50 -6.45
C VAL H 81 25.00 -22.73 -5.29
N GLY H 82 25.54 -23.24 -4.18
CA GLY H 82 24.75 -23.38 -2.97
C GLY H 82 24.83 -22.16 -2.08
N ALA H 83 24.04 -22.20 -1.00
CA ALA H 83 23.93 -21.07 -0.07
C ALA H 83 23.68 -19.77 -0.82
N GLY H 84 24.65 -18.87 -0.82
CA GLY H 84 24.61 -17.68 -1.64
C GLY H 84 24.01 -16.44 -0.98
N VAL H 85 23.53 -16.55 0.25
CA VAL H 85 22.93 -15.43 0.96
C VAL H 85 24.00 -14.80 1.84
N ILE H 86 24.35 -13.56 1.54
CA ILE H 86 25.31 -12.78 2.33
C ILE H 86 24.54 -11.67 3.03
N ASP H 87 24.42 -11.77 4.35
CA ASP H 87 23.73 -10.75 5.12
C ASP H 87 24.50 -9.44 5.06
N ARG H 88 23.78 -8.33 5.23
CA ARG H 88 24.38 -7.02 5.09
C ARG H 88 25.45 -6.75 6.15
N ASP H 89 25.34 -7.37 7.31
CA ASP H 89 26.27 -7.12 8.41
C ASP H 89 27.38 -8.15 8.48
N TYR H 90 27.49 -9.04 7.49
CA TYR H 90 28.55 -10.04 7.47
C TYR H 90 29.84 -9.42 6.95
N ARG H 91 30.91 -9.50 7.74
CA ARG H 91 32.20 -8.93 7.37
C ARG H 91 33.30 -9.98 7.27
N GLY H 92 32.95 -11.27 7.26
CA GLY H 92 33.94 -12.31 7.14
C GLY H 92 34.32 -12.60 5.69
N ASN H 93 35.11 -13.65 5.52
CA ASN H 93 35.56 -14.06 4.20
C ASN H 93 34.38 -14.54 3.37
N VAL H 94 34.18 -13.93 2.21
CA VAL H 94 33.06 -14.29 1.33
C VAL H 94 33.37 -15.62 0.65
N GLY H 95 32.58 -16.64 0.95
CA GLY H 95 32.76 -17.97 0.41
C GLY H 95 31.66 -18.31 -0.58
N VAL H 96 32.04 -19.03 -1.65
CA VAL H 96 31.12 -19.45 -2.69
C VAL H 96 30.97 -20.96 -2.56
N VAL H 97 29.77 -21.42 -2.22
CA VAL H 97 29.49 -22.85 -2.08
C VAL H 97 29.11 -23.40 -3.45
N LEU H 98 29.88 -24.36 -3.94
CA LEU H 98 29.69 -24.92 -5.27
C LEU H 98 29.38 -26.41 -5.15
N PHE H 99 28.34 -26.84 -5.87
CA PHE H 99 27.95 -28.25 -5.93
C PHE H 99 28.30 -28.78 -7.31
N ASN H 100 29.22 -29.73 -7.37
CA ASN H 100 29.64 -30.35 -8.62
C ASN H 100 28.78 -31.60 -8.82
N HIS H 101 27.77 -31.50 -9.68
CA HIS H 101 26.87 -32.61 -9.94
C HIS H 101 27.39 -33.56 -11.01
N ALA H 102 28.51 -33.25 -11.64
CA ALA H 102 29.04 -34.09 -12.68
C ALA H 102 29.72 -35.32 -12.09
N LYS H 103 29.85 -36.36 -12.90
CA LYS H 103 30.50 -37.60 -12.50
C LYS H 103 32.02 -37.49 -12.49
N THR H 104 32.57 -36.33 -12.84
CA THR H 104 34.01 -36.10 -12.85
C THR H 104 34.36 -34.94 -11.91
N ASP H 105 35.60 -34.95 -11.43
CA ASP H 105 36.08 -33.85 -10.62
C ASP H 105 36.30 -32.62 -11.49
N TYR H 106 36.07 -31.45 -10.90
CA TYR H 106 36.31 -30.18 -11.57
C TYR H 106 37.40 -29.42 -10.83
N GLU H 107 38.35 -28.87 -11.58
CA GLU H 107 39.49 -28.15 -11.02
C GLU H 107 39.28 -26.66 -11.25
N VAL H 108 39.08 -25.92 -10.16
CA VAL H 108 38.97 -24.46 -10.22
C VAL H 108 40.36 -23.89 -9.98
N LYS H 109 40.76 -22.93 -10.82
CA LYS H 109 42.07 -22.33 -10.73
C LYS H 109 41.98 -20.94 -10.11
N LYS H 110 43.08 -20.51 -9.52
CA LYS H 110 43.15 -19.16 -8.95
C LYS H 110 42.88 -18.13 -10.03
N GLY H 111 41.93 -17.23 -9.75
CA GLY H 111 41.53 -16.22 -10.70
C GLY H 111 40.34 -16.58 -11.55
N ASP H 112 39.84 -17.81 -11.46
CA ASP H 112 38.67 -18.22 -12.23
C ASP H 112 37.41 -17.59 -11.66
N ARG H 113 36.56 -17.06 -12.54
CA ARG H 113 35.30 -16.47 -12.13
C ARG H 113 34.33 -17.60 -11.80
N VAL H 114 34.07 -17.83 -10.52
CA VAL H 114 33.24 -18.95 -10.10
C VAL H 114 31.78 -18.57 -9.87
N ALA H 115 31.49 -17.29 -9.65
CA ALA H 115 30.13 -16.83 -9.40
C ALA H 115 30.10 -15.32 -9.57
N GLN H 116 28.97 -14.71 -9.23
CA GLN H 116 28.83 -13.26 -9.28
C GLN H 116 28.02 -12.80 -8.08
N LEU H 117 28.34 -11.61 -7.60
CA LEU H 117 27.70 -11.04 -6.41
C LEU H 117 26.69 -9.99 -6.87
N ILE H 118 25.42 -10.25 -6.61
CA ILE H 118 24.32 -9.37 -7.01
C ILE H 118 23.77 -8.68 -5.77
N CYS H 119 23.60 -7.36 -5.85
CA CYS H 119 23.03 -6.57 -4.77
C CYS H 119 21.51 -6.55 -4.94
N GLU H 120 20.83 -7.55 -4.39
CA GLU H 120 19.40 -7.72 -4.57
C GLU H 120 18.63 -6.80 -3.64
N LYS H 121 17.87 -5.87 -4.20
CA LYS H 121 16.98 -5.03 -3.40
C LYS H 121 15.94 -5.90 -2.71
N ILE H 122 15.79 -5.72 -1.40
CA ILE H 122 14.84 -6.50 -0.60
C ILE H 122 14.16 -5.58 0.39
N ILE H 123 13.10 -6.10 1.01
CA ILE H 123 12.36 -5.41 2.06
C ILE H 123 12.78 -5.99 3.41
N TYR H 124 12.99 -5.10 4.38
CA TYR H 124 13.23 -5.49 5.77
C TYR H 124 11.97 -5.19 6.57
N PRO H 125 10.98 -6.06 6.57
CA PRO H 125 9.68 -5.73 7.15
C PRO H 125 9.54 -6.18 8.61
N GLU H 126 8.45 -5.72 9.23
CA GLU H 126 8.08 -6.20 10.55
C GLU H 126 7.25 -7.47 10.42
N ILE H 127 7.41 -8.37 11.38
CA ILE H 127 6.67 -9.63 11.42
C ILE H 127 5.50 -9.47 12.38
N GLN H 128 4.34 -9.99 11.99
CA GLN H 128 3.12 -9.85 12.77
C GLN H 128 2.27 -11.10 12.60
N GLU H 129 1.96 -11.77 13.70
CA GLU H 129 1.14 -12.98 13.65
C GLU H 129 -0.34 -12.63 13.78
N VAL H 130 -1.15 -13.20 12.89
CA VAL H 130 -2.60 -13.07 12.96
C VAL H 130 -3.20 -14.44 13.28
N GLU H 131 -4.37 -14.43 13.92
CA GLU H 131 -5.06 -15.67 14.24
C GLU H 131 -6.14 -16.05 13.22
N GLU H 132 -6.86 -15.07 12.68
CA GLU H 132 -7.82 -15.34 11.61
C GLU H 132 -7.13 -16.00 10.42
N LEU H 133 -7.83 -16.97 9.83
CA LEU H 133 -7.38 -17.57 8.57
C LEU H 133 -7.53 -16.58 7.43
N MET H 134 -6.42 -16.30 6.75
CA MET H 134 -6.40 -15.33 5.65
C MET H 134 -6.94 -15.92 4.36
N LYS I 8 4.26 3.12 -17.52
CA LYS I 8 4.36 1.84 -16.84
C LYS I 8 5.70 1.17 -17.10
N SER I 9 5.89 -0.01 -16.51
CA SER I 9 7.07 -0.83 -16.76
C SER I 9 6.73 -1.89 -17.80
N VAL I 10 7.64 -2.09 -18.75
CA VAL I 10 7.40 -2.96 -19.88
C VAL I 10 8.50 -4.01 -19.97
N LEU I 11 8.12 -5.27 -20.12
CA LEU I 11 9.03 -6.36 -20.43
C LEU I 11 8.80 -6.73 -21.89
N ARG I 12 9.78 -6.42 -22.74
CA ARG I 12 9.66 -6.66 -24.17
C ARG I 12 10.32 -7.96 -24.54
N PHE I 13 9.71 -8.69 -25.47
CA PHE I 13 10.26 -9.95 -25.95
C PHE I 13 10.00 -10.05 -27.45
N LYS I 14 10.78 -10.92 -28.10
CA LYS I 14 10.60 -11.19 -29.52
C LYS I 14 10.81 -12.67 -29.77
N LYS I 15 9.91 -13.27 -30.54
CA LYS I 15 10.06 -14.66 -30.94
C LYS I 15 11.14 -14.73 -32.02
N LEU I 16 12.18 -15.52 -31.76
CA LEU I 16 13.24 -15.69 -32.74
C LEU I 16 12.90 -16.72 -33.80
N THR I 17 12.01 -17.67 -33.51
CA THR I 17 11.63 -18.71 -34.46
C THR I 17 10.13 -18.97 -34.43
N GLU I 18 9.68 -19.95 -35.21
CA GLU I 18 8.28 -20.35 -35.18
C GLU I 18 7.89 -20.90 -33.81
N HIS I 19 8.83 -21.54 -33.13
CA HIS I 19 8.53 -22.35 -31.95
C HIS I 19 8.40 -21.55 -30.67
N ALA I 20 8.71 -20.26 -30.69
CA ALA I 20 8.68 -19.47 -29.47
C ALA I 20 7.24 -19.24 -29.00
N PHE I 21 7.08 -19.20 -27.68
CA PHE I 21 5.80 -18.97 -27.03
C PHE I 21 5.82 -17.61 -26.35
N THR I 22 4.66 -16.98 -26.27
CA THR I 22 4.54 -15.72 -25.55
C THR I 22 4.60 -15.99 -24.05
N PRO I 23 5.56 -15.44 -23.31
CA PRO I 23 5.59 -15.65 -21.86
C PRO I 23 4.33 -15.09 -21.21
N SER I 24 3.84 -15.81 -20.19
CA SER I 24 2.54 -15.49 -19.61
C SER I 24 2.55 -15.74 -18.11
N LYS I 25 1.64 -15.03 -17.43
CA LYS I 25 1.32 -15.27 -16.03
C LYS I 25 -0.15 -15.67 -15.92
N GLY I 26 -0.48 -16.36 -14.83
CA GLY I 26 -1.88 -16.68 -14.57
C GLY I 26 -2.65 -15.54 -13.95
N SER I 27 -2.00 -14.77 -13.09
CA SER I 27 -2.62 -13.62 -12.46
C SER I 27 -1.62 -12.47 -12.44
N LYS I 28 -2.13 -11.26 -12.13
CA LYS I 28 -1.26 -10.09 -12.12
C LYS I 28 -0.19 -10.19 -11.04
N PHE I 29 -0.47 -10.89 -9.95
CA PHE I 29 0.46 -10.96 -8.83
C PHE I 29 1.37 -12.17 -8.91
N ALA I 30 1.51 -12.76 -10.08
CA ALA I 30 2.51 -13.81 -10.27
C ALA I 30 3.91 -13.21 -10.21
N ALA I 31 4.84 -13.96 -9.61
CA ALA I 31 6.19 -13.43 -9.42
C ALA I 31 6.90 -13.24 -10.76
N GLY I 32 6.73 -14.20 -11.68
CA GLY I 32 7.43 -14.16 -12.94
C GLY I 32 6.56 -14.65 -14.08
N PHE I 33 7.03 -14.36 -15.30
CA PHE I 33 6.36 -14.83 -16.51
C PHE I 33 6.82 -16.23 -16.84
N ASP I 34 5.86 -17.12 -17.09
CA ASP I 34 6.19 -18.51 -17.39
C ASP I 34 6.91 -18.62 -18.72
N LEU I 35 8.02 -19.36 -18.73
CA LEU I 35 8.79 -19.60 -19.93
C LEU I 35 8.52 -21.02 -20.43
N CYS I 36 8.13 -21.13 -21.69
CA CYS I 36 7.78 -22.41 -22.29
C CYS I 36 8.89 -22.90 -23.20
N SER I 37 9.13 -24.21 -23.16
CA SER I 37 10.12 -24.81 -24.03
C SER I 37 9.65 -24.79 -25.47
N ALA I 38 10.52 -24.36 -26.38
CA ALA I 38 10.20 -24.29 -27.79
C ALA I 38 10.46 -25.59 -28.53
N TYR I 39 11.02 -26.60 -27.86
CA TYR I 39 11.37 -27.85 -28.52
C TYR I 39 11.13 -29.02 -27.57
N ASP I 40 11.09 -30.22 -28.14
CA ASP I 40 11.08 -31.44 -27.37
C ASP I 40 12.53 -31.87 -27.10
N LEU I 41 12.79 -32.27 -25.86
CA LEU I 41 14.12 -32.71 -25.47
C LEU I 41 13.99 -33.63 -24.27
N VAL I 42 15.08 -34.34 -23.98
CA VAL I 42 15.14 -35.27 -22.85
C VAL I 42 16.24 -34.80 -21.92
N ILE I 43 15.90 -34.63 -20.65
CA ILE I 43 16.87 -34.30 -19.62
C ILE I 43 17.36 -35.62 -19.02
N PRO I 44 18.62 -35.99 -19.23
CA PRO I 44 19.08 -37.30 -18.77
C PRO I 44 19.06 -37.41 -17.26
N ALA I 45 18.96 -38.65 -16.78
CA ALA I 45 19.04 -38.90 -15.35
C ALA I 45 20.37 -38.36 -14.82
N VAL I 46 20.33 -37.87 -13.57
CA VAL I 46 21.42 -37.15 -12.92
C VAL I 46 22.20 -36.30 -13.93
N GLY I 47 21.48 -35.62 -14.82
CA GLY I 47 22.10 -34.86 -15.88
C GLY I 47 21.61 -33.44 -16.01
N LYS I 48 21.80 -32.84 -17.18
CA LYS I 48 21.50 -31.43 -17.39
C LYS I 48 21.01 -31.22 -18.81
N ALA I 49 20.39 -30.06 -19.03
CA ALA I 49 19.93 -29.69 -20.37
C ALA I 49 19.71 -28.19 -20.40
N LEU I 50 20.01 -27.59 -21.55
CA LEU I 50 19.78 -26.16 -21.79
C LEU I 50 18.59 -26.06 -22.74
N VAL I 51 17.42 -25.72 -22.20
CA VAL I 51 16.20 -25.63 -23.00
C VAL I 51 16.10 -24.23 -23.57
N LYS I 52 15.97 -24.14 -24.89
CA LYS I 52 15.90 -22.86 -25.58
C LYS I 52 14.44 -22.41 -25.72
N THR I 53 14.18 -21.16 -25.37
CA THR I 53 12.86 -20.56 -25.52
C THR I 53 12.66 -19.86 -26.86
N ASP I 54 13.74 -19.65 -27.61
CA ASP I 54 13.69 -18.99 -28.91
C ASP I 54 13.14 -17.57 -28.81
N ILE I 55 13.39 -16.91 -27.68
CA ILE I 55 13.00 -15.52 -27.50
C ILE I 55 14.20 -14.72 -26.99
N GLN I 56 14.17 -13.43 -27.29
CA GLN I 56 15.08 -12.45 -26.71
C GLN I 56 14.26 -11.44 -25.94
N VAL I 57 14.82 -10.93 -24.84
CA VAL I 57 14.05 -10.08 -23.94
C VAL I 57 14.79 -8.77 -23.72
N GLU I 58 14.01 -7.72 -23.47
CA GLU I 58 14.52 -6.42 -23.01
C GLU I 58 13.83 -6.14 -21.70
N LEU I 59 14.59 -6.15 -20.62
CA LEU I 59 14.02 -6.05 -19.29
C LEU I 59 13.79 -4.59 -18.92
N PRO I 60 12.79 -4.32 -18.09
CA PRO I 60 12.59 -2.95 -17.61
C PRO I 60 13.76 -2.46 -16.78
N GLU I 61 13.83 -1.15 -16.59
CA GLU I 61 14.98 -0.54 -15.94
C GLU I 61 14.99 -0.86 -14.45
N GLY I 62 16.20 -0.90 -13.88
CA GLY I 62 16.35 -1.09 -12.45
C GLY I 62 16.24 -2.52 -11.97
N CYS I 63 16.52 -3.49 -12.83
CA CYS I 63 16.36 -4.89 -12.46
C CYS I 63 17.17 -5.76 -13.40
N TYR I 64 17.22 -7.06 -13.08
CA TYR I 64 17.72 -8.07 -13.98
C TYR I 64 16.71 -9.21 -14.05
N GLY I 65 16.94 -10.15 -14.95
CA GLY I 65 16.06 -11.27 -15.14
C GLY I 65 16.59 -12.54 -14.50
N ARG I 66 15.87 -13.02 -13.50
CA ARG I 66 16.20 -14.28 -12.83
C ARG I 66 15.29 -15.38 -13.36
N ILE I 67 15.89 -16.42 -13.93
CA ILE I 67 15.16 -17.60 -14.37
C ILE I 67 14.91 -18.44 -13.12
N ALA I 68 13.71 -18.38 -12.62
CA ALA I 68 13.38 -19.05 -11.38
C ALA I 68 12.61 -20.34 -11.64
N PRO I 69 12.72 -21.33 -10.76
CA PRO I 69 12.02 -22.60 -10.98
C PRO I 69 10.54 -22.50 -10.68
N ARG I 70 9.80 -23.46 -11.23
CA ARG I 70 8.40 -23.66 -10.91
C ARG I 70 8.27 -24.71 -9.83
N SER I 71 7.34 -24.50 -8.91
CA SER I 71 7.29 -25.34 -7.70
C SER I 71 6.91 -26.78 -8.05
N GLY I 72 5.92 -26.96 -8.92
CA GLY I 72 5.47 -28.32 -9.21
C GLY I 72 6.52 -29.17 -9.88
N LEU I 73 7.18 -28.64 -10.89
CA LEU I 73 8.16 -29.44 -11.63
C LEU I 73 9.38 -29.75 -10.77
N SER I 74 9.78 -28.81 -9.91
CA SER I 74 10.95 -29.01 -9.07
C SER I 74 10.69 -30.06 -8.00
N TRP I 75 9.54 -29.97 -7.32
CA TRP I 75 9.28 -30.86 -6.20
C TRP I 75 9.01 -32.29 -6.65
N LYS I 76 8.13 -32.44 -7.64
CA LYS I 76 7.70 -33.77 -8.06
C LYS I 76 8.67 -34.46 -9.00
N HIS I 77 9.57 -33.73 -9.65
CA HIS I 77 10.46 -34.34 -10.64
C HIS I 77 11.93 -34.10 -10.32
N HIS I 78 12.25 -33.55 -9.14
CA HIS I 78 13.63 -33.47 -8.64
C HIS I 78 14.53 -32.70 -9.60
N ILE I 79 14.01 -31.60 -10.14
CA ILE I 79 14.71 -30.80 -11.15
C ILE I 79 14.99 -29.42 -10.58
N ASP I 80 16.22 -28.95 -10.77
CA ASP I 80 16.64 -27.62 -10.33
C ASP I 80 17.04 -26.78 -11.53
N VAL I 81 16.89 -25.46 -11.38
CA VAL I 81 17.21 -24.50 -12.43
C VAL I 81 18.61 -23.95 -12.15
N GLY I 82 19.53 -24.19 -13.10
CA GLY I 82 20.86 -23.64 -13.01
C GLY I 82 20.97 -22.29 -13.70
N ALA I 83 22.15 -21.69 -13.56
CA ALA I 83 22.44 -20.35 -14.08
C ALA I 83 21.36 -19.37 -13.64
N GLY I 84 20.56 -18.89 -14.60
CA GLY I 84 19.39 -18.10 -14.28
C GLY I 84 19.56 -16.60 -14.23
N VAL I 85 20.77 -16.09 -14.42
CA VAL I 85 21.03 -14.65 -14.39
C VAL I 85 21.01 -14.14 -15.83
N ILE I 86 20.06 -13.26 -16.13
CA ILE I 86 19.93 -12.65 -17.45
C ILE I 86 20.31 -11.19 -17.31
N ASP I 87 21.46 -10.82 -17.87
CA ASP I 87 21.89 -9.43 -17.82
C ASP I 87 20.98 -8.56 -18.67
N ARG I 88 20.91 -7.28 -18.31
CA ARG I 88 19.99 -6.36 -18.98
C ARG I 88 20.33 -6.17 -20.45
N ASP I 89 21.59 -6.32 -20.83
CA ASP I 89 22.00 -6.07 -22.20
C ASP I 89 22.07 -7.34 -23.05
N TYR I 90 21.58 -8.46 -22.52
CA TYR I 90 21.60 -9.71 -23.27
C TYR I 90 20.42 -9.75 -24.23
N ARG I 91 20.72 -9.90 -25.52
CA ARG I 91 19.68 -9.96 -26.56
C ARG I 91 19.71 -11.28 -27.32
N GLY I 92 20.42 -12.28 -26.81
CA GLY I 92 20.45 -13.57 -27.45
C GLY I 92 19.28 -14.44 -27.03
N ASN I 93 19.32 -15.68 -27.50
CA ASN I 93 18.27 -16.65 -27.17
C ASN I 93 18.30 -16.94 -25.68
N VAL I 94 17.17 -16.71 -25.00
CA VAL I 94 17.09 -16.95 -23.57
C VAL I 94 17.00 -18.45 -23.32
N GLY I 95 18.00 -18.99 -22.64
CA GLY I 95 18.06 -20.42 -22.34
C GLY I 95 17.86 -20.68 -20.86
N VAL I 96 17.16 -21.77 -20.55
CA VAL I 96 16.90 -22.20 -19.19
C VAL I 96 17.70 -23.46 -18.93
N VAL I 97 18.67 -23.37 -18.02
CA VAL I 97 19.51 -24.52 -17.65
C VAL I 97 18.80 -25.31 -16.57
N LEU I 98 18.53 -26.59 -16.85
CA LEU I 98 17.78 -27.47 -15.96
C LEU I 98 18.66 -28.62 -15.53
N PHE I 99 18.67 -28.91 -14.22
CA PHE I 99 19.40 -30.04 -13.66
C PHE I 99 18.39 -31.09 -13.21
N ASN I 100 18.41 -32.26 -13.84
CA ASN I 100 17.53 -33.36 -13.46
C ASN I 100 18.27 -34.27 -12.50
N HIS I 101 17.93 -34.15 -11.22
CA HIS I 101 18.58 -34.93 -10.17
C HIS I 101 17.95 -36.30 -9.96
N ALA I 102 16.87 -36.62 -10.68
CA ALA I 102 16.22 -37.91 -10.52
C ALA I 102 17.02 -39.02 -11.22
N LYS I 103 16.80 -40.25 -10.78
CA LYS I 103 17.50 -41.40 -11.34
C LYS I 103 16.98 -41.83 -12.71
N THR I 104 15.93 -41.17 -13.23
CA THR I 104 15.38 -41.48 -14.53
C THR I 104 15.37 -40.22 -15.39
N ASP I 105 15.33 -40.42 -16.71
CA ASP I 105 15.26 -39.31 -17.63
C ASP I 105 13.91 -38.62 -17.56
N TYR I 106 13.92 -37.31 -17.82
CA TYR I 106 12.70 -36.51 -17.88
C TYR I 106 12.51 -35.99 -19.29
N GLU I 107 11.29 -36.09 -19.79
CA GLU I 107 10.95 -35.70 -21.16
C GLU I 107 10.20 -34.38 -21.12
N VAL I 108 10.82 -33.34 -21.65
CA VAL I 108 10.20 -32.02 -21.76
C VAL I 108 9.54 -31.90 -23.12
N LYS I 109 8.29 -31.45 -23.14
CA LYS I 109 7.55 -31.30 -24.38
C LYS I 109 7.47 -29.83 -24.78
N LYS I 110 7.32 -29.60 -26.09
CA LYS I 110 7.15 -28.25 -26.59
C LYS I 110 5.92 -27.61 -25.96
N GLY I 111 6.10 -26.42 -25.40
CA GLY I 111 5.02 -25.73 -24.72
C GLY I 111 4.99 -25.94 -23.22
N ASP I 112 5.85 -26.82 -22.69
CA ASP I 112 5.88 -27.02 -21.25
C ASP I 112 6.52 -25.83 -20.56
N ARG I 113 5.88 -25.33 -19.49
CA ARG I 113 6.43 -24.24 -18.71
C ARG I 113 7.55 -24.79 -17.84
N VAL I 114 8.79 -24.49 -18.21
CA VAL I 114 9.94 -25.06 -17.52
C VAL I 114 10.50 -24.17 -16.43
N ALA I 115 10.22 -22.86 -16.47
CA ALA I 115 10.73 -21.93 -15.48
C ALA I 115 9.91 -20.65 -15.57
N GLN I 116 10.34 -19.63 -14.82
CA GLN I 116 9.70 -18.33 -14.84
C GLN I 116 10.75 -17.25 -14.78
N LEU I 117 10.46 -16.12 -15.43
CA LEU I 117 11.39 -14.99 -15.51
C LEU I 117 10.93 -13.92 -14.53
N ILE I 118 11.74 -13.66 -13.51
CA ILE I 118 11.42 -12.68 -12.48
C ILE I 118 12.29 -11.45 -12.71
N CYS I 119 11.65 -10.28 -12.70
CA CYS I 119 12.36 -9.01 -12.85
C CYS I 119 12.79 -8.57 -11.45
N GLU I 120 13.96 -9.06 -11.03
CA GLU I 120 14.44 -8.83 -9.67
C GLU I 120 15.06 -7.44 -9.58
N LYS I 121 14.46 -6.58 -8.76
CA LYS I 121 15.05 -5.27 -8.49
C LYS I 121 16.40 -5.43 -7.82
N ILE I 122 17.41 -4.75 -8.35
CA ILE I 122 18.77 -4.80 -7.81
C ILE I 122 19.37 -3.40 -7.85
N ILE I 123 20.49 -3.27 -7.15
CA ILE I 123 21.28 -2.04 -7.13
C ILE I 123 22.45 -2.21 -8.08
N TYR I 124 22.75 -1.17 -8.86
CA TYR I 124 23.93 -1.15 -9.69
C TYR I 124 24.97 -0.22 -9.06
N PRO I 125 25.74 -0.71 -8.09
CA PRO I 125 26.62 0.18 -7.34
C PRO I 125 28.02 0.20 -7.96
N GLU I 126 28.82 1.16 -7.49
CA GLU I 126 30.22 1.20 -7.81
C GLU I 126 31.00 0.36 -6.82
N ILE I 127 32.09 -0.23 -7.30
CA ILE I 127 32.96 -1.03 -6.44
C ILE I 127 34.07 -0.12 -5.93
N GLN I 128 34.40 -0.26 -4.66
CA GLN I 128 35.35 0.64 -4.00
C GLN I 128 36.13 -0.15 -2.98
N GLU I 129 37.46 -0.09 -3.08
CA GLU I 129 38.32 -0.80 -2.15
C GLU I 129 38.56 0.06 -0.91
N VAL I 130 38.47 -0.56 0.26
CA VAL I 130 38.75 0.11 1.53
C VAL I 130 40.07 -0.41 2.07
N GLU I 131 40.71 0.41 2.91
CA GLU I 131 42.01 0.04 3.49
C GLU I 131 41.87 -0.66 4.84
N GLU I 132 41.41 0.06 5.86
CA GLU I 132 41.14 -0.55 7.16
C GLU I 132 40.18 -1.72 7.04
N LEU I 133 40.45 -2.76 7.83
CA LEU I 133 39.56 -3.92 7.91
C LEU I 133 38.24 -3.54 8.57
N MET I 134 37.15 -3.73 7.85
CA MET I 134 35.82 -3.46 8.37
C MET I 134 35.35 -4.62 9.24
N GLU I 135 34.74 -4.28 10.36
CA GLU I 135 34.22 -5.28 11.29
C GLU I 135 32.79 -4.96 11.66
N THR I 136 31.98 -6.00 11.84
CA THR I 136 30.66 -5.82 12.43
C THR I 136 30.83 -5.25 13.84
N GLU I 137 30.31 -4.04 14.03
CA GLU I 137 30.74 -3.17 15.12
C GLU I 137 30.33 -3.74 16.48
N ARG I 138 30.51 -2.91 17.51
CA ARG I 138 30.53 -3.38 18.90
C ARG I 138 29.10 -3.55 19.41
N GLY I 139 28.50 -4.67 19.01
CA GLY I 139 27.38 -5.23 19.72
C GLY I 139 27.91 -6.15 20.81
N GLU I 140 29.16 -5.88 21.19
CA GLU I 140 29.93 -6.71 22.09
C GLU I 140 29.69 -6.41 23.55
N GLY I 141 28.80 -5.47 23.87
CA GLY I 141 28.52 -5.16 25.25
C GLY I 141 27.52 -6.12 25.87
N GLY I 142 26.33 -6.17 25.30
CA GLY I 142 25.28 -7.03 25.81
C GLY I 142 23.98 -6.86 25.05
N PHE I 143 22.87 -6.87 25.77
CA PHE I 143 21.56 -6.74 25.14
C PHE I 143 20.96 -5.37 25.41
N ALA J 10 -3.05 -13.05 20.01
CA ALA J 10 -3.72 -13.95 20.95
C ALA J 10 -3.18 -13.76 22.36
N GLU J 11 -2.81 -14.86 23.00
CA GLU J 11 -2.27 -14.84 24.35
C GLU J 11 -1.18 -15.89 24.48
N LEU J 12 -0.11 -15.52 25.10
CA LEU J 12 0.97 -16.47 25.28
C LEU J 12 0.97 -17.01 26.71
N PRO J 13 1.50 -18.22 26.91
CA PRO J 13 1.56 -18.78 28.26
C PRO J 13 2.24 -17.82 29.25
N THR J 14 1.91 -17.99 30.52
CA THR J 14 2.25 -17.02 31.56
C THR J 14 3.76 -16.98 31.83
N HIS J 15 4.55 -17.79 31.10
CA HIS J 15 6.00 -17.68 31.24
C HIS J 15 6.47 -16.28 30.93
N TYR J 16 5.90 -15.65 29.91
CA TYR J 16 6.42 -14.39 29.40
C TYR J 16 6.35 -13.28 30.43
N GLY J 17 5.42 -13.36 31.39
CA GLY J 17 5.44 -12.39 32.46
C GLY J 17 6.66 -12.55 33.33
N THR J 18 7.02 -13.80 33.66
CA THR J 18 8.24 -14.07 34.42
C THR J 18 9.49 -13.77 33.59
N ILE J 19 9.45 -14.09 32.30
CA ILE J 19 10.60 -13.84 31.44
C ILE J 19 10.91 -12.36 31.37
N ILE J 20 9.89 -11.54 31.13
CA ILE J 20 10.09 -10.11 30.96
C ILE J 20 10.51 -9.47 32.29
N LYS J 21 9.84 -9.85 33.38
CA LYS J 21 10.16 -9.28 34.68
C LYS J 21 11.59 -9.60 35.08
N THR J 22 12.05 -10.82 34.79
CA THR J 22 13.44 -11.18 35.09
C THR J 22 14.41 -10.43 34.18
N LEU J 23 14.09 -10.31 32.89
CA LEU J 23 14.96 -9.62 31.97
C LEU J 23 14.93 -8.11 32.17
N ARG J 24 13.77 -7.55 32.56
CA ARG J 24 13.72 -6.13 32.87
C ARG J 24 14.59 -5.80 34.08
N LYS J 25 14.52 -6.64 35.12
CA LYS J 25 15.38 -6.45 36.27
C LYS J 25 16.84 -6.72 35.94
N TYR J 26 17.10 -7.64 35.02
CA TYR J 26 18.48 -7.91 34.62
C TYR J 26 19.10 -6.69 33.96
N MET J 27 18.32 -5.95 33.18
CA MET J 27 18.81 -4.73 32.54
C MET J 27 18.63 -3.51 33.42
N LYS J 28 18.27 -3.72 34.69
CA LYS J 28 18.22 -2.64 35.69
C LYS J 28 17.34 -1.49 35.20
N LEU J 29 16.16 -1.83 34.71
CA LEU J 29 15.18 -0.86 34.22
C LEU J 29 13.98 -0.86 35.14
N THR J 30 13.48 0.34 35.44
CA THR J 30 12.24 0.44 36.19
C THR J 30 11.06 0.14 35.28
N GLN J 31 9.92 -0.16 35.91
CA GLN J 31 8.67 -0.30 35.15
C GLN J 31 8.37 0.96 34.36
N SER J 32 8.76 2.13 34.89
CA SER J 32 8.50 3.38 34.19
C SER J 32 9.40 3.53 32.96
N LYS J 33 10.69 3.21 33.11
CA LYS J 33 11.60 3.33 31.98
C LYS J 33 11.20 2.40 30.84
N LEU J 34 10.82 1.16 31.18
CA LEU J 34 10.27 0.26 30.17
C LEU J 34 8.97 0.80 29.61
N SER J 35 8.18 1.51 30.43
CA SER J 35 6.91 2.04 29.97
C SER J 35 7.11 3.08 28.88
N GLU J 36 8.18 3.88 28.98
CA GLU J 36 8.42 4.89 27.95
C GLU J 36 8.97 4.29 26.67
N ARG J 37 9.59 3.12 26.74
CA ARG J 37 10.07 2.41 25.56
C ARG J 37 8.99 1.57 24.91
N THR J 38 8.31 0.73 25.71
CA THR J 38 7.30 -0.16 25.15
C THR J 38 6.11 0.61 24.59
N GLY J 39 5.70 1.68 25.26
CA GLY J 39 4.43 2.31 24.98
C GLY J 39 3.27 1.72 25.77
N PHE J 40 3.50 0.62 26.48
CA PHE J 40 2.49 0.05 27.37
C PHE J 40 2.37 0.91 28.62
N SER J 41 1.18 0.93 29.19
CA SER J 41 1.00 1.67 30.44
C SER J 41 1.77 1.00 31.57
N GLN J 42 2.08 1.80 32.59
CA GLN J 42 2.83 1.29 33.74
C GLN J 42 2.04 0.22 34.47
N ASN J 43 0.71 0.28 34.41
CA ASN J 43 -0.14 -0.73 35.03
C ASN J 43 -0.19 -1.99 34.19
N THR J 44 -0.22 -1.85 32.86
CA THR J 44 -0.25 -3.01 31.97
C THR J 44 0.99 -3.88 32.15
N ILE J 45 2.15 -3.26 32.30
CA ILE J 45 3.39 -4.03 32.50
C ILE J 45 3.31 -4.80 33.81
N SER J 46 2.75 -4.19 34.86
CA SER J 46 2.65 -4.85 36.15
C SER J 46 1.75 -6.08 36.08
N ASN J 47 0.63 -5.97 35.37
CA ASN J 47 -0.26 -7.13 35.23
C ASN J 47 0.37 -8.22 34.38
N HIS J 48 1.21 -7.84 33.42
CA HIS J 48 1.93 -8.84 32.63
C HIS J 48 2.95 -9.58 33.48
N GLU J 49 3.74 -8.85 34.27
CA GLU J 49 4.79 -9.47 35.07
C GLU J 49 4.21 -10.33 36.19
N ASN J 50 3.04 -9.97 36.71
CA ASN J 50 2.48 -10.71 37.84
C ASN J 50 1.74 -11.96 37.39
N GLY J 51 1.06 -11.89 36.25
CA GLY J 51 0.35 -13.03 35.68
C GLY J 51 -1.13 -12.81 35.53
N ASN J 52 -1.65 -11.63 35.86
CA ASN J 52 -3.09 -11.39 35.76
C ASN J 52 -3.53 -11.29 34.30
N ARG J 53 -2.81 -10.51 33.50
CA ARG J 53 -3.10 -10.36 32.08
C ARG J 53 -2.07 -11.10 31.25
N ASN J 54 -2.53 -11.90 30.31
CA ASN J 54 -1.64 -12.62 29.41
C ASN J 54 -1.08 -11.65 28.36
N ILE J 55 0.10 -11.98 27.86
CA ILE J 55 0.82 -11.15 26.90
C ILE J 55 0.56 -11.70 25.51
N GLY J 56 0.07 -10.84 24.62
CA GLY J 56 -0.25 -11.29 23.28
C GLY J 56 0.98 -11.56 22.45
N VAL J 57 0.74 -12.20 21.30
CA VAL J 57 1.84 -12.72 20.50
C VAL J 57 2.62 -11.59 19.83
N ASN J 58 1.98 -10.47 19.51
CA ASN J 58 2.65 -9.34 18.91
C ASN J 58 3.31 -8.42 19.93
N GLU J 59 2.96 -8.54 21.21
CA GLU J 59 3.52 -7.68 22.24
C GLU J 59 4.93 -8.07 22.64
N ILE J 60 5.29 -9.35 22.51
CA ILE J 60 6.67 -9.77 22.82
C ILE J 60 7.66 -9.06 21.90
N GLU J 61 7.28 -8.82 20.65
CA GLU J 61 8.13 -8.05 19.74
C GLU J 61 8.37 -6.65 20.29
N ILE J 62 7.34 -6.04 20.89
CA ILE J 62 7.51 -4.70 21.47
C ILE J 62 8.39 -4.78 22.71
N TYR J 63 8.20 -5.80 23.54
CA TYR J 63 9.02 -5.96 24.73
C TYR J 63 10.48 -6.23 24.38
N GLY J 64 10.72 -6.98 23.30
CA GLY J 64 12.09 -7.27 22.91
C GLY J 64 12.88 -6.03 22.57
N LYS J 65 12.26 -5.12 21.82
CA LYS J 65 12.94 -3.87 21.49
C LYS J 65 13.11 -2.98 22.73
N GLY J 66 12.12 -3.00 23.62
CA GLY J 66 12.22 -2.20 24.84
C GLY J 66 13.31 -2.69 25.77
N LEU J 67 13.56 -3.99 25.79
CA LEU J 67 14.60 -4.56 26.63
C LEU J 67 15.96 -4.55 25.96
N GLY J 68 16.01 -4.45 24.64
CA GLY J 68 17.26 -4.58 23.93
C GLY J 68 17.65 -6.00 23.64
N ILE J 69 16.69 -6.91 23.60
CA ILE J 69 16.95 -8.33 23.36
C ILE J 69 16.17 -8.77 22.13
N PRO J 70 16.77 -9.55 21.23
CA PRO J 70 16.01 -10.09 20.10
C PRO J 70 14.83 -10.92 20.59
N SER J 71 13.67 -10.69 19.96
CA SER J 71 12.44 -11.31 20.45
C SER J 71 12.51 -12.82 20.42
N TYR J 72 13.28 -13.40 19.50
CA TYR J 72 13.36 -14.85 19.39
C TYR J 72 14.09 -15.48 20.56
N ILE J 73 14.96 -14.73 21.25
CA ILE J 73 15.64 -15.29 22.42
C ILE J 73 14.66 -15.48 23.56
N LEU J 74 13.69 -14.58 23.71
CA LEU J 74 12.67 -14.76 24.73
C LEU J 74 11.74 -15.91 24.37
N HIS J 75 11.52 -16.14 23.08
CA HIS J 75 10.75 -17.31 22.65
C HIS J 75 11.51 -18.60 22.96
N ARG J 76 12.84 -18.59 22.77
CA ARG J 76 13.62 -19.77 23.09
C ARG J 76 13.64 -20.04 24.59
N ILE J 77 13.62 -19.00 25.41
CA ILE J 77 13.50 -19.17 26.85
C ILE J 77 12.16 -19.80 27.20
N SER J 78 11.09 -19.35 26.53
CA SER J 78 9.78 -19.95 26.75
C SER J 78 9.74 -21.42 26.36
N ASP J 79 10.52 -21.81 25.35
CA ASP J 79 10.57 -23.22 24.97
C ASP J 79 11.20 -24.06 26.06
N GLU J 80 12.15 -23.50 26.81
CA GLU J 80 12.70 -24.20 27.95
C GLU J 80 11.64 -24.35 29.05
N PHE J 81 10.78 -23.33 29.20
CA PHE J 81 9.68 -23.43 30.14
C PHE J 81 8.71 -24.54 29.75
N LYS J 82 8.35 -24.60 28.46
CA LYS J 82 7.43 -25.63 28.01
C LYS J 82 8.03 -27.02 28.11
N GLU J 83 9.35 -27.14 27.94
CA GLU J 83 10.01 -28.43 27.95
C GLU J 83 10.42 -28.89 29.34
N LYS J 84 10.79 -27.96 30.22
CA LYS J 84 11.32 -28.31 31.54
C LYS J 84 10.52 -27.75 32.71
N GLY J 85 9.58 -26.83 32.46
CA GLY J 85 8.93 -26.12 33.54
C GLY J 85 9.70 -24.94 34.08
N TYR J 86 10.98 -24.81 33.74
CA TYR J 86 11.79 -23.67 34.14
C TYR J 86 12.80 -23.41 33.04
N SER J 87 13.49 -22.29 33.14
CA SER J 87 14.48 -21.89 32.14
C SER J 87 15.87 -21.77 32.76
N PRO J 88 16.78 -22.71 32.49
CA PRO J 88 18.16 -22.53 32.98
C PRO J 88 18.85 -21.33 32.36
N THR J 89 18.48 -20.97 31.12
CA THR J 89 19.06 -19.79 30.49
C THR J 89 18.64 -18.52 31.22
N LEU J 90 17.37 -18.43 31.62
CA LEU J 90 16.92 -17.25 32.34
C LEU J 90 17.53 -17.17 33.73
N ASN J 91 17.73 -18.33 34.38
CA ASN J 91 18.38 -18.34 35.69
C ASN J 91 19.83 -17.88 35.61
N ASP J 92 20.52 -18.19 34.51
CA ASP J 92 21.90 -17.76 34.31
C ASP J 92 22.01 -16.89 33.07
N PHE J 93 21.26 -15.79 33.05
CA PHE J 93 21.22 -14.95 31.85
C PHE J 93 22.49 -14.14 31.69
N GLY J 94 23.12 -13.74 32.80
CA GLY J 94 24.37 -13.01 32.70
C GLY J 94 25.44 -13.74 31.92
N LYS J 95 25.55 -15.06 32.16
CA LYS J 95 26.50 -15.86 31.40
C LYS J 95 26.06 -16.03 29.95
N PHE J 96 24.76 -16.14 29.72
CA PHE J 96 24.27 -16.24 28.35
C PHE J 96 24.43 -14.94 27.59
N ASP J 97 24.13 -13.81 28.24
CA ASP J 97 24.27 -12.51 27.59
C ASP J 97 25.70 -12.28 27.10
N LYS J 98 26.68 -12.51 27.97
CA LYS J 98 28.07 -12.28 27.60
C LYS J 98 28.54 -13.29 26.55
N MET J 99 28.08 -14.54 26.67
CA MET J 99 28.52 -15.56 25.72
C MET J 99 27.84 -15.40 24.37
N TYR J 100 26.60 -14.90 24.36
CA TYR J 100 25.93 -14.65 23.09
C TYR J 100 26.62 -13.53 22.32
N SER J 101 27.22 -12.57 23.03
CA SER J 101 28.00 -11.54 22.35
C SER J 101 29.22 -12.12 21.66
N TYR J 102 29.81 -13.16 22.24
CA TYR J 102 30.99 -13.76 21.62
C TYR J 102 30.62 -14.54 20.38
N VAL J 103 29.54 -15.31 20.43
CA VAL J 103 29.11 -16.08 19.27
C VAL J 103 28.60 -15.15 18.17
N ASN J 104 27.96 -14.04 18.55
CA ASN J 104 27.47 -13.10 17.54
C ASN J 104 28.62 -12.42 16.82
N LYS J 105 29.67 -12.06 17.56
CA LYS J 105 30.85 -11.48 16.94
C LYS J 105 31.53 -12.48 16.01
N ALA J 106 31.60 -13.74 16.42
CA ALA J 106 32.26 -14.75 15.60
C ALA J 106 31.43 -15.08 14.36
N TYR J 107 30.10 -15.09 14.51
CA TYR J 107 29.23 -15.45 13.40
C TYR J 107 29.35 -14.45 12.25
N TYR J 108 29.40 -13.16 12.56
CA TYR J 108 29.39 -12.11 11.56
C TYR J 108 30.79 -11.68 11.13
N ASN J 109 31.84 -12.26 11.72
CA ASN J 109 33.20 -11.87 11.40
C ASN J 109 34.10 -13.02 10.96
N ASP J 110 33.72 -14.28 11.20
CA ASP J 110 34.54 -15.43 10.84
C ASP J 110 33.77 -16.31 9.86
N GLY J 111 34.40 -16.61 8.73
CA GLY J 111 33.74 -17.43 7.73
C GLY J 111 33.55 -18.88 8.16
N ASP J 112 34.44 -19.38 9.01
CA ASP J 112 34.31 -20.76 9.49
C ASP J 112 33.07 -20.95 10.35
N ILE J 113 32.56 -19.88 10.96
CA ILE J 113 31.33 -19.96 11.75
C ILE J 113 30.11 -19.63 10.89
N TYR J 114 30.23 -18.65 10.00
CA TYR J 114 29.10 -18.23 9.18
C TYR J 114 28.62 -19.34 8.26
N TYR J 115 29.54 -20.15 7.74
CA TYR J 115 29.20 -21.22 6.81
C TYR J 115 29.04 -22.57 7.50
N SER J 116 29.00 -22.58 8.83
CA SER J 116 28.79 -23.83 9.56
C SER J 116 27.80 -23.70 10.71
N SER J 117 27.31 -22.51 11.02
CA SER J 117 26.40 -22.34 12.15
C SER J 117 25.01 -22.84 11.78
N TYR J 118 24.28 -23.26 12.80
CA TYR J 118 22.91 -23.73 12.67
C TYR J 118 21.94 -22.89 13.48
N ASP J 119 22.27 -22.58 14.73
CA ASP J 119 21.40 -21.78 15.59
C ASP J 119 22.28 -21.11 16.64
N LEU J 120 22.31 -19.79 16.64
CA LEU J 120 23.19 -19.06 17.56
C LEU J 120 22.78 -19.29 19.02
N TYR J 121 21.49 -19.50 19.27
CA TYR J 121 21.04 -19.75 20.64
C TYR J 121 21.54 -21.10 21.13
N ASP J 122 21.31 -22.16 20.35
CA ASP J 122 21.73 -23.49 20.76
C ASP J 122 23.24 -23.58 20.91
N GLU J 123 23.98 -22.95 19.99
CA GLU J 123 25.44 -23.01 20.04
C GLU J 123 25.99 -22.18 21.19
N THR J 124 25.28 -21.13 21.60
CA THR J 124 25.67 -20.40 22.80
C THR J 124 25.49 -21.27 24.04
N ILE J 125 24.44 -22.08 24.07
CA ILE J 125 24.20 -22.96 25.21
C ILE J 125 25.30 -24.01 25.31
N LYS J 126 25.61 -24.67 24.19
CA LYS J 126 26.64 -25.71 24.21
C LYS J 126 27.99 -25.15 24.62
N LEU J 127 28.32 -23.95 24.14
CA LEU J 127 29.58 -23.32 24.54
C LEU J 127 29.60 -23.03 26.03
N LEU J 128 28.45 -22.61 26.58
CA LEU J 128 28.36 -22.41 28.02
C LEU J 128 28.50 -23.73 28.77
N GLU J 129 27.92 -24.80 28.21
CA GLU J 129 28.00 -26.11 28.86
C GLU J 129 29.43 -26.63 28.85
N LEU J 130 30.22 -26.22 27.86
CA LEU J 130 31.61 -26.67 27.78
C LEU J 130 32.52 -25.88 28.72
N LEU J 131 32.13 -24.65 29.06
CA LEU J 131 32.89 -23.90 30.06
C LEU J 131 32.63 -24.43 31.47
N LYS J 132 31.37 -24.80 31.76
CA LYS J 132 31.06 -25.36 33.07
C LYS J 132 31.64 -26.76 33.24
N GLU J 133 31.59 -27.57 32.19
CA GLU J 133 32.17 -28.91 32.25
C GLU J 133 33.68 -28.85 32.48
N SER J 134 34.36 -27.91 31.84
CA SER J 134 35.80 -27.75 32.01
C SER J 134 36.16 -26.78 33.13
N LYS J 135 35.17 -26.34 33.90
CA LYS J 135 35.35 -25.35 34.97
C LYS J 135 36.18 -24.16 34.50
N ILE J 136 35.60 -23.44 33.54
CA ILE J 136 36.16 -22.20 33.00
C ILE J 136 35.13 -21.11 33.16
N ASN J 137 35.56 -19.92 33.59
CA ASN J 137 34.65 -18.82 33.81
C ASN J 137 34.40 -18.08 32.50
N VAL J 138 33.12 -17.74 32.26
CA VAL J 138 32.73 -17.06 31.03
C VAL J 138 33.27 -15.63 30.99
N ASN J 139 33.38 -14.96 32.13
CA ASN J 139 33.90 -13.61 32.16
C ASN J 139 35.42 -13.53 32.15
N ASP J 140 36.10 -14.64 32.46
CA ASP J 140 37.55 -14.67 32.47
C ASP J 140 38.17 -15.13 31.15
N ILE J 141 37.38 -15.60 30.21
CA ILE J 141 37.91 -16.19 28.99
C ILE J 141 38.01 -15.10 27.94
N ASP J 142 38.92 -15.29 26.98
CA ASP J 142 39.06 -14.32 25.90
C ASP J 142 38.23 -14.75 24.71
N TYR J 143 38.02 -13.81 23.80
CA TYR J 143 37.22 -14.10 22.62
C TYR J 143 37.97 -15.04 21.67
N ASP J 144 39.28 -14.82 21.50
CA ASP J 144 40.04 -15.65 20.56
C ASP J 144 40.04 -17.10 20.98
N TYR J 145 40.10 -17.37 22.29
CA TYR J 145 39.99 -18.76 22.74
C TYR J 145 38.57 -19.25 22.57
N VAL J 146 37.58 -18.38 22.82
CA VAL J 146 36.18 -18.77 22.64
C VAL J 146 35.91 -19.06 21.18
N LEU J 147 36.54 -18.29 20.28
CA LEU J 147 36.41 -18.54 18.86
C LEU J 147 36.95 -19.92 18.50
N LYS J 148 38.03 -20.34 19.15
CA LYS J 148 38.58 -21.67 18.90
C LYS J 148 37.60 -22.75 19.34
N LEU J 149 36.96 -22.57 20.50
CA LEU J 149 36.00 -23.57 20.97
C LEU J 149 34.74 -23.58 20.10
N TYR J 150 34.34 -22.43 19.56
CA TYR J 150 33.20 -22.38 18.66
C TYR J 150 33.46 -23.20 17.39
N LYS J 151 34.69 -23.13 16.86
CA LYS J 151 35.03 -23.88 15.66
C LYS J 151 35.16 -25.37 15.94
N GLN J 152 35.38 -25.74 17.19
CA GLN J 152 35.47 -27.15 17.55
C GLN J 152 34.08 -27.79 17.61
N ILE J 153 33.09 -27.07 18.12
CA ILE J 153 31.74 -27.58 18.23
C ILE J 153 31.11 -27.78 16.86
N LEU J 154 31.49 -26.99 15.87
CA LEU J 154 30.93 -27.07 14.53
C LEU J 154 31.78 -27.92 13.60
N SER J 155 32.37 -29.00 14.14
CA SER J 155 33.28 -29.92 13.44
C SER J 155 33.72 -29.54 12.02
N LEU K 12 55.58 -7.96 -6.68
CA LEU K 12 55.98 -7.51 -8.01
C LEU K 12 55.29 -6.20 -8.38
N PRO K 13 55.98 -5.35 -9.13
CA PRO K 13 55.40 -4.04 -9.50
C PRO K 13 54.20 -4.20 -10.41
N THR K 14 53.23 -3.32 -10.23
CA THR K 14 51.98 -3.38 -11.00
C THR K 14 52.09 -2.67 -12.34
N HIS K 15 53.01 -1.72 -12.49
CA HIS K 15 53.29 -1.04 -13.76
C HIS K 15 52.10 -0.25 -14.26
N TYR K 16 51.19 0.17 -13.37
CA TYR K 16 50.00 0.88 -13.81
C TYR K 16 50.32 2.25 -14.41
N GLY K 17 51.44 2.85 -14.03
CA GLY K 17 51.80 4.14 -14.61
C GLY K 17 52.10 4.05 -16.09
N THR K 18 52.84 3.02 -16.51
CA THR K 18 53.10 2.81 -17.93
C THR K 18 51.84 2.38 -18.67
N ILE K 19 50.99 1.57 -18.02
CA ILE K 19 49.77 1.09 -18.66
C ILE K 19 48.85 2.26 -18.99
N ILE K 20 48.63 3.15 -18.04
CA ILE K 20 47.70 4.25 -18.25
C ILE K 20 48.23 5.22 -19.29
N LYS K 21 49.52 5.58 -19.20
CA LYS K 21 50.09 6.51 -20.16
C LYS K 21 50.04 5.96 -21.58
N THR K 22 50.27 4.65 -21.73
CA THR K 22 50.21 4.04 -23.06
C THR K 22 48.79 4.01 -23.59
N LEU K 23 47.82 3.65 -22.75
CA LEU K 23 46.45 3.54 -23.21
C LEU K 23 45.84 4.91 -23.44
N ARG K 24 46.23 5.92 -22.66
CA ARG K 24 45.74 7.27 -22.93
C ARG K 24 46.24 7.78 -24.27
N LYS K 25 47.51 7.51 -24.59
CA LYS K 25 48.02 7.91 -25.90
C LYS K 25 47.36 7.09 -27.01
N TYR K 26 47.01 5.83 -26.74
CA TYR K 26 46.32 5.03 -27.73
C TYR K 26 44.93 5.60 -28.02
N MET K 27 44.28 6.13 -26.99
CA MET K 27 42.93 6.70 -27.13
C MET K 27 42.95 8.18 -27.49
N LYS K 28 44.09 8.71 -27.93
CA LYS K 28 44.20 10.07 -28.49
C LYS K 28 43.66 11.12 -27.51
N LEU K 29 44.04 10.97 -26.25
CA LEU K 29 43.59 11.88 -25.21
C LEU K 29 44.76 12.67 -24.63
N THR K 30 44.54 13.96 -24.43
CA THR K 30 45.50 14.77 -23.70
C THR K 30 45.33 14.55 -22.21
N GLN K 31 46.36 14.91 -21.45
CA GLN K 31 46.25 14.88 -19.99
C GLN K 31 45.11 15.77 -19.50
N SER K 32 44.83 16.86 -20.21
CA SER K 32 43.76 17.77 -19.79
C SER K 32 42.39 17.15 -20.01
N LYS K 33 42.17 16.55 -21.18
CA LYS K 33 40.87 15.93 -21.45
C LYS K 33 40.61 14.77 -20.51
N LEU K 34 41.63 13.95 -20.23
CA LEU K 34 41.49 12.91 -19.21
C LEU K 34 41.22 13.52 -17.85
N SER K 35 41.79 14.71 -17.58
CA SER K 35 41.58 15.36 -16.30
C SER K 35 40.12 15.73 -16.11
N GLU K 36 39.44 16.12 -17.19
CA GLU K 36 38.02 16.46 -17.08
C GLU K 36 37.14 15.24 -16.97
N ARG K 37 37.62 14.07 -17.41
CA ARG K 37 36.86 12.84 -17.25
C ARG K 37 37.10 12.21 -15.89
N THR K 38 38.37 12.01 -15.52
CA THR K 38 38.69 11.37 -14.26
C THR K 38 38.24 12.21 -13.06
N GLY K 39 38.39 13.52 -13.15
CA GLY K 39 38.29 14.38 -12.00
C GLY K 39 39.62 14.60 -11.31
N PHE K 40 40.66 13.89 -11.72
CA PHE K 40 42.00 14.11 -11.22
C PHE K 40 42.57 15.39 -11.78
N SER K 41 43.41 16.05 -10.99
CA SER K 41 44.10 17.22 -11.49
C SER K 41 45.12 16.82 -12.56
N GLN K 42 45.47 17.77 -13.41
CA GLN K 42 46.44 17.51 -14.46
C GLN K 42 47.79 17.13 -13.88
N ASN K 43 48.10 17.60 -12.68
CA ASN K 43 49.35 17.25 -12.02
C ASN K 43 49.30 15.83 -11.45
N THR K 44 48.16 15.43 -10.88
CA THR K 44 48.03 14.08 -10.35
C THR K 44 48.17 13.03 -11.45
N ILE K 45 47.59 13.30 -12.61
CA ILE K 45 47.69 12.36 -13.73
C ILE K 45 49.15 12.23 -14.17
N SER K 46 49.88 13.34 -14.22
CA SER K 46 51.27 13.29 -14.61
C SER K 46 52.11 12.52 -13.59
N ASN K 47 51.83 12.72 -12.30
CA ASN K 47 52.56 12.00 -11.27
C ASN K 47 52.21 10.52 -11.26
N HIS K 48 50.99 10.17 -11.64
CA HIS K 48 50.61 8.77 -11.72
C HIS K 48 51.34 8.05 -12.87
N GLU K 49 51.38 8.68 -14.05
CA GLU K 49 51.93 8.01 -15.23
C GLU K 49 53.42 7.78 -15.12
N ASN K 50 54.15 8.68 -14.46
CA ASN K 50 55.60 8.53 -14.40
C ASN K 50 56.03 7.62 -13.25
N GLY K 51 55.28 7.60 -12.15
CA GLY K 51 55.57 6.68 -11.06
C GLY K 51 55.77 7.31 -9.70
N ASN K 52 55.58 8.62 -9.54
CA ASN K 52 55.80 9.25 -8.23
C ASN K 52 54.73 8.83 -7.24
N ARG K 53 53.47 8.87 -7.64
CA ARG K 53 52.35 8.47 -6.79
C ARG K 53 51.84 7.10 -7.23
N ASN K 54 51.64 6.21 -6.26
CA ASN K 54 51.17 4.87 -6.56
C ASN K 54 49.69 4.90 -6.96
N ILE K 55 49.31 3.97 -7.82
CA ILE K 55 47.96 3.89 -8.35
C ILE K 55 47.22 2.76 -7.65
N GLY K 56 46.18 3.11 -6.91
CA GLY K 56 45.34 2.13 -6.24
C GLY K 56 44.29 1.52 -7.15
N VAL K 57 43.60 0.52 -6.61
CA VAL K 57 42.60 -0.21 -7.40
C VAL K 57 41.42 0.71 -7.69
N ASN K 58 41.16 1.68 -6.83
CA ASN K 58 40.07 2.61 -7.05
C ASN K 58 40.41 3.69 -8.07
N GLU K 59 41.69 3.93 -8.33
CA GLU K 59 42.06 4.87 -9.37
C GLU K 59 41.98 4.22 -10.75
N ILE K 60 42.28 2.92 -10.82
CA ILE K 60 42.12 2.19 -12.07
C ILE K 60 40.67 2.17 -12.49
N GLU K 61 39.76 2.05 -11.52
CA GLU K 61 38.34 2.15 -11.83
C GLU K 61 38.00 3.52 -12.41
N ILE K 62 38.60 4.58 -11.85
CA ILE K 62 38.37 5.92 -12.38
C ILE K 62 39.02 6.08 -13.75
N TYR K 63 40.24 5.56 -13.90
CA TYR K 63 40.92 5.64 -15.19
C TYR K 63 40.21 4.80 -16.24
N GLY K 64 39.66 3.65 -15.85
CA GLY K 64 38.97 2.81 -16.81
C GLY K 64 37.76 3.50 -17.43
N LYS K 65 36.96 4.16 -16.61
CA LYS K 65 35.81 4.90 -17.15
C LYS K 65 36.26 6.12 -17.94
N GLY K 66 37.33 6.78 -17.47
CA GLY K 66 37.84 7.94 -18.20
C GLY K 66 38.42 7.58 -19.55
N LEU K 67 39.02 6.40 -19.67
CA LEU K 67 39.58 5.96 -20.93
C LEU K 67 38.57 5.27 -21.82
N GLY K 68 37.46 4.78 -21.27
CA GLY K 68 36.52 4.00 -22.04
C GLY K 68 36.86 2.53 -22.13
N ILE K 69 37.63 2.01 -21.18
CA ILE K 69 38.05 0.61 -21.17
C ILE K 69 37.61 -0.01 -19.84
N PRO K 70 37.07 -1.23 -19.85
CA PRO K 70 36.74 -1.89 -18.58
C PRO K 70 37.97 -2.00 -17.68
N SER K 71 37.78 -1.69 -16.40
CA SER K 71 38.91 -1.60 -15.47
C SER K 71 39.62 -2.93 -15.31
N TYR K 72 38.91 -4.04 -15.46
CA TYR K 72 39.52 -5.35 -15.26
C TYR K 72 40.54 -5.68 -16.34
N ILE K 73 40.42 -5.07 -17.52
CA ILE K 73 41.43 -5.29 -18.55
C ILE K 73 42.76 -4.67 -18.15
N LEU K 74 42.72 -3.56 -17.42
CA LEU K 74 43.96 -2.96 -16.93
C LEU K 74 44.63 -3.84 -15.88
N HIS K 75 43.83 -4.58 -15.09
CA HIS K 75 44.40 -5.53 -14.15
C HIS K 75 45.03 -6.71 -14.87
N ARG K 76 44.40 -7.19 -15.94
CA ARG K 76 44.93 -8.33 -16.68
C ARG K 76 46.21 -7.95 -17.41
N ILE K 77 46.29 -6.72 -17.91
CA ILE K 77 47.53 -6.27 -18.54
C ILE K 77 48.65 -6.18 -17.52
N SER K 78 48.35 -5.68 -16.32
CA SER K 78 49.37 -5.64 -15.27
C SER K 78 49.80 -7.05 -14.86
N ASP K 79 48.87 -8.01 -14.93
CA ASP K 79 49.24 -9.39 -14.64
C ASP K 79 50.16 -9.97 -15.71
N GLU K 80 50.01 -9.52 -16.96
CA GLU K 80 50.91 -9.96 -18.01
C GLU K 80 52.32 -9.47 -17.77
N PHE K 81 52.46 -8.25 -17.25
CA PHE K 81 53.76 -7.72 -16.88
C PHE K 81 54.40 -8.57 -15.78
N LYS K 82 53.62 -8.89 -14.74
CA LYS K 82 54.15 -9.71 -13.66
C LYS K 82 54.49 -11.11 -14.14
N GLU K 83 53.74 -11.63 -15.11
CA GLU K 83 53.91 -13.00 -15.57
C GLU K 83 54.95 -13.13 -16.67
N LYS K 84 55.09 -12.13 -17.54
CA LYS K 84 55.97 -12.23 -18.69
C LYS K 84 57.07 -11.19 -18.73
N GLY K 85 57.00 -10.15 -17.91
CA GLY K 85 57.91 -9.03 -18.04
C GLY K 85 57.50 -8.02 -19.09
N TYR K 86 56.56 -8.37 -19.95
CA TYR K 86 56.02 -7.47 -20.95
C TYR K 86 54.55 -7.83 -21.16
N SER K 87 53.84 -6.99 -21.87
CA SER K 87 52.41 -7.22 -22.14
C SER K 87 52.16 -7.32 -23.63
N PRO K 88 51.94 -8.51 -24.18
CA PRO K 88 51.57 -8.59 -25.61
C PRO K 88 50.25 -7.91 -25.91
N THR K 89 49.32 -7.90 -24.95
CA THR K 89 48.07 -7.19 -25.15
C THR K 89 48.30 -5.69 -25.26
N LEU K 90 49.15 -5.13 -24.40
CA LEU K 90 49.44 -3.70 -24.46
C LEU K 90 50.27 -3.36 -25.70
N ASN K 91 51.17 -4.25 -26.10
CA ASN K 91 51.96 -4.00 -27.30
C ASN K 91 51.09 -3.97 -28.55
N ASP K 92 50.04 -4.79 -28.58
CA ASP K 92 49.12 -4.80 -29.71
C ASP K 92 47.70 -4.49 -29.25
N PHE K 93 47.51 -3.33 -28.62
CA PHE K 93 46.20 -3.04 -28.05
C PHE K 93 45.16 -2.65 -29.11
N GLY K 94 45.57 -1.99 -30.19
CA GLY K 94 44.63 -1.69 -31.25
C GLY K 94 43.99 -2.94 -31.81
N LYS K 95 44.79 -3.99 -31.98
CA LYS K 95 44.27 -5.27 -32.45
C LYS K 95 43.41 -5.93 -31.38
N PHE K 96 43.73 -5.74 -30.10
CA PHE K 96 42.92 -6.27 -29.02
C PHE K 96 41.58 -5.55 -28.93
N ASP K 97 41.59 -4.22 -29.07
CA ASP K 97 40.36 -3.44 -29.04
C ASP K 97 39.40 -3.91 -30.14
N LYS K 98 39.91 -4.08 -31.36
CA LYS K 98 39.04 -4.49 -32.46
C LYS K 98 38.50 -5.90 -32.24
N MET K 99 39.31 -6.79 -31.67
CA MET K 99 38.86 -8.15 -31.45
C MET K 99 37.94 -8.26 -30.23
N TYR K 100 38.17 -7.44 -29.20
CA TYR K 100 37.29 -7.47 -28.04
C TYR K 100 35.89 -6.96 -28.36
N SER K 101 35.76 -6.05 -29.33
CA SER K 101 34.44 -5.60 -29.74
C SER K 101 33.63 -6.73 -30.33
N TYR K 102 34.28 -7.63 -31.05
CA TYR K 102 33.58 -8.77 -31.63
C TYR K 102 33.24 -9.81 -30.57
N VAL K 103 34.17 -10.07 -29.65
CA VAL K 103 33.91 -11.03 -28.59
C VAL K 103 32.83 -10.52 -27.66
N ASN K 104 32.83 -9.20 -27.41
CA ASN K 104 31.80 -8.61 -26.57
C ASN K 104 30.44 -8.65 -27.25
N LYS K 105 30.40 -8.37 -28.55
CA LYS K 105 29.15 -8.45 -29.29
C LYS K 105 28.61 -9.87 -29.33
N ALA K 106 29.50 -10.85 -29.49
CA ALA K 106 29.07 -12.24 -29.54
C ALA K 106 28.57 -12.73 -28.18
N TYR K 107 29.18 -12.23 -27.10
CA TYR K 107 28.78 -12.68 -25.77
C TYR K 107 27.35 -12.26 -25.45
N TYR K 108 26.96 -11.05 -25.85
CA TYR K 108 25.65 -10.49 -25.53
C TYR K 108 24.59 -10.78 -26.60
N ASN K 109 24.93 -11.51 -27.68
CA ASN K 109 23.98 -11.80 -28.74
C ASN K 109 23.76 -13.27 -29.03
N ASP K 110 24.67 -14.14 -28.62
CA ASP K 110 24.57 -15.54 -28.98
C ASP K 110 24.51 -16.37 -27.70
N GLY K 111 23.49 -17.22 -27.61
CA GLY K 111 23.36 -18.06 -26.43
C GLY K 111 24.46 -19.09 -26.36
N ASP K 112 25.00 -19.48 -27.52
CA ASP K 112 26.11 -20.42 -27.54
C ASP K 112 27.36 -19.82 -26.90
N ILE K 113 27.48 -18.49 -26.90
CA ILE K 113 28.59 -17.84 -26.24
C ILE K 113 28.23 -17.43 -24.81
N TYR K 114 27.01 -16.91 -24.63
CA TYR K 114 26.59 -16.44 -23.32
C TYR K 114 26.53 -17.58 -22.31
N TYR K 115 26.11 -18.76 -22.76
CA TYR K 115 25.98 -19.92 -21.88
C TYR K 115 27.20 -20.82 -21.91
N SER K 116 28.29 -20.37 -22.55
CA SER K 116 29.51 -21.16 -22.58
C SER K 116 30.77 -20.35 -22.34
N SER K 117 30.68 -19.03 -22.22
CA SER K 117 31.87 -18.21 -22.02
C SER K 117 32.38 -18.34 -20.60
N TYR K 118 33.69 -18.14 -20.44
CA TYR K 118 34.35 -18.18 -19.14
C TYR K 118 34.99 -16.85 -18.78
N ASP K 119 35.70 -16.24 -19.72
CA ASP K 119 36.37 -14.97 -19.48
C ASP K 119 36.57 -14.30 -20.83
N LEU K 120 35.96 -13.13 -21.01
CA LEU K 120 36.01 -12.46 -22.31
C LEU K 120 37.44 -12.06 -22.69
N TYR K 121 38.27 -11.75 -21.70
CA TYR K 121 39.65 -11.38 -21.98
C TYR K 121 40.46 -12.55 -22.51
N ASP K 122 40.43 -13.67 -21.79
CA ASP K 122 41.21 -14.84 -22.21
C ASP K 122 40.73 -15.36 -23.55
N GLU K 123 39.43 -15.35 -23.80
CA GLU K 123 38.91 -15.83 -25.06
C GLU K 123 39.27 -14.88 -26.20
N THR K 124 39.41 -13.59 -25.90
CA THR K 124 39.92 -12.66 -26.89
C THR K 124 41.38 -12.97 -27.24
N ILE K 125 42.16 -13.36 -26.23
CA ILE K 125 43.57 -13.68 -26.46
C ILE K 125 43.69 -14.94 -27.31
N LYS K 126 42.95 -15.99 -26.96
CA LYS K 126 43.03 -17.24 -27.72
C LYS K 126 42.61 -17.03 -29.17
N LEU K 127 41.55 -16.24 -29.39
CA LEU K 127 41.12 -15.95 -30.75
C LEU K 127 42.17 -15.14 -31.51
N LEU K 128 42.81 -14.21 -30.82
CA LEU K 128 43.91 -13.47 -31.45
C LEU K 128 45.09 -14.39 -31.74
N GLU K 129 45.36 -15.34 -30.84
CA GLU K 129 46.51 -16.22 -31.02
C GLU K 129 46.33 -17.17 -32.20
N LEU K 130 45.08 -17.59 -32.49
CA LEU K 130 44.87 -18.48 -33.63
C LEU K 130 44.82 -17.73 -34.95
N LEU K 131 44.47 -16.45 -34.93
CA LEU K 131 44.59 -15.65 -36.15
C LEU K 131 46.04 -15.33 -36.48
N LYS K 132 46.85 -15.03 -35.46
CA LYS K 132 48.27 -14.78 -35.69
C LYS K 132 48.99 -16.07 -36.04
N GLU K 133 48.58 -17.19 -35.42
CA GLU K 133 49.15 -18.49 -35.79
C GLU K 133 48.89 -18.79 -37.26
N SER K 134 47.70 -18.49 -37.76
CA SER K 134 47.35 -18.75 -39.15
C SER K 134 47.59 -17.55 -40.07
N LYS K 135 48.28 -16.52 -39.58
CA LYS K 135 48.59 -15.30 -40.35
C LYS K 135 47.35 -14.63 -40.95
N ILE K 136 46.44 -14.21 -40.08
CA ILE K 136 45.27 -13.46 -40.51
C ILE K 136 45.10 -12.19 -39.69
N ASN K 137 44.90 -11.07 -40.39
CA ASN K 137 44.72 -9.77 -39.77
C ASN K 137 43.25 -9.54 -39.52
N VAL K 138 42.93 -9.00 -38.34
CA VAL K 138 41.54 -8.69 -38.03
C VAL K 138 41.04 -7.55 -38.90
N ASN K 139 41.93 -6.62 -39.27
CA ASN K 139 41.55 -5.56 -40.21
C ASN K 139 40.88 -6.09 -41.47
N ASP K 140 41.10 -7.36 -41.81
CA ASP K 140 40.50 -7.99 -42.99
C ASP K 140 39.27 -8.84 -42.69
N ILE K 141 38.97 -9.12 -41.43
CA ILE K 141 37.91 -10.06 -41.08
C ILE K 141 36.61 -9.32 -40.78
N ASP K 142 35.52 -10.04 -40.95
CA ASP K 142 34.20 -9.56 -40.56
C ASP K 142 33.82 -10.18 -39.22
N TYR K 143 32.71 -9.69 -38.65
CA TYR K 143 32.28 -10.18 -37.35
C TYR K 143 31.82 -11.64 -37.42
N ASP K 144 31.11 -12.00 -38.49
CA ASP K 144 30.61 -13.36 -38.63
C ASP K 144 31.74 -14.38 -38.66
N TYR K 145 32.90 -14.00 -39.19
CA TYR K 145 34.05 -14.89 -39.20
C TYR K 145 34.53 -15.16 -37.79
N VAL K 146 34.53 -14.15 -36.93
CA VAL K 146 34.96 -14.32 -35.55
C VAL K 146 33.98 -15.20 -34.78
N LEU K 147 32.68 -15.06 -35.06
CA LEU K 147 31.68 -15.82 -34.32
C LEU K 147 31.83 -17.33 -34.51
N LYS K 148 32.18 -17.78 -35.72
CA LYS K 148 32.33 -19.21 -35.93
C LYS K 148 33.49 -19.79 -35.15
N LEU K 149 34.64 -19.10 -35.15
CA LEU K 149 35.78 -19.58 -34.40
C LEU K 149 35.56 -19.45 -32.89
N TYR K 150 34.81 -18.43 -32.47
CA TYR K 150 34.50 -18.29 -31.06
C TYR K 150 33.76 -19.52 -30.54
N LYS K 151 32.86 -20.07 -31.35
CA LYS K 151 32.14 -21.27 -30.96
C LYS K 151 33.02 -22.51 -31.00
N GLN K 152 34.13 -22.47 -31.74
CA GLN K 152 35.03 -23.63 -31.79
C GLN K 152 35.88 -23.75 -30.53
N ILE K 153 36.39 -22.63 -30.01
CA ILE K 153 37.19 -22.70 -28.80
C ILE K 153 36.33 -23.09 -27.61
N LEU K 154 35.04 -22.74 -27.64
CA LEU K 154 34.10 -23.08 -26.57
C LEU K 154 33.33 -24.36 -26.88
N SER K 155 33.97 -25.32 -27.53
CA SER K 155 33.34 -26.57 -27.95
C SER K 155 32.07 -26.32 -28.77
N PRO L 13 -4.48 -13.81 -36.22
CA PRO L 13 -5.35 -14.60 -37.07
C PRO L 13 -6.72 -14.01 -37.09
N THR L 14 -7.49 -14.35 -38.12
CA THR L 14 -8.82 -13.78 -38.27
C THR L 14 -9.78 -14.23 -37.19
N HIS L 15 -9.55 -15.40 -36.61
CA HIS L 15 -10.48 -15.98 -35.65
C HIS L 15 -10.44 -15.33 -34.28
N TYR L 16 -9.43 -14.51 -33.99
CA TYR L 16 -9.39 -13.83 -32.69
C TYR L 16 -10.53 -12.84 -32.59
N GLY L 17 -11.01 -12.33 -33.72
CA GLY L 17 -12.18 -11.48 -33.71
C GLY L 17 -13.40 -12.21 -33.19
N THR L 18 -13.55 -13.48 -33.61
CA THR L 18 -14.61 -14.31 -33.05
C THR L 18 -14.37 -14.57 -31.57
N ILE L 19 -13.10 -14.72 -31.19
CA ILE L 19 -12.76 -14.95 -29.79
C ILE L 19 -13.17 -13.76 -28.94
N ILE L 20 -12.80 -12.56 -29.36
CA ILE L 20 -13.05 -11.37 -28.57
C ILE L 20 -14.54 -11.03 -28.54
N LYS L 21 -15.19 -11.07 -29.71
CA LYS L 21 -16.61 -10.73 -29.77
C LYS L 21 -17.45 -11.69 -28.95
N THR L 22 -17.08 -12.97 -28.93
CA THR L 22 -17.82 -13.93 -28.10
C THR L 22 -17.59 -13.64 -26.62
N LEU L 23 -16.34 -13.38 -26.24
CA LEU L 23 -16.03 -13.12 -24.84
C LEU L 23 -16.49 -11.74 -24.41
N ARG L 24 -16.47 -10.76 -25.32
CA ARG L 24 -17.00 -9.44 -24.99
C ARG L 24 -18.49 -9.51 -24.72
N LYS L 25 -19.22 -10.27 -25.53
CA LYS L 25 -20.64 -10.47 -25.28
C LYS L 25 -20.88 -11.30 -24.03
N TYR L 26 -19.98 -12.24 -23.72
CA TYR L 26 -20.16 -13.06 -22.52
C TYR L 26 -20.07 -12.23 -21.24
N MET L 27 -19.20 -11.21 -21.21
CA MET L 27 -19.11 -10.31 -20.06
C MET L 27 -20.03 -9.11 -20.20
N LYS L 28 -20.97 -9.17 -21.16
CA LYS L 28 -22.10 -8.24 -21.28
C LYS L 28 -21.67 -6.77 -21.37
N LEU L 29 -20.67 -6.51 -22.21
CA LEU L 29 -20.21 -5.14 -22.46
C LEU L 29 -20.42 -4.79 -23.94
N THR L 30 -20.85 -3.56 -24.21
CA THR L 30 -20.94 -3.09 -25.58
C THR L 30 -19.55 -2.79 -26.12
N GLN L 31 -19.45 -2.68 -27.45
CA GLN L 31 -18.20 -2.28 -28.09
C GLN L 31 -17.69 -0.95 -27.56
N SER L 32 -18.60 -0.02 -27.22
CA SER L 32 -18.17 1.28 -26.73
C SER L 32 -17.62 1.21 -25.33
N LYS L 33 -18.30 0.48 -24.43
CA LYS L 33 -17.84 0.40 -23.05
C LYS L 33 -16.46 -0.23 -22.99
N LEU L 34 -16.24 -1.28 -23.79
CA LEU L 34 -14.89 -1.83 -23.94
C LEU L 34 -13.94 -0.85 -24.59
N SER L 35 -14.45 -0.04 -25.52
CA SER L 35 -13.58 0.86 -26.26
C SER L 35 -12.89 1.85 -25.34
N GLU L 36 -13.60 2.32 -24.30
CA GLU L 36 -12.99 3.22 -23.35
C GLU L 36 -12.05 2.49 -22.39
N ARG L 37 -12.21 1.17 -22.25
CA ARG L 37 -11.28 0.38 -21.45
C ARG L 37 -10.01 0.07 -22.23
N THR L 38 -10.17 -0.45 -23.45
CA THR L 38 -9.02 -0.78 -24.28
C THR L 38 -8.25 0.47 -24.69
N GLY L 39 -8.96 1.57 -24.96
CA GLY L 39 -8.39 2.70 -25.65
C GLY L 39 -8.55 2.64 -27.16
N PHE L 40 -9.06 1.53 -27.68
CA PHE L 40 -9.38 1.41 -29.09
C PHE L 40 -10.64 2.20 -29.41
N SER L 41 -10.69 2.72 -30.64
CA SER L 41 -11.90 3.39 -31.11
C SER L 41 -13.03 2.39 -31.28
N GLN L 42 -14.26 2.90 -31.28
CA GLN L 42 -15.42 2.04 -31.46
C GLN L 42 -15.39 1.33 -32.81
N ASN L 43 -14.74 1.93 -33.81
CA ASN L 43 -14.60 1.29 -35.12
C ASN L 43 -13.51 0.22 -35.10
N THR L 44 -12.38 0.50 -34.44
CA THR L 44 -11.27 -0.45 -34.45
C THR L 44 -11.66 -1.80 -33.85
N ILE L 45 -12.43 -1.80 -32.76
CA ILE L 45 -12.86 -3.06 -32.17
C ILE L 45 -13.75 -3.83 -33.14
N SER L 46 -14.63 -3.12 -33.85
CA SER L 46 -15.53 -3.78 -34.78
C SER L 46 -14.78 -4.43 -35.94
N ASN L 47 -13.74 -3.75 -36.44
CA ASN L 47 -12.94 -4.33 -37.53
C ASN L 47 -12.17 -5.55 -37.07
N HIS L 48 -11.79 -5.60 -35.80
CA HIS L 48 -11.17 -6.80 -35.27
C HIS L 48 -12.17 -7.95 -35.23
N GLU L 49 -13.38 -7.68 -34.75
CA GLU L 49 -14.39 -8.73 -34.61
C GLU L 49 -14.87 -9.23 -35.97
N ASN L 50 -14.85 -8.38 -37.01
CA ASN L 50 -15.41 -8.81 -38.28
C ASN L 50 -14.42 -9.61 -39.12
N GLY L 51 -13.15 -9.23 -39.09
CA GLY L 51 -12.14 -9.97 -39.82
C GLY L 51 -11.41 -9.18 -40.89
N ASN L 52 -11.67 -7.87 -41.03
CA ASN L 52 -11.00 -7.11 -42.09
C ASN L 52 -9.53 -6.89 -41.78
N ARG L 53 -9.22 -6.37 -40.60
CA ARG L 53 -7.84 -6.19 -40.17
C ARG L 53 -7.55 -7.25 -39.12
N ASN L 54 -6.48 -8.04 -39.26
CA ASN L 54 -6.48 -9.07 -38.22
C ASN L 54 -5.77 -8.52 -37.00
N ILE L 55 -5.83 -9.28 -35.92
CA ILE L 55 -5.46 -8.81 -34.59
C ILE L 55 -4.03 -9.22 -34.24
N GLY L 56 -3.19 -8.22 -33.92
CA GLY L 56 -1.82 -8.45 -33.52
C GLY L 56 -1.66 -8.93 -32.08
N VAL L 57 -0.43 -9.33 -31.76
CA VAL L 57 -0.16 -9.97 -30.46
C VAL L 57 -0.29 -8.99 -29.31
N ASN L 58 -0.05 -7.69 -29.55
CA ASN L 58 -0.19 -6.71 -28.49
C ASN L 58 -1.64 -6.28 -28.25
N GLU L 59 -2.53 -6.54 -29.21
CA GLU L 59 -3.94 -6.19 -29.00
C GLU L 59 -4.65 -7.22 -28.14
N ILE L 60 -4.25 -8.49 -28.25
CA ILE L 60 -4.84 -9.52 -27.41
C ILE L 60 -4.52 -9.26 -25.94
N GLU L 61 -3.31 -8.75 -25.67
CA GLU L 61 -2.97 -8.35 -24.30
C GLU L 61 -3.87 -7.21 -23.83
N ILE L 62 -4.15 -6.25 -24.70
CA ILE L 62 -5.02 -5.14 -24.33
C ILE L 62 -6.46 -5.62 -24.19
N TYR L 63 -6.90 -6.51 -25.08
CA TYR L 63 -8.25 -7.04 -24.98
C TYR L 63 -8.42 -7.88 -23.72
N GLY L 64 -7.38 -8.61 -23.33
CA GLY L 64 -7.46 -9.39 -22.10
C GLY L 64 -7.64 -8.52 -20.88
N LYS L 65 -6.93 -7.39 -20.81
CA LYS L 65 -7.10 -6.47 -19.70
C LYS L 65 -8.45 -5.77 -19.76
N GLY L 66 -8.94 -5.45 -20.96
CA GLY L 66 -10.22 -4.79 -21.09
C GLY L 66 -11.40 -5.65 -20.70
N LEU L 67 -11.32 -6.96 -20.95
CA LEU L 67 -12.37 -7.90 -20.59
C LEU L 67 -12.22 -8.47 -19.18
N GLY L 68 -11.02 -8.41 -18.61
CA GLY L 68 -10.79 -9.01 -17.33
C GLY L 68 -10.45 -10.48 -17.36
N ILE L 69 -9.91 -10.96 -18.47
CA ILE L 69 -9.55 -12.38 -18.61
C ILE L 69 -8.07 -12.45 -18.96
N PRO L 70 -7.30 -13.37 -18.35
CA PRO L 70 -5.88 -13.49 -18.71
C PRO L 70 -5.68 -13.73 -20.19
N SER L 71 -4.72 -13.00 -20.78
CA SER L 71 -4.51 -13.05 -22.22
C SER L 71 -4.06 -14.42 -22.69
N TYR L 72 -3.38 -15.18 -21.83
CA TYR L 72 -2.85 -16.48 -22.25
C TYR L 72 -3.94 -17.51 -22.49
N ILE L 73 -5.11 -17.38 -21.86
CA ILE L 73 -6.20 -18.30 -22.16
C ILE L 73 -6.75 -18.03 -23.56
N LEU L 74 -6.68 -16.79 -24.03
CA LEU L 74 -7.14 -16.50 -25.38
C LEU L 74 -6.26 -17.20 -26.42
N HIS L 75 -4.97 -17.37 -26.11
CA HIS L 75 -4.11 -18.18 -26.96
C HIS L 75 -4.47 -19.66 -26.85
N ARG L 76 -4.78 -20.12 -25.63
CA ARG L 76 -5.12 -21.53 -25.44
C ARG L 76 -6.43 -21.89 -26.12
N ILE L 77 -7.40 -20.97 -26.11
CA ILE L 77 -8.64 -21.21 -26.84
C ILE L 77 -8.38 -21.25 -28.34
N SER L 78 -7.49 -20.37 -28.81
CA SER L 78 -7.13 -20.39 -30.22
C SER L 78 -6.46 -21.71 -30.60
N ASP L 79 -5.74 -22.32 -29.66
CA ASP L 79 -5.15 -23.63 -29.93
C ASP L 79 -6.22 -24.70 -30.11
N GLU L 80 -7.35 -24.57 -29.42
CA GLU L 80 -8.47 -25.47 -29.63
C GLU L 80 -9.07 -25.30 -31.01
N PHE L 81 -9.07 -24.06 -31.53
CA PHE L 81 -9.52 -23.83 -32.90
C PHE L 81 -8.64 -24.58 -33.89
N LYS L 82 -7.32 -24.51 -33.72
CA LYS L 82 -6.41 -25.18 -34.63
C LYS L 82 -6.52 -26.70 -34.54
N GLU L 83 -6.86 -27.23 -33.38
CA GLU L 83 -6.89 -28.68 -33.19
C GLU L 83 -8.23 -29.29 -33.59
N LYS L 84 -9.34 -28.58 -33.38
CA LYS L 84 -10.66 -29.14 -33.59
C LYS L 84 -11.51 -28.39 -34.60
N GLY L 85 -11.09 -27.20 -35.05
CA GLY L 85 -11.93 -26.35 -35.87
C GLY L 85 -12.89 -25.51 -35.07
N TYR L 86 -13.10 -25.82 -33.80
CA TYR L 86 -13.93 -25.04 -32.91
C TYR L 86 -13.35 -25.19 -31.51
N SER L 87 -13.85 -24.40 -30.58
CA SER L 87 -13.39 -24.44 -29.19
C SER L 87 -14.53 -24.83 -28.27
N PRO L 88 -14.54 -26.05 -27.72
CA PRO L 88 -15.58 -26.38 -26.74
C PRO L 88 -15.50 -25.50 -25.50
N THR L 89 -14.30 -25.03 -25.15
CA THR L 89 -14.16 -24.12 -24.02
C THR L 89 -14.85 -22.79 -24.30
N LEU L 90 -14.67 -22.23 -25.50
CA LEU L 90 -15.35 -20.98 -25.83
C LEU L 90 -16.85 -21.19 -25.98
N ASN L 91 -17.25 -22.34 -26.53
CA ASN L 91 -18.67 -22.65 -26.65
C ASN L 91 -19.30 -22.87 -25.27
N ASP L 92 -18.53 -23.40 -24.32
CA ASP L 92 -19.01 -23.63 -22.97
C ASP L 92 -18.16 -22.83 -21.99
N PHE L 93 -18.10 -21.52 -22.17
CA PHE L 93 -17.24 -20.69 -21.34
C PHE L 93 -17.78 -20.48 -19.94
N GLY L 94 -19.10 -20.46 -19.77
CA GLY L 94 -19.66 -20.29 -18.44
C GLY L 94 -19.21 -21.37 -17.47
N LYS L 95 -19.19 -22.62 -17.93
CA LYS L 95 -18.67 -23.70 -17.09
C LYS L 95 -17.16 -23.62 -16.95
N PHE L 96 -16.46 -23.17 -17.98
CA PHE L 96 -15.02 -22.99 -17.86
C PHE L 96 -14.68 -21.85 -16.91
N ASP L 97 -15.39 -20.72 -17.05
CA ASP L 97 -15.19 -19.60 -16.14
C ASP L 97 -15.42 -20.02 -14.70
N LYS L 98 -16.51 -20.77 -14.46
CA LYS L 98 -16.83 -21.20 -13.11
C LYS L 98 -15.78 -22.16 -12.58
N MET L 99 -15.26 -23.04 -13.44
CA MET L 99 -14.26 -24.00 -12.99
C MET L 99 -12.88 -23.37 -12.84
N TYR L 100 -12.52 -22.41 -13.69
CA TYR L 100 -11.23 -21.75 -13.55
C TYR L 100 -11.15 -20.94 -12.26
N SER L 101 -12.28 -20.44 -11.77
CA SER L 101 -12.28 -19.76 -10.49
C SER L 101 -11.90 -20.72 -9.36
N TYR L 102 -12.32 -21.98 -9.46
CA TYR L 102 -12.01 -22.96 -8.44
C TYR L 102 -10.55 -23.39 -8.50
N VAL L 103 -10.02 -23.62 -9.71
CA VAL L 103 -8.63 -24.05 -9.82
C VAL L 103 -7.69 -22.92 -9.40
N ASN L 104 -8.05 -21.67 -9.68
CA ASN L 104 -7.22 -20.56 -9.24
C ASN L 104 -7.28 -20.39 -7.73
N LYS L 105 -8.47 -20.54 -7.15
CA LYS L 105 -8.61 -20.47 -5.70
C LYS L 105 -7.86 -21.61 -5.01
N ALA L 106 -7.92 -22.81 -5.58
CA ALA L 106 -7.23 -23.94 -4.97
C ALA L 106 -5.72 -23.83 -5.13
N TYR L 107 -5.25 -23.28 -6.24
CA TYR L 107 -3.82 -23.18 -6.49
C TYR L 107 -3.15 -22.23 -5.50
N TYR L 108 -3.80 -21.12 -5.17
CA TYR L 108 -3.23 -20.11 -4.30
C TYR L 108 -3.58 -20.30 -2.83
N ASN L 109 -4.34 -21.34 -2.49
CA ASN L 109 -4.74 -21.58 -1.10
C ASN L 109 -4.36 -22.95 -0.57
N ASP L 110 -4.03 -23.91 -1.43
CA ASP L 110 -3.68 -25.25 -1.02
C ASP L 110 -2.27 -25.58 -1.49
N GLY L 111 -1.41 -26.02 -0.57
CA GLY L 111 -0.05 -26.35 -0.93
C GLY L 111 0.07 -27.58 -1.80
N ASP L 112 -0.88 -28.52 -1.67
CA ASP L 112 -0.86 -29.71 -2.50
C ASP L 112 -1.08 -29.41 -3.98
N ILE L 113 -1.71 -28.29 -4.29
CA ILE L 113 -1.89 -27.86 -5.68
C ILE L 113 -0.75 -26.94 -6.11
N TYR L 114 -0.32 -26.05 -5.21
CA TYR L 114 0.71 -25.07 -5.54
C TYR L 114 2.02 -25.77 -5.88
N TYR L 115 2.34 -26.85 -5.17
CA TYR L 115 3.57 -27.59 -5.39
C TYR L 115 3.37 -28.77 -6.32
N SER L 116 2.23 -28.85 -7.01
CA SER L 116 1.99 -29.92 -7.96
C SER L 116 1.37 -29.48 -9.28
N SER L 117 0.98 -28.22 -9.43
CA SER L 117 0.36 -27.76 -10.65
C SER L 117 1.40 -27.57 -11.75
N TYR L 118 0.94 -27.71 -13.00
CA TYR L 118 1.76 -27.47 -14.18
C TYR L 118 1.21 -26.37 -15.05
N ASP L 119 -0.09 -26.39 -15.33
CA ASP L 119 -0.73 -25.41 -16.18
C ASP L 119 -2.19 -25.38 -15.75
N LEU L 120 -2.62 -24.25 -15.19
CA LEU L 120 -3.96 -24.18 -14.62
C LEU L 120 -5.03 -24.32 -15.69
N TYR L 121 -4.73 -23.93 -16.93
CA TYR L 121 -5.69 -24.07 -18.01
C TYR L 121 -5.90 -25.54 -18.35
N ASP L 122 -4.81 -26.29 -18.56
CA ASP L 122 -4.93 -27.70 -18.94
C ASP L 122 -5.64 -28.50 -17.85
N GLU L 123 -5.33 -28.23 -16.59
CA GLU L 123 -5.97 -28.97 -15.50
C GLU L 123 -7.42 -28.55 -15.32
N THR L 124 -7.77 -27.32 -15.70
CA THR L 124 -9.17 -26.92 -15.69
C THR L 124 -9.96 -27.73 -16.70
N ILE L 125 -9.35 -28.01 -17.86
CA ILE L 125 -10.01 -28.81 -18.88
C ILE L 125 -10.21 -30.24 -18.40
N LYS L 126 -9.16 -30.83 -17.82
CA LYS L 126 -9.25 -32.21 -17.34
C LYS L 126 -10.32 -32.35 -16.27
N LEU L 127 -10.45 -31.35 -15.40
CA LEU L 127 -11.49 -31.37 -14.38
C LEU L 127 -12.86 -31.38 -15.03
N LEU L 128 -13.01 -30.66 -16.15
CA LEU L 128 -14.26 -30.70 -16.90
C LEU L 128 -14.51 -32.09 -17.49
N GLU L 129 -13.45 -32.75 -17.96
CA GLU L 129 -13.62 -34.05 -18.60
C GLU L 129 -14.08 -35.12 -17.62
N LEU L 130 -13.69 -35.03 -16.35
CA LEU L 130 -14.16 -36.03 -15.38
C LEU L 130 -15.57 -35.69 -14.92
N LEU L 131 -15.95 -34.42 -14.95
CA LEU L 131 -17.33 -34.07 -14.67
C LEU L 131 -18.24 -34.52 -15.80
N LYS L 132 -17.75 -34.40 -17.04
CA LYS L 132 -18.48 -34.90 -18.20
C LYS L 132 -18.49 -36.42 -18.23
N GLU L 133 -17.38 -37.05 -17.78
CA GLU L 133 -17.32 -38.51 -17.74
C GLU L 133 -18.42 -39.09 -16.86
N SER L 134 -18.66 -38.49 -15.69
CA SER L 134 -19.70 -38.94 -14.79
C SER L 134 -21.03 -38.21 -14.96
N LYS L 135 -21.17 -37.40 -16.01
CA LYS L 135 -22.34 -36.54 -16.20
C LYS L 135 -22.66 -35.75 -14.93
N ILE L 136 -21.74 -34.84 -14.60
CA ILE L 136 -21.89 -33.94 -13.47
C ILE L 136 -21.80 -32.51 -13.97
N ASN L 137 -22.73 -31.66 -13.51
CA ASN L 137 -22.77 -30.27 -13.91
C ASN L 137 -21.93 -29.41 -12.96
N VAL L 138 -21.19 -28.46 -13.56
CA VAL L 138 -20.36 -27.55 -12.78
C VAL L 138 -21.15 -26.56 -11.95
N ASN L 139 -22.45 -26.46 -12.17
CA ASN L 139 -23.31 -25.60 -11.37
C ASN L 139 -23.97 -26.35 -10.22
N ASP L 140 -23.88 -27.68 -10.21
CA ASP L 140 -24.42 -28.49 -9.13
C ASP L 140 -23.43 -28.70 -7.99
N ILE L 141 -22.16 -28.37 -8.19
CA ILE L 141 -21.10 -28.63 -7.22
C ILE L 141 -20.48 -27.32 -6.74
N ASP L 142 -19.94 -27.35 -5.53
CA ASP L 142 -19.19 -26.23 -4.94
C ASP L 142 -17.68 -26.49 -5.03
N TYR L 143 -16.92 -25.50 -4.55
CA TYR L 143 -15.46 -25.54 -4.59
C TYR L 143 -14.90 -26.66 -3.73
N ASP L 144 -15.50 -26.93 -2.57
CA ASP L 144 -14.97 -27.94 -1.68
C ASP L 144 -14.92 -29.31 -2.34
N TYR L 145 -15.86 -29.60 -3.23
CA TYR L 145 -15.85 -30.88 -3.93
C TYR L 145 -14.69 -30.98 -4.92
N VAL L 146 -14.40 -29.90 -5.65
CA VAL L 146 -13.31 -29.95 -6.63
C VAL L 146 -11.96 -30.08 -5.94
N LEU L 147 -11.81 -29.51 -4.74
CA LEU L 147 -10.55 -29.67 -4.02
C LEU L 147 -10.25 -31.14 -3.78
N LYS L 148 -11.28 -31.95 -3.55
CA LYS L 148 -11.08 -33.39 -3.45
C LYS L 148 -10.58 -33.95 -4.78
N LEU L 149 -11.20 -33.51 -5.89
CA LEU L 149 -10.83 -33.99 -7.21
C LEU L 149 -9.50 -33.44 -7.68
N TYR L 150 -9.16 -32.21 -7.27
CA TYR L 150 -7.89 -31.64 -7.68
C TYR L 150 -6.72 -32.47 -7.18
N LYS L 151 -6.83 -33.04 -5.97
CA LYS L 151 -5.74 -33.82 -5.43
C LYS L 151 -5.60 -35.21 -6.07
N GLN L 152 -6.67 -35.77 -6.64
CA GLN L 152 -6.50 -37.05 -7.33
C GLN L 152 -5.85 -36.89 -8.69
N ILE L 153 -6.23 -35.86 -9.44
CA ILE L 153 -5.66 -35.68 -10.77
C ILE L 153 -4.17 -35.36 -10.69
N LEU L 154 -3.73 -34.70 -9.61
CA LEU L 154 -2.33 -34.35 -9.43
C LEU L 154 -1.58 -35.36 -8.57
N SER L 155 -1.92 -36.64 -8.70
CA SER L 155 -1.29 -37.68 -7.87
C SER L 155 -0.02 -38.22 -8.52
S SO4 M . -11.73 17.51 32.56
O1 SO4 M . -12.57 17.41 31.37
O2 SO4 M . -12.58 17.47 33.75
O3 SO4 M . -10.79 16.40 32.59
O4 SO4 M . -10.99 18.77 32.54
CA CA N . -21.55 23.58 5.83
S SO4 O . -11.40 -0.40 5.75
O1 SO4 O . -11.63 -0.90 4.40
O2 SO4 O . -12.69 -0.13 6.39
O3 SO4 O . -10.68 -1.41 6.53
O4 SO4 O . -10.62 0.83 5.70
S SO4 P . 0.09 22.88 -13.64
O1 SO4 P . -1.14 22.10 -13.76
O2 SO4 P . 0.30 23.62 -14.88
O3 SO4 P . 1.22 21.97 -13.42
O4 SO4 P . -0.03 23.81 -12.53
S SO4 Q . 18.55 6.04 -1.03
O1 SO4 Q . 18.32 6.04 -2.46
O2 SO4 Q . 17.42 6.67 -0.34
O3 SO4 Q . 18.67 4.66 -0.56
O4 SO4 Q . 19.78 6.76 -0.71
S SO4 R . 11.97 1.04 -4.54
O1 SO4 R . 12.49 0.47 -5.78
O2 SO4 R . 10.53 0.82 -4.47
O3 SO4 R . 12.62 0.40 -3.40
O4 SO4 R . 12.25 2.47 -4.51
S SO4 S . 43.29 -7.71 -8.37
O1 SO4 S . 44.24 -7.62 -9.47
O2 SO4 S . 42.05 -8.30 -8.86
O3 SO4 S . 43.85 -8.56 -7.31
O4 SO4 S . 43.03 -6.38 -7.84
S SO4 T . 39.51 -17.06 6.43
O1 SO4 T . 39.09 -17.60 5.14
O2 SO4 T . 38.42 -17.19 7.38
O3 SO4 T . 40.67 -17.79 6.91
O4 SO4 T . 39.85 -15.65 6.26
CA CA U . 20.28 -24.22 -6.99
S SO4 V . 2.24 -21.84 32.18
O1 SO4 V . 1.59 -22.53 33.29
O2 SO4 V . 1.28 -21.62 31.11
O3 SO4 V . 3.34 -22.66 31.69
O4 SO4 V . 2.76 -20.56 32.65
S SO4 W . 54.21 0.16 -9.81
O1 SO4 W . 53.19 0.97 -10.46
O2 SO4 W . 53.57 -0.86 -8.98
O3 SO4 W . 55.04 1.02 -8.97
O4 SO4 W . 55.04 -0.49 -10.83
#